data_2X2Q
# 
_entry.id   2X2Q 
# 
_audit_conform.dict_name       mmcif_pdbx.dic 
_audit_conform.dict_version    5.383 
_audit_conform.dict_location   http://mmcif.pdb.org/dictionaries/ascii/mmcif_pdbx.dic 
# 
loop_
_database_2.database_id 
_database_2.database_code 
_database_2.pdbx_database_accession 
_database_2.pdbx_DOI 
PDB   2X2Q         pdb_00002x2q 10.2210/pdb2x2q/pdb 
PDBE  EBI-41998    ?            ?                   
WWPDB D_1290041998 ?            ?                   
# 
_pdbx_database_status.status_code                     REL 
_pdbx_database_status.entry_id                        2X2Q 
_pdbx_database_status.deposit_site                    PDBE 
_pdbx_database_status.process_site                    PDBE 
_pdbx_database_status.SG_entry                        . 
_pdbx_database_status.recvd_initial_deposition_date   2010-01-15 
_pdbx_database_status.pdb_format_compatible           Y 
_pdbx_database_status.status_code_sf                  REL 
_pdbx_database_status.status_code_mr                  ? 
_pdbx_database_status.status_code_cs                  ? 
_pdbx_database_status.methods_development_category    ? 
_pdbx_database_status.status_code_nmr_data            ? 
# 
loop_
_audit_author.name 
_audit_author.pdbx_ordinal 
'Eichert, A.'   1 
'Behling, K.'   2 
'Fuerste, J.P.' 3 
'Betzel, C.'    4 
'Erdmann, V.A.' 5 
'Foerster, C.'  6 
# 
_citation.id                        primary 
_citation.title                     
;The Crystal Structure of an 'All Locked' Nucleic Acid Duplex.
;
_citation.journal_abbrev            'Nucleic Acids Res.' 
_citation.journal_volume            38 
_citation.page_first                6729 
_citation.page_last                 ? 
_citation.year                      2010 
_citation.journal_id_ASTM           NARHAD 
_citation.country                   UK 
_citation.journal_id_ISSN           0305-1048 
_citation.journal_id_CSD            0389 
_citation.book_publisher            ? 
_citation.pdbx_database_id_PubMed   20530536 
_citation.pdbx_database_id_DOI      10.1093/NAR/GKQ505 
# 
loop_
_citation_author.citation_id 
_citation_author.name 
_citation_author.ordinal 
_citation_author.identifier_ORCID 
primary 'Eichert, A.'   1 ? 
primary 'Behling, K.'   2 ? 
primary 'Betzel, C.'    3 ? 
primary 'Erdmann, V.A.' 4 ? 
primary 'Furste, J.P.'  5 ? 
primary 'Forster, C.'   6 ? 
# 
_cell.entry_id           2X2Q 
_cell.length_a           77.913 
_cell.length_b           40.737 
_cell.length_c           30.059 
_cell.angle_alpha        90.00 
_cell.angle_beta         91.02 
_cell.angle_gamma        90.00 
_cell.Z_PDB              8 
_cell.pdbx_unique_axis   ? 
# 
_symmetry.entry_id                         2X2Q 
_symmetry.space_group_name_H-M             'C 1 2 1' 
_symmetry.pdbx_full_space_group_name_H-M   ? 
_symmetry.cell_setting                     ? 
_symmetry.Int_Tables_number                5 
# 
loop_
_entity.id 
_entity.type 
_entity.src_method 
_entity.pdbx_description 
_entity.formula_weight 
_entity.pdbx_number_of_molecules 
_entity.pdbx_ec 
_entity.pdbx_mutation 
_entity.pdbx_fragment 
_entity.details 
1 polymer     syn 'LOCKED NUCLEIC ACID DERIVED FROM TRNA SER ACCEPTOR STEM MICROHELIX' 2284.557 2   ? ? ? ? 
2 polymer     syn 'LOCKED NUCLEIC ACID DERIVED FROM TRNA SER ACCEPTOR STEM MICROHELIX' 2414.542 2   ? ? ? ? 
3 non-polymer syn 'COBALT HEXAMMINE(III)'                                              161.116  1   ? ? ? ? 
4 non-polymer syn 'MAGNESIUM ION'                                                      24.305   1   ? ? ? ? 
5 non-polymer syn 'CACODYLATE ION'                                                     136.989  1   ? ? ? ? 
6 water       nat water                                                                18.015   100 ? ? ? ? 
# 
loop_
_entity_poly.entity_id 
_entity_poly.type 
_entity_poly.nstd_linkage 
_entity_poly.nstd_monomer 
_entity_poly.pdbx_seq_one_letter_code 
_entity_poly.pdbx_seq_one_letter_code_can 
_entity_poly.pdbx_strand_id 
_entity_poly.pdbx_target_identifier 
1 polyribonucleotide no yes '(LCC)(LCC)(TLN)(LCC)(LCA)(LCC)(LCC)' NNUNANN A,C ? 
2 polyribonucleotide no yes '(LCG)(LCG)(TLN)(LCG)(LCA)(LCG)(LCG)' GGUGAGG B,D ? 
# 
loop_
_entity_poly_seq.entity_id 
_entity_poly_seq.num 
_entity_poly_seq.mon_id 
_entity_poly_seq.hetero 
1 1 LCC n 
1 2 LCC n 
1 3 TLN n 
1 4 LCC n 
1 5 LCA n 
1 6 LCC n 
1 7 LCC n 
2 1 LCG n 
2 2 LCG n 
2 3 TLN n 
2 4 LCG n 
2 5 LCA n 
2 6 LCG n 
2 7 LCG n 
# 
loop_
_pdbx_entity_src_syn.entity_id 
_pdbx_entity_src_syn.pdbx_src_id 
_pdbx_entity_src_syn.pdbx_alt_source_flag 
_pdbx_entity_src_syn.pdbx_beg_seq_num 
_pdbx_entity_src_syn.pdbx_end_seq_num 
_pdbx_entity_src_syn.organism_scientific 
_pdbx_entity_src_syn.organism_common_name 
_pdbx_entity_src_syn.ncbi_taxonomy_id 
_pdbx_entity_src_syn.details 
1 1 sample ? ? 'SYNTHETIC CONSTRUCT' ? 32630 ? 
2 1 sample ? ? 'SYNTHETIC CONSTRUCT' ? 32630 ? 
# 
loop_
_struct_ref.id 
_struct_ref.db_name 
_struct_ref.db_code 
_struct_ref.entity_id 
_struct_ref.pdbx_seq_one_letter_code 
_struct_ref.pdbx_align_begin 
_struct_ref.pdbx_db_accession 
_struct_ref.pdbx_db_isoform 
1 PDB 2X2Q 1 ? ? 2X2Q ? 
2 PDB 2X2Q 2 ? ? 2X2Q ? 
# 
loop_
_struct_ref_seq.align_id 
_struct_ref_seq.ref_id 
_struct_ref_seq.pdbx_PDB_id_code 
_struct_ref_seq.pdbx_strand_id 
_struct_ref_seq.seq_align_beg 
_struct_ref_seq.pdbx_seq_align_beg_ins_code 
_struct_ref_seq.seq_align_end 
_struct_ref_seq.pdbx_seq_align_end_ins_code 
_struct_ref_seq.pdbx_db_accession 
_struct_ref_seq.db_align_beg 
_struct_ref_seq.pdbx_db_align_beg_ins_code 
_struct_ref_seq.db_align_end 
_struct_ref_seq.pdbx_db_align_end_ins_code 
_struct_ref_seq.pdbx_auth_seq_align_beg 
_struct_ref_seq.pdbx_auth_seq_align_end 
1 1 2X2Q A 1 ? 7 ? 2X2Q 66 ? 72 ? 66 72 
2 2 2X2Q B 1 ? 7 ? 2X2Q 1  ? 7  ? 1  7  
3 1 2X2Q C 1 ? 7 ? 2X2Q 66 ? 72 ? 66 72 
4 2 2X2Q D 1 ? 7 ? 2X2Q 1  ? 7  ? 1  7  
# 
loop_
_chem_comp.id 
_chem_comp.type 
_chem_comp.mon_nstd_flag 
_chem_comp.name 
_chem_comp.pdbx_synonyms 
_chem_comp.formula 
_chem_comp.formula_weight 
CAC non-polymer   . 'CACODYLATE ION' dimethylarsinate 'C2 H6 As O2 -1'  136.989 
HOH non-polymer   . WATER ?                'H2 O'            18.015  
LCA 'RNA linking' n '[(1R,3R,4R,7S)-7-HYDROXY-3-(ADENIN-9-YL)-2,5-DIOXABICYCLO[2.2.1]HEPT-1-YL]METHYL DIHYDROGEN PHOSPHATE' ? 
'C11 H14 N5 O7 P' 359.232 
LCC 'RNA linking' . 
'[(1R,3R,4R,7S)-7-HYDROXY-3-(5-METHYLCYTOSIN-1-YL)-2,5-DIOXABICYCLO[2.2.1]HEPT-1-YL]METHYL DIHYDROGEN PHOSPHATE' ?                
'C11 H16 N3 O8 P' 349.234 
LCG 'RNA linking' n '[(1R,3R,4R,7S)-7-HYDROXY-3-(GUANIN-9-YL)-2,5-DIOXABICYCLO[2.2.1]HEPT-1-YL]METHYL DIHYDROGEN PHOSPHATE' ? 
'C11 H14 N5 O8 P' 375.231 
MG  non-polymer   . 'MAGNESIUM ION' ?                'Mg 2'            24.305  
NCO non-polymer   . 'COBALT HEXAMMINE(III)' ?                'Co H18 N6 3'     161.116 
TLN 'RNA linking' n '[(1R,3R,4R,7S)-7-HYDROXY-3-(THYMIN-1-YL)-2,5-DIOXABICYCLO[2.2.1]HEPT-1-YL]METHYL DIHYDROGEN PHOSPHATE' ? 
'C11 H15 N2 O9 P' 350.219 
# 
_exptl.entry_id          2X2Q 
_exptl.method            'X-RAY DIFFRACTION' 
_exptl.crystals_number   1 
# 
_exptl_crystal.id                    1 
_exptl_crystal.density_meas          ? 
_exptl_crystal.density_Matthews      2.48 
_exptl_crystal.density_percent_sol   66.5 
_exptl_crystal.description           NONE 
# 
_exptl_crystal_grow.crystal_id      1 
_exptl_crystal_grow.method          ? 
_exptl_crystal_grow.temp            ? 
_exptl_crystal_grow.temp_details    ? 
_exptl_crystal_grow.pH              5.5 
_exptl_crystal_grow.pdbx_pH_range   ? 
_exptl_crystal_grow.pdbx_details    
;40 MM SODIUM CACODYLATE (PH 5.5), 20 MM COBALT HEXAMMINE, 80 MM SODIUM CHLORIDE, 20 MM MAGNESIUM CHLORIDE, 10% (V/V) MPD EQILIBRATED AGAINST 35% (V/V) MPD (PH 7.4)
;
# 
_diffrn.id                     1 
_diffrn.ambient_temp           100 
_diffrn.ambient_temp_details   ? 
_diffrn.crystal_id             1 
# 
_diffrn_detector.diffrn_id              1 
_diffrn_detector.detector               CCD 
_diffrn_detector.type                   MARRESEARCH 
_diffrn_detector.pdbx_collection_date   2009-05-08 
_diffrn_detector.details                'MIRRORS, COLLIMATING AND FOCUSING, PT-COATED' 
# 
_diffrn_radiation.diffrn_id                        1 
_diffrn_radiation.wavelength_id                    1 
_diffrn_radiation.pdbx_monochromatic_or_laue_m_l   M 
_diffrn_radiation.monochromator                    'DOUBLE CRYSTAL SI111 OR WHITE BEAM' 
_diffrn_radiation.pdbx_diffrn_protocol             'SINGLE WAVELENGTH' 
_diffrn_radiation.pdbx_scattering_type             x-ray 
# 
_diffrn_radiation_wavelength.id           1 
_diffrn_radiation_wavelength.wavelength   1.000 
_diffrn_radiation_wavelength.wt           1.0 
# 
_diffrn_source.diffrn_id                   1 
_diffrn_source.source                      SYNCHROTRON 
_diffrn_source.type                        'ELETTRA BEAMLINE 5.2R' 
_diffrn_source.pdbx_synchrotron_site       ELETTRA 
_diffrn_source.pdbx_synchrotron_beamline   5.2R 
_diffrn_source.pdbx_wavelength             1.000 
_diffrn_source.pdbx_wavelength_list        ? 
# 
_reflns.pdbx_diffrn_id               1 
_reflns.pdbx_ordinal                 1 
_reflns.entry_id                     2X2Q 
_reflns.observed_criterion_sigma_I   1.5 
_reflns.observed_criterion_sigma_F   ? 
_reflns.d_resolution_low             38.95 
_reflns.d_resolution_high            1.90 
_reflns.number_obs                   7382 
_reflns.number_all                   ? 
_reflns.percent_possible_obs         98.0 
_reflns.pdbx_Rmerge_I_obs            0.07 
_reflns.pdbx_Rsym_value              ? 
_reflns.pdbx_netI_over_sigmaI        19.70 
_reflns.B_iso_Wilson_estimate        ? 
_reflns.pdbx_redundancy              4.8 
# 
_reflns_shell.pdbx_diffrn_id         1 
_reflns_shell.pdbx_ordinal           1 
_reflns_shell.d_res_high             1.90 
_reflns_shell.d_res_low              1.93 
_reflns_shell.percent_possible_all   97.2 
_reflns_shell.Rmerge_I_obs           0.22 
_reflns_shell.pdbx_Rsym_value        ? 
_reflns_shell.meanI_over_sigI_obs    1.00 
_reflns_shell.pdbx_redundancy        3.8 
# 
_refine.pdbx_refine_id                           'X-RAY DIFFRACTION' 
_refine.entry_id                                 2X2Q 
_refine.pdbx_diffrn_id                           1 
_refine.pdbx_TLS_residual_ADP_flag               ? 
_refine.ls_number_reflns_obs                     7030 
_refine.ls_number_reflns_all                     ? 
_refine.pdbx_ls_sigma_I                          ? 
_refine.pdbx_ls_sigma_F                          ? 
_refine.pdbx_data_cutoff_high_absF               ? 
_refine.pdbx_data_cutoff_low_absF                ? 
_refine.pdbx_data_cutoff_high_rms_absF           ? 
_refine.ls_d_res_low                             38.95 
_refine.ls_d_res_high                            1.90 
_refine.ls_percent_reflns_obs                    98.05 
_refine.ls_R_factor_obs                          0.22551 
_refine.ls_R_factor_all                          ? 
_refine.ls_R_factor_R_work                       0.22353 
_refine.ls_R_factor_R_free                       0.26370 
_refine.ls_R_factor_R_free_error                 ? 
_refine.ls_R_factor_R_free_error_details         ? 
_refine.ls_percent_reflns_R_free                 4.8 
_refine.ls_number_reflns_R_free                  352 
_refine.ls_number_parameters                     ? 
_refine.ls_number_restraints                     ? 
_refine.occupancy_min                            ? 
_refine.occupancy_max                            ? 
_refine.correlation_coeff_Fo_to_Fc               0.962 
_refine.correlation_coeff_Fo_to_Fc_free          0.950 
_refine.B_iso_mean                               32.235 
_refine.aniso_B[1][1]                            -3.13 
_refine.aniso_B[2][2]                            -0.73 
_refine.aniso_B[3][3]                            3.86 
_refine.aniso_B[1][2]                            0.00 
_refine.aniso_B[1][3]                            0.11 
_refine.aniso_B[2][3]                            0.00 
_refine.solvent_model_details                    MASK 
_refine.solvent_model_param_ksol                 ? 
_refine.solvent_model_param_bsol                 ? 
_refine.pdbx_solvent_vdw_probe_radii             1.40 
_refine.pdbx_solvent_ion_probe_radii             0.80 
_refine.pdbx_solvent_shrinkage_radii             0.80 
_refine.pdbx_ls_cross_valid_method               THROUGHOUT 
_refine.details                                  'HYDROGENS HAVE BEEN ADDED IN THE RIDING POSITIONS U VALUES REFINED INDIVIDUALLY' 
_refine.pdbx_starting_model                      'PDB ENTRY 3GVN' 
_refine.pdbx_method_to_determine_struct          'MOLECULAR REPLACEMENT' 
_refine.pdbx_isotropic_thermal_model             ? 
_refine.pdbx_stereochemistry_target_values       'MAXIMUM LIKELIHOOD' 
_refine.pdbx_stereochem_target_val_spec_case     ? 
_refine.pdbx_R_Free_selection_details            RANDOM 
_refine.pdbx_overall_ESU_R                       0.186 
_refine.pdbx_overall_ESU_R_Free                  0.167 
_refine.overall_SU_ML                            0.159 
_refine.pdbx_overall_phase_error                 ? 
_refine.overall_SU_B                             5.599 
_refine.overall_SU_R_Cruickshank_DPI             ? 
_refine.pdbx_overall_SU_R_free_Cruickshank_DPI   ? 
_refine.pdbx_overall_SU_R_Blow_DPI               ? 
_refine.pdbx_overall_SU_R_free_Blow_DPI          ? 
# 
_refine_hist.pdbx_refine_id                   'X-RAY DIFFRACTION' 
_refine_hist.cycle_id                         LAST 
_refine_hist.pdbx_number_atoms_protein        0 
_refine_hist.pdbx_number_atoms_nucleic_acid   628 
_refine_hist.pdbx_number_atoms_ligand         13 
_refine_hist.number_atoms_solvent             100 
_refine_hist.number_atoms_total               741 
_refine_hist.d_res_high                       1.90 
_refine_hist.d_res_low                        38.95 
# 
loop_
_refine_ls_restr.type 
_refine_ls_restr.dev_ideal 
_refine_ls_restr.dev_ideal_target 
_refine_ls_restr.weight 
_refine_ls_restr.number 
_refine_ls_restr.pdbx_refine_id 
_refine_ls_restr.pdbx_restraint_function 
r_bond_refined_d             0.016 0.020 ? 732  'X-RAY DIFFRACTION' ? 
r_bond_other_d               ?     ?     ? ?    'X-RAY DIFFRACTION' ? 
r_angle_refined_deg          3.371 3.552 ? 1199 'X-RAY DIFFRACTION' ? 
r_angle_other_deg            ?     ?     ? ?    'X-RAY DIFFRACTION' ? 
r_dihedral_angle_1_deg       ?     ?     ? ?    'X-RAY DIFFRACTION' ? 
r_dihedral_angle_2_deg       ?     ?     ? ?    'X-RAY DIFFRACTION' ? 
r_dihedral_angle_3_deg       ?     ?     ? ?    'X-RAY DIFFRACTION' ? 
r_dihedral_angle_4_deg       ?     ?     ? ?    'X-RAY DIFFRACTION' ? 
r_chiral_restr               0.122 0.200 ? 137  'X-RAY DIFFRACTION' ? 
r_gen_planes_refined         0.012 0.020 ? 304  'X-RAY DIFFRACTION' ? 
r_gen_planes_other           ?     ?     ? ?    'X-RAY DIFFRACTION' ? 
r_nbd_refined                ?     ?     ? ?    'X-RAY DIFFRACTION' ? 
r_nbd_other                  ?     ?     ? ?    'X-RAY DIFFRACTION' ? 
r_nbtor_refined              ?     ?     ? ?    'X-RAY DIFFRACTION' ? 
r_nbtor_other                ?     ?     ? ?    'X-RAY DIFFRACTION' ? 
r_xyhbond_nbd_refined        ?     ?     ? ?    'X-RAY DIFFRACTION' ? 
r_xyhbond_nbd_other          ?     ?     ? ?    'X-RAY DIFFRACTION' ? 
r_metal_ion_refined          ?     ?     ? ?    'X-RAY DIFFRACTION' ? 
r_metal_ion_other            ?     ?     ? ?    'X-RAY DIFFRACTION' ? 
r_symmetry_vdw_refined       ?     ?     ? ?    'X-RAY DIFFRACTION' ? 
r_symmetry_vdw_other         ?     ?     ? ?    'X-RAY DIFFRACTION' ? 
r_symmetry_hbond_refined     ?     ?     ? ?    'X-RAY DIFFRACTION' ? 
r_symmetry_hbond_other       ?     ?     ? ?    'X-RAY DIFFRACTION' ? 
r_symmetry_metal_ion_refined ?     ?     ? ?    'X-RAY DIFFRACTION' ? 
r_symmetry_metal_ion_other   ?     ?     ? ?    'X-RAY DIFFRACTION' ? 
r_mcbond_it                  ?     ?     ? ?    'X-RAY DIFFRACTION' ? 
r_mcbond_other               ?     ?     ? ?    'X-RAY DIFFRACTION' ? 
r_mcangle_it                 ?     ?     ? ?    'X-RAY DIFFRACTION' ? 
r_mcangle_other              ?     ?     ? ?    'X-RAY DIFFRACTION' ? 
r_scbond_it                  1.861 3.000 ? 732  'X-RAY DIFFRACTION' ? 
r_scbond_other               ?     ?     ? ?    'X-RAY DIFFRACTION' ? 
r_scangle_it                 2.331 4.500 ? 1199 'X-RAY DIFFRACTION' ? 
r_scangle_other              ?     ?     ? ?    'X-RAY DIFFRACTION' ? 
r_long_range_B_refined       ?     ?     ? ?    'X-RAY DIFFRACTION' ? 
r_long_range_B_other         ?     ?     ? ?    'X-RAY DIFFRACTION' ? 
r_rigid_bond_restr           ?     ?     ? ?    'X-RAY DIFFRACTION' ? 
r_sphericity_free            ?     ?     ? ?    'X-RAY DIFFRACTION' ? 
r_sphericity_bonded          ?     ?     ? ?    'X-RAY DIFFRACTION' ? 
# 
loop_
_refine_ls_restr_ncs.dom_id 
_refine_ls_restr_ncs.pdbx_auth_asym_id 
_refine_ls_restr_ncs.pdbx_number 
_refine_ls_restr_ncs.rms_dev_position 
_refine_ls_restr_ncs.weight_position 
_refine_ls_restr_ncs.pdbx_type 
_refine_ls_restr_ncs.pdbx_ens_id 
_refine_ls_restr_ncs.pdbx_ordinal 
_refine_ls_restr_ncs.pdbx_refine_id 
_refine_ls_restr_ncs.ncs_model_details 
_refine_ls_restr_ncs.rms_dev_B_iso 
_refine_ls_restr_ncs.weight_B_iso 
_refine_ls_restr_ncs.pdbx_asym_id 
_refine_ls_restr_ncs.pdbx_rms 
_refine_ls_restr_ncs.pdbx_weight 
1 A 152 0.09 0.05 'tight positional' 1 1 'X-RAY DIFFRACTION' ? ? ? ? ? ? 
2 C 152 0.09 0.05 'tight positional' 1 2 'X-RAY DIFFRACTION' ? ? ? ? ? ? 
1 B 162 0.09 0.05 'tight positional' 2 3 'X-RAY DIFFRACTION' ? ? ? ? ? ? 
2 D 162 0.09 0.05 'tight positional' 2 4 'X-RAY DIFFRACTION' ? ? ? ? ? ? 
1 A 152 0.41 0.50 'tight thermal'    1 5 'X-RAY DIFFRACTION' ? ? ? ? ? ? 
2 C 152 0.41 0.50 'tight thermal'    1 6 'X-RAY DIFFRACTION' ? ? ? ? ? ? 
1 B 162 0.42 0.50 'tight thermal'    2 7 'X-RAY DIFFRACTION' ? ? ? ? ? ? 
2 D 162 0.42 0.50 'tight thermal'    2 8 'X-RAY DIFFRACTION' ? ? ? ? ? ? 
# 
_refine_ls_shell.pdbx_refine_id                   'X-RAY DIFFRACTION' 
_refine_ls_shell.pdbx_total_number_of_bins_used   20 
_refine_ls_shell.d_res_high                       1.901 
_refine_ls_shell.d_res_low                        1.951 
_refine_ls_shell.number_reflns_R_work             507 
_refine_ls_shell.R_factor_R_work                  0.328 
_refine_ls_shell.percent_reflns_obs               96.93 
_refine_ls_shell.R_factor_R_free                  0.293 
_refine_ls_shell.R_factor_R_free_error            ? 
_refine_ls_shell.percent_reflns_R_free            ? 
_refine_ls_shell.number_reflns_R_free             29 
_refine_ls_shell.number_reflns_all                ? 
_refine_ls_shell.R_factor_all                     ? 
# 
loop_
_struct_ncs_dom.id 
_struct_ncs_dom.details 
_struct_ncs_dom.pdbx_ens_id 
1 A 1 
2 C 1 
1 B 2 
2 D 2 
# 
loop_
_struct_ncs_dom_lim.dom_id 
_struct_ncs_dom_lim.beg_auth_asym_id 
_struct_ncs_dom_lim.beg_auth_seq_id 
_struct_ncs_dom_lim.end_auth_asym_id 
_struct_ncs_dom_lim.end_auth_seq_id 
_struct_ncs_dom_lim.pdbx_component_id 
_struct_ncs_dom_lim.pdbx_refine_code 
_struct_ncs_dom_lim.beg_label_asym_id 
_struct_ncs_dom_lim.beg_label_comp_id 
_struct_ncs_dom_lim.beg_label_seq_id 
_struct_ncs_dom_lim.beg_label_alt_id 
_struct_ncs_dom_lim.end_label_asym_id 
_struct_ncs_dom_lim.end_label_comp_id 
_struct_ncs_dom_lim.end_label_seq_id 
_struct_ncs_dom_lim.end_label_alt_id 
_struct_ncs_dom_lim.pdbx_ens_id 
_struct_ncs_dom_lim.selection_details 
_struct_ncs_dom_lim.beg_auth_comp_id 
_struct_ncs_dom_lim.end_auth_comp_id 
1 A 1 A 7  1 1 ? ? ? ? ? ? ? ? 1 ? ? ? 
2 C 1 C 7  1 1 ? ? ? ? ? ? ? ? 1 ? ? ? 
1 B 8 B 14 1 1 ? ? ? ? ? ? ? ? 2 ? ? ? 
2 D 8 D 14 1 1 ? ? ? ? ? ? ? ? 2 ? ? ? 
# 
loop_
_struct_ncs_ens.id 
_struct_ncs_ens.details 
1 ? 
2 ? 
# 
_struct.entry_id                  2X2Q 
_struct.title                     
;Crystal structure of an 'all locked' LNA duplex at 1.9 angstrom resolution
;
_struct.pdbx_model_details        ? 
_struct.pdbx_CASP_flag            ? 
_struct.pdbx_model_type_details   ? 
# 
_struct_keywords.entry_id        2X2Q 
_struct_keywords.pdbx_keywords   DNA 
_struct_keywords.text            'DNA, MODIFIED NUCLEIC ACID, LOCKED NUCLEIC ACID, THERMOSTABILITY' 
# 
loop_
_struct_asym.id 
_struct_asym.pdbx_blank_PDB_chainid_flag 
_struct_asym.pdbx_modified 
_struct_asym.entity_id 
_struct_asym.details 
A N N 1 ? 
B N N 2 ? 
C N N 1 ? 
D N N 2 ? 
E N N 3 ? 
F N N 4 ? 
G N N 5 ? 
H N N 6 ? 
I N N 6 ? 
J N N 6 ? 
K N N 6 ? 
# 
_struct_biol.id   1 
# 
loop_
_struct_conn.id 
_struct_conn.conn_type_id 
_struct_conn.pdbx_leaving_atom_flag 
_struct_conn.pdbx_PDB_id 
_struct_conn.ptnr1_label_asym_id 
_struct_conn.ptnr1_label_comp_id 
_struct_conn.ptnr1_label_seq_id 
_struct_conn.ptnr1_label_atom_id 
_struct_conn.pdbx_ptnr1_label_alt_id 
_struct_conn.pdbx_ptnr1_PDB_ins_code 
_struct_conn.pdbx_ptnr1_standard_comp_id 
_struct_conn.ptnr1_symmetry 
_struct_conn.ptnr2_label_asym_id 
_struct_conn.ptnr2_label_comp_id 
_struct_conn.ptnr2_label_seq_id 
_struct_conn.ptnr2_label_atom_id 
_struct_conn.pdbx_ptnr2_label_alt_id 
_struct_conn.pdbx_ptnr2_PDB_ins_code 
_struct_conn.ptnr1_auth_asym_id 
_struct_conn.ptnr1_auth_comp_id 
_struct_conn.ptnr1_auth_seq_id 
_struct_conn.ptnr2_auth_asym_id 
_struct_conn.ptnr2_auth_comp_id 
_struct_conn.ptnr2_auth_seq_id 
_struct_conn.ptnr2_symmetry 
_struct_conn.pdbx_ptnr3_label_atom_id 
_struct_conn.pdbx_ptnr3_label_seq_id 
_struct_conn.pdbx_ptnr3_label_comp_id 
_struct_conn.pdbx_ptnr3_label_asym_id 
_struct_conn.pdbx_ptnr3_label_alt_id 
_struct_conn.pdbx_ptnr3_PDB_ins_code 
_struct_conn.details 
_struct_conn.pdbx_dist_value 
_struct_conn.pdbx_value_order 
_struct_conn.pdbx_role 
covale1  covale both ? A LCC 1 "O3'" ? ? ? 1_555 A LCC 2 P  ? ? A LCC 66  A LCC 67  1_555 ? ? ? ? ? ? ?            1.604 ? ? 
covale2  covale both ? A LCC 2 "O3'" ? ? ? 1_555 A TLN 3 P  ? ? A LCC 67  A TLN 68  1_555 ? ? ? ? ? ? ?            1.579 ? ? 
covale3  covale both ? A TLN 3 "O3'" ? ? ? 1_555 A LCC 4 P  ? ? A TLN 68  A LCC 69  1_555 ? ? ? ? ? ? ?            1.582 ? ? 
covale4  covale both ? A LCC 4 "O3'" ? ? ? 1_555 A LCA 5 P  ? ? A LCC 69  A LCA 70  1_555 ? ? ? ? ? ? ?            1.586 ? ? 
covale5  covale one  ? A LCA 5 "O3'" ? ? ? 1_555 A LCC 6 P  ? ? A LCA 70  A LCC 71  1_555 ? ? ? ? ? ? ?            1.596 ? ? 
covale6  covale both ? A LCC 6 "O3'" ? ? ? 1_555 A LCC 7 P  ? ? A LCC 71  A LCC 72  1_555 ? ? ? ? ? ? ?            1.582 ? ? 
covale7  covale both ? B LCG 1 "O3'" ? ? ? 1_555 B LCG 2 P  ? ? B LCG 1   B LCG 2   1_555 ? ? ? ? ? ? ?            1.573 ? ? 
covale8  covale both ? B LCG 2 "O3'" ? ? ? 1_555 B TLN 3 P  ? ? B LCG 2   B TLN 3   1_555 ? ? ? ? ? ? ?            1.568 ? ? 
covale9  covale both ? B TLN 3 "O3'" ? ? ? 1_555 B LCG 4 P  ? ? B TLN 3   B LCG 4   1_555 ? ? ? ? ? ? ?            1.560 ? ? 
covale10 covale both ? B LCG 4 "O3'" ? ? ? 1_555 B LCA 5 P  ? ? B LCG 4   B LCA 5   1_555 ? ? ? ? ? ? ?            1.582 ? ? 
covale11 covale one  ? B LCA 5 "O3'" ? ? ? 1_555 B LCG 6 P  ? ? B LCA 5   B LCG 6   1_555 ? ? ? ? ? ? ?            1.589 ? ? 
covale12 covale both ? B LCG 6 "O3'" ? ? ? 1_555 B LCG 7 P  ? ? B LCG 6   B LCG 7   1_555 ? ? ? ? ? ? ?            1.577 ? ? 
covale13 covale both ? C LCC 1 "O3'" ? ? ? 1_555 C LCC 2 P  ? ? C LCC 66  C LCC 67  1_555 ? ? ? ? ? ? ?            1.604 ? ? 
covale14 covale both ? C LCC 2 "O3'" ? ? ? 1_555 C TLN 3 P  ? ? C LCC 67  C TLN 68  1_555 ? ? ? ? ? ? ?            1.612 ? ? 
covale15 covale both ? C TLN 3 "O3'" ? ? ? 1_555 C LCC 4 P  ? ? C TLN 68  C LCC 69  1_555 ? ? ? ? ? ? ?            1.601 ? ? 
covale16 covale both ? C LCC 4 "O3'" ? ? ? 1_555 C LCA 5 P  ? ? C LCC 69  C LCA 70  1_555 ? ? ? ? ? ? ?            1.602 ? ? 
covale17 covale one  ? C LCA 5 "O3'" ? ? ? 1_555 C LCC 6 P  ? ? C LCA 70  C LCC 71  1_555 ? ? ? ? ? ? ?            1.601 ? ? 
covale18 covale both ? C LCC 6 "O3'" ? ? ? 1_555 C LCC 7 P  ? ? C LCC 71  C LCC 72  1_555 ? ? ? ? ? ? ?            1.570 ? ? 
covale19 covale both ? D LCG 1 "O3'" ? ? ? 1_555 D LCG 2 P  ? ? D LCG 1   D LCG 2   1_555 ? ? ? ? ? ? ?            1.565 ? ? 
covale20 covale both ? D LCG 2 "O3'" ? ? ? 1_555 D TLN 3 P  ? ? D LCG 2   D TLN 3   1_555 ? ? ? ? ? ? ?            1.586 ? ? 
covale21 covale both ? D TLN 3 "O3'" ? ? ? 1_555 D LCG 4 P  ? ? D TLN 3   D LCG 4   1_555 ? ? ? ? ? ? ?            1.575 ? ? 
covale22 covale both ? D LCG 4 "O3'" ? ? ? 1_555 D LCA 5 P  ? ? D LCG 4   D LCA 5   1_555 ? ? ? ? ? ? ?            1.586 ? ? 
covale23 covale one  ? D LCA 5 "O3'" ? ? ? 1_555 D LCG 6 P  ? ? D LCA 5   D LCG 6   1_555 ? ? ? ? ? ? ?            1.559 ? ? 
covale24 covale both ? D LCG 6 "O3'" ? ? ? 1_555 D LCG 7 P  ? ? D LCG 6   D LCG 7   1_555 ? ? ? ? ? ? ?            1.579 ? ? 
metalc1  metalc ?    ? C LCC 7 "O2'" ? ? ? 1_555 F MG  . MG ? ? C LCC 72  C MG  101 1_555 ? ? ? ? ? ? ?            2.460 ? ? 
metalc2  metalc ?    ? C LCC 7 "O2'" ? ? ? 1_555 F MG  . MG ? ? C LCC 72  C MG  101 2_655 ? ? ? ? ? ? ?            2.523 ? ? 
metalc3  metalc ?    ? F MG  . MG    ? ? ? 1_555 J HOH . O  ? ? C MG  101 C HOH 201 1_555 ? ? ? ? ? ? ?            2.484 ? ? 
metalc4  metalc ?    ? F MG  . MG    ? ? ? 1_555 J HOH . O  ? ? C MG  101 C HOH 201 2_655 ? ? ? ? ? ? ?            2.341 ? ? 
metalc5  metalc ?    ? F MG  . MG    ? ? ? 1_555 J HOH . O  ? ? C MG  101 C HOH 207 1_555 ? ? ? ? ? ? ?            2.035 ? ? 
metalc6  metalc ?    ? F MG  . MG    ? ? ? 1_555 J HOH . O  ? ? C MG  101 C HOH 207 2_655 ? ? ? ? ? ? ?            2.913 ? ? 
hydrog1  hydrog ?    ? A TLN 3 N3    ? ? ? 1_555 B LCA 5 N1 ? ? A TLN 68  B LCA 5   1_555 ? ? ? ? ? ? WATSON-CRICK ?     ? ? 
hydrog2  hydrog ?    ? A TLN 3 O4    ? ? ? 1_555 B LCA 5 N6 ? ? A TLN 68  B LCA 5   1_555 ? ? ? ? ? ? WATSON-CRICK ?     ? ? 
hydrog3  hydrog ?    ? A LCA 5 N1    ? ? ? 1_555 B TLN 3 N3 ? ? A LCA 70  B TLN 3   1_555 ? ? ? ? ? ? WATSON-CRICK ?     ? ? 
hydrog4  hydrog ?    ? A LCA 5 N6    ? ? ? 1_555 B TLN 3 O4 ? ? A LCA 70  B TLN 3   1_555 ? ? ? ? ? ? WATSON-CRICK ?     ? ? 
hydrog5  hydrog ?    ? C TLN 3 N3    ? ? ? 1_555 D LCA 5 N1 ? ? C TLN 68  D LCA 5   1_555 ? ? ? ? ? ? WATSON-CRICK ?     ? ? 
hydrog6  hydrog ?    ? C TLN 3 O4    ? ? ? 1_555 D LCA 5 N6 ? ? C TLN 68  D LCA 5   1_555 ? ? ? ? ? ? WATSON-CRICK ?     ? ? 
hydrog7  hydrog ?    ? C LCA 5 N1    ? ? ? 1_555 D TLN 3 N3 ? ? C LCA 70  D TLN 3   1_555 ? ? ? ? ? ? WATSON-CRICK ?     ? ? 
hydrog8  hydrog ?    ? C LCA 5 N6    ? ? ? 1_555 D TLN 3 O4 ? ? C LCA 70  D TLN 3   1_555 ? ? ? ? ? ? WATSON-CRICK ?     ? ? 
# 
loop_
_struct_conn_type.id 
_struct_conn_type.criteria 
_struct_conn_type.reference 
covale ? ? 
metalc ? ? 
hydrog ? ? 
# 
loop_
_struct_site.id 
_struct_site.pdbx_evidence_code 
_struct_site.pdbx_auth_asym_id 
_struct_site.pdbx_auth_comp_id 
_struct_site.pdbx_auth_seq_id 
_struct_site.pdbx_auth_ins_code 
_struct_site.pdbx_num_residues 
_struct_site.details 
AC1 Software B NCO 101 ? 8  'binding site for residue NCO B 101'              
AC2 Software C MG  101 ? 6  'binding site for residue MG C 101'               
AC3 Software D CAC 101 ? 3  'binding site for residue CAC D 101'              
AC4 Software A LCC 66  ? 8  'binding site for residues LCC A 66 and LCC A 67' 
AC5 Software A LCC 71  ? 15 'binding site for residues LCC A 71 and LCC A 72' 
AC6 Software C LCC 66  ? 6  'binding site for residues LCC C 66 and LCC C 67' 
AC7 Software C LCC 71  ? 14 'binding site for residues LCC C 71 and LCC C 72' 
# 
loop_
_struct_site_gen.id 
_struct_site_gen.site_id 
_struct_site_gen.pdbx_num_res 
_struct_site_gen.label_comp_id 
_struct_site_gen.label_asym_id 
_struct_site_gen.label_seq_id 
_struct_site_gen.pdbx_auth_ins_code 
_struct_site_gen.auth_comp_id 
_struct_site_gen.auth_asym_id 
_struct_site_gen.auth_seq_id 
_struct_site_gen.label_atom_id 
_struct_site_gen.label_alt_id 
_struct_site_gen.symmetry 
_struct_site_gen.details 
1  AC1 8  LCG B 6 ? LCG B 6   . ? 1_555 ? 
2  AC1 8  LCG B 7 ? LCG B 7   . ? 1_555 ? 
3  AC1 8  HOH I . ? HOH B 210 . ? 1_555 ? 
4  AC1 8  HOH I . ? HOH B 216 . ? 1_555 ? 
5  AC1 8  LCG D 6 ? LCG D 6   . ? 1_555 ? 
6  AC1 8  LCG D 7 ? LCG D 7   . ? 1_555 ? 
7  AC1 8  HOH K . ? HOH D 212 . ? 1_555 ? 
8  AC1 8  HOH K . ? HOH D 213 . ? 1_555 ? 
9  AC2 6  LCC C 7 ? LCC C 72  . ? 2_655 ? 
10 AC2 6  LCC C 7 ? LCC C 72  . ? 1_555 ? 
11 AC2 6  HOH J . ? HOH C 201 . ? 2_655 ? 
12 AC2 6  HOH J . ? HOH C 201 . ? 1_555 ? 
13 AC2 6  HOH J . ? HOH C 207 . ? 1_555 ? 
14 AC2 6  HOH J . ? HOH C 207 . ? 2_655 ? 
15 AC3 3  LCG B 1 ? LCG B 1   . ? 4_556 ? 
16 AC3 3  LCG B 2 ? LCG B 2   . ? 4_556 ? 
17 AC3 3  HOH K . ? HOH D 203 . ? 1_555 ? 
18 AC4 8  TLN A 3 ? TLN A 68  . ? 1_555 ? 
19 AC4 8  HOH H . ? HOH A 103 . ? 1_555 ? 
20 AC4 8  HOH H . ? HOH A 108 . ? 1_555 ? 
21 AC4 8  LCG B 6 ? LCG B 6   . ? 1_555 ? 
22 AC4 8  LCG B 7 ? LCG B 7   . ? 1_555 ? 
23 AC4 8  LCC C 1 ? LCC C 66  . ? 1_555 ? 
24 AC4 8  LCG D 7 ? LCG D 7   . ? 1_555 ? 
25 AC4 8  HOH K . ? HOH D 209 . ? 1_555 ? 
26 AC5 15 LCA A 5 ? LCA A 70  . ? 1_555 ? 
27 AC5 15 HOH H . ? HOH A 101 . ? 1_555 ? 
28 AC5 15 HOH H . ? HOH A 102 . ? 1_555 ? 
29 AC5 15 HOH H . ? HOH A 104 . ? 1_555 ? 
30 AC5 15 HOH H . ? HOH A 106 . ? 1_555 ? 
31 AC5 15 HOH H . ? HOH A 106 . ? 2_555 ? 
32 AC5 15 HOH H . ? HOH A 110 . ? 1_555 ? 
33 AC5 15 HOH H . ? HOH A 113 . ? 1_555 ? 
34 AC5 15 HOH H . ? HOH A 114 . ? 1_555 ? 
35 AC5 15 LCG B 1 ? LCG B 1   . ? 1_555 ? 
36 AC5 15 LCG B 2 ? LCG B 2   . ? 1_555 ? 
37 AC5 15 LCG B 2 ? LCG B 2   . ? 2_555 ? 
38 AC5 15 TLN B 3 ? TLN B 3   . ? 2_555 ? 
39 AC5 15 TLN B 3 ? TLN B 3   . ? 1_555 ? 
40 AC5 15 LCG D 1 ? LCG D 1   . ? 3_445 ? 
41 AC6 6  LCC A 1 ? LCC A 66  . ? 1_555 ? 
42 AC6 6  LCG B 7 ? LCG B 7   . ? 1_555 ? 
43 AC6 6  TLN C 3 ? TLN C 68  . ? 1_555 ? 
44 AC6 6  HOH J . ? HOH C 210 . ? 1_555 ? 
45 AC6 6  LCG D 6 ? LCG D 6   . ? 1_555 ? 
46 AC6 6  LCG D 7 ? LCG D 7   . ? 1_555 ? 
47 AC7 14 LCG B 1 ? LCG B 1   . ? 3_555 ? 
48 AC7 14 LCA C 5 ? LCA C 70  . ? 1_555 ? 
49 AC7 14 MG  F . ? MG  C 101 . ? 1_555 ? 
50 AC7 14 MG  F . ? MG  C 101 . ? 2_655 ? 
51 AC7 14 HOH J . ? HOH C 201 . ? 1_555 ? 
52 AC7 14 HOH J . ? HOH C 203 . ? 1_555 ? 
53 AC7 14 HOH J . ? HOH C 205 . ? 1_555 ? 
54 AC7 14 HOH J . ? HOH C 206 . ? 1_555 ? 
55 AC7 14 HOH J . ? HOH C 207 . ? 1_555 ? 
56 AC7 14 HOH J . ? HOH C 209 . ? 1_555 ? 
57 AC7 14 LCG D 1 ? LCG D 1   . ? 1_555 ? 
58 AC7 14 LCG D 2 ? LCG D 2   . ? 1_555 ? 
59 AC7 14 TLN D 3 ? TLN D 3   . ? 1_555 ? 
60 AC7 14 HOH K . ? HOH D 201 . ? 1_555 ? 
# 
_atom_sites.entry_id                    2X2Q 
_atom_sites.fract_transf_matrix[1][1]   -0.00101825 
_atom_sites.fract_transf_matrix[1][2]   0.01263491 
_atom_sites.fract_transf_matrix[1][3]   -0.00202776 
_atom_sites.fract_transf_matrix[2][1]   -0.01970697 
_atom_sites.fract_transf_matrix[2][2]   0.00075772 
_atom_sites.fract_transf_matrix[2][3]   0.01461730 
_atom_sites.fract_transf_matrix[3][1]   0.01961272 
_atom_sites.fract_transf_matrix[3][2]   0.00637422 
_atom_sites.fract_transf_matrix[3][3]   0.02611136 
_atom_sites.fract_transf_vector[1]      0.233926 
_atom_sites.fract_transf_vector[2]      -0.167974 
_atom_sites.fract_transf_vector[3]      0.318128 
# 
loop_
_atom_type.symbol 
AS 
C  
CO 
MG 
N  
O  
P  
# 
loop_
_atom_site.group_PDB 
_atom_site.id 
_atom_site.type_symbol 
_atom_site.label_atom_id 
_atom_site.label_alt_id 
_atom_site.label_comp_id 
_atom_site.label_asym_id 
_atom_site.label_entity_id 
_atom_site.label_seq_id 
_atom_site.pdbx_PDB_ins_code 
_atom_site.Cartn_x 
_atom_site.Cartn_y 
_atom_site.Cartn_z 
_atom_site.occupancy 
_atom_site.B_iso_or_equiv 
_atom_site.pdbx_formal_charge 
_atom_site.auth_seq_id 
_atom_site.auth_comp_id 
_atom_site.auth_asym_id 
_atom_site.auth_atom_id 
_atom_site.pdbx_PDB_model_num 
HETATM 1   O  "O5'" . LCC A 1 1 ? 11.264  -1.859  9.573   1.00 46.75 ? 66  LCC A "O5'" 1 
HETATM 2   C  "C5'" . LCC A 1 1 ? 11.173  -1.302  10.847  1.00 45.76 ? 66  LCC A "C5'" 1 
HETATM 3   C  "C4'" . LCC A 1 1 ? 9.689   -1.146  11.078  1.00 44.85 ? 66  LCC A "C4'" 1 
HETATM 4   O  "O4'" . LCC A 1 1 ? 9.134   -0.179  10.118  1.00 43.44 ? 66  LCC A "O4'" 1 
HETATM 5   C  "C1'" . LCC A 1 1 ? 7.732   -0.446  10.144  1.00 42.39 ? 66  LCC A "C1'" 1 
HETATM 6   N  N1    . LCC A 1 1 ? 7.187   -0.657  8.798   1.00 39.25 ? 66  LCC A N1    1 
HETATM 7   C  C6    . LCC A 1 1 ? 7.977   -1.010  7.738   1.00 39.00 ? 66  LCC A C6    1 
HETATM 8   C  C5    . LCC A 1 1 ? 7.481   -1.162  6.513   1.00 36.73 ? 66  LCC A C5    1 
HETATM 9   C  C5M   . LCC A 1 1 ? 8.375   -1.542  5.373   1.00 36.08 ? 66  LCC A C5M   1 
HETATM 10  C  C4    . LCC A 1 1 ? 6.063   -0.950  6.338   1.00 35.88 ? 66  LCC A C4    1 
HETATM 11  N  N4    . LCC A 1 1 ? 5.380   -1.064  5.198   1.00 32.79 ? 66  LCC A N4    1 
HETATM 12  N  N3    . LCC A 1 1 ? 5.358   -0.623  7.415   1.00 35.70 ? 66  LCC A N3    1 
HETATM 13  C  C2    . LCC A 1 1 ? 5.816   -0.459  8.657   1.00 38.82 ? 66  LCC A C2    1 
HETATM 14  O  O2    . LCC A 1 1 ? 5.050   -0.163  9.578   1.00 39.00 ? 66  LCC A O2    1 
HETATM 15  C  "C3'" . LCC A 1 1 ? 8.821   -2.351  10.738  1.00 44.05 ? 66  LCC A "C3'" 1 
HETATM 16  C  "C2'" . LCC A 1 1 ? 7.561   -1.617  11.102  1.00 42.92 ? 66  LCC A "C2'" 1 
HETATM 17  O  "O2'" . LCC A 1 1 ? 7.755   -1.056  12.449  1.00 44.65 ? 66  LCC A "O2'" 1 
HETATM 18  O  "O3'" . LCC A 1 1 ? 9.139   -3.486  11.528  1.00 46.03 ? 66  LCC A "O3'" 1 
HETATM 19  C  "C6'" . LCC A 1 1 ? 9.197   -0.748  12.476  1.00 45.24 ? 66  LCC A "C6'" 1 
HETATM 20  O  "O5'" . LCC A 1 2 ? 6.808   -4.531  11.635  1.00 45.78 ? 67  LCC A "O5'" 1 
HETATM 21  C  "C5'" . LCC A 1 2 ? 6.211   -4.495  12.893  1.00 44.16 ? 67  LCC A "C5'" 1 
HETATM 22  C  "C4'" . LCC A 1 2 ? 4.730   -4.333  12.666  1.00 43.31 ? 67  LCC A "C4'" 1 
HETATM 23  O  "O4'" . LCC A 1 2 ? 4.546   -3.330  11.648  1.00 42.89 ? 67  LCC A "O4'" 1 
HETATM 24  C  "C1'" . LCC A 1 2 ? 3.261   -3.592  11.072  1.00 41.45 ? 67  LCC A "C1'" 1 
HETATM 25  N  N1    . LCC A 1 2 ? 3.388   -3.780  9.583   1.00 37.83 ? 67  LCC A N1    1 
HETATM 26  C  C6    . LCC A 1 2 ? 4.596   -4.048  8.997   1.00 34.24 ? 67  LCC A C6    1 
HETATM 27  C  C5    . LCC A 1 2 ? 4.762   -4.231  7.690   1.00 34.26 ? 67  LCC A C5    1 
HETATM 28  C  C5M   . LCC A 1 2 ? 6.121   -4.497  7.113   1.00 34.95 ? 67  LCC A C5M   1 
HETATM 29  C  C4    . LCC A 1 2 ? 3.590   -4.110  6.878   1.00 33.98 ? 67  LCC A C4    1 
HETATM 30  N  N4    . LCC A 1 2 ? 3.600   -4.225  5.544   1.00 32.49 ? 67  LCC A N4    1 
HETATM 31  N  N3    . LCC A 1 2 ? 2.398   -3.865  7.490   1.00 34.95 ? 67  LCC A N3    1 
HETATM 32  C  C2    . LCC A 1 2 ? 2.218   -3.688  8.825   1.00 37.64 ? 67  LCC A C2    1 
HETATM 33  O  O2    . LCC A 1 2 ? 1.105   -3.482  9.335   1.00 38.59 ? 67  LCC A O2    1 
HETATM 34  C  "C3'" . LCC A 1 2 ? 4.008   -5.459  11.954  1.00 43.13 ? 67  LCC A "C3'" 1 
HETATM 35  C  "C2'" . LCC A 1 2 ? 2.689   -4.751  11.902  1.00 42.08 ? 67  LCC A "C2'" 1 
HETATM 36  O  "O2'" . LCC A 1 2 ? 2.454   -4.189  13.230  1.00 42.88 ? 67  LCC A "O2'" 1 
HETATM 37  O  "O3'" . LCC A 1 2 ? 4.013   -6.651  12.701  1.00 43.78 ? 67  LCC A "O3'" 1 
HETATM 38  C  "C6'" . LCC A 1 2 ? 3.791   -3.935  13.792  1.00 42.04 ? 67  LCC A "C6'" 1 
HETATM 39  P  P     . LCC A 1 2 ? 8.339   -4.873  11.429  1.00 48.15 ? 67  LCC A P     1 
HETATM 40  O  O1P   . LCC A 1 2 ? 8.548   -5.474  10.074  1.00 44.71 ? 67  LCC A O1P   1 
HETATM 41  O  O2P   . LCC A 1 2 ? 8.728   -5.676  12.591  1.00 48.67 ? 67  LCC A O2P   1 
HETATM 42  P  P     . TLN A 1 3 ? 3.826   -8.074  12.044  1.00 46.18 ? 68  TLN A P     1 
HETATM 43  O  OP1   . TLN A 1 3 ? 3.960   -9.055  13.142  1.00 47.01 ? 68  TLN A OP1   1 
HETATM 44  O  OP2   . TLN A 1 3 ? 4.674   -8.247  10.812  1.00 45.74 ? 68  TLN A OP2   1 
HETATM 45  O  "O5'" . TLN A 1 3 ? 2.288   -8.103  11.669  1.00 43.86 ? 68  TLN A "O5'" 1 
HETATM 46  C  "C5'" . TLN A 1 3 ? 1.222   -7.672  12.451  1.00 42.15 ? 68  TLN A "C5'" 1 
HETATM 47  C  "C4'" . TLN A 1 3 ? -0.010  -7.712  11.568  1.00 39.47 ? 68  TLN A "C4'" 1 
HETATM 48  O  "O4'" . TLN A 1 3 ? 0.066   -6.639  10.594  1.00 37.94 ? 68  TLN A "O4'" 1 
HETATM 49  C  "C1'" . TLN A 1 3 ? -0.778  -7.010  9.517   1.00 39.07 ? 68  TLN A "C1'" 1 
HETATM 50  N  N1    . TLN A 1 3 ? 0.041   -7.166  8.273   1.00 37.95 ? 68  TLN A N1    1 
HETATM 51  C  C6    . TLN A 1 3 ? 1.424   -7.285  8.291   1.00 37.96 ? 68  TLN A C6    1 
HETATM 52  C  C5    . TLN A 1 3 ? 2.233   -7.421  7.227   1.00 36.16 ? 68  TLN A C5    1 
HETATM 53  C  C5M   . TLN A 1 3 ? 3.725   -7.553  7.296   1.00 35.97 ? 68  TLN A C5M   1 
HETATM 54  C  C4    . TLN A 1 3 ? 1.613   -7.405  5.943   1.00 38.01 ? 68  TLN A C4    1 
HETATM 55  O  O4    . TLN A 1 3 ? 2.211   -7.537  4.875   1.00 39.32 ? 68  TLN A O4    1 
HETATM 56  N  N3    . TLN A 1 3 ? 0.230   -7.273  5.955   1.00 37.85 ? 68  TLN A N3    1 
HETATM 57  C  C2    . TLN A 1 3 ? -0.614  -7.179  7.062   1.00 37.71 ? 68  TLN A C2    1 
HETATM 58  O  O2    . TLN A 1 3 ? -1.810  -7.088  6.965   1.00 35.61 ? 68  TLN A O2    1 
HETATM 59  C  "C3'" . TLN A 1 3 ? -0.198  -8.897  10.626  1.00 40.45 ? 68  TLN A "C3'" 1 
HETATM 60  C  "C2'" . TLN A 1 3 ? -1.426  -8.289  10.014  1.00 38.49 ? 68  TLN A "C2'" 1 
HETATM 61  O  "O2'" . TLN A 1 3 ? -2.311  -7.955  11.134  1.00 39.40 ? 68  TLN A "O2'" 1 
HETATM 62  O  "O3'" . TLN A 1 3 ? -0.379  -10.163 11.259  1.00 42.65 ? 68  TLN A "O3'" 1 
HETATM 63  C  "C6'" . TLN A 1 3 ? -1.385  -7.540  12.198  1.00 39.80 ? 68  TLN A "C6'" 1 
HETATM 64  O  "O5'" . LCC A 1 4 ? -1.391  -11.615 9.464   1.00 38.93 ? 69  LCC A "O5'" 1 
HETATM 65  C  "C5'" . LCC A 1 4 ? -2.758  -11.610 9.695   1.00 38.81 ? 69  LCC A "C5'" 1 
HETATM 66  C  "C4'" . LCC A 1 4 ? -3.494  -11.453 8.377   1.00 38.67 ? 69  LCC A "C4'" 1 
HETATM 67  O  "O4'" . LCC A 1 4 ? -2.922  -10.324 7.661   1.00 38.76 ? 69  LCC A "O4'" 1 
HETATM 68  C  "C1'" . LCC A 1 4 ? -3.222  -10.605 6.285   1.00 37.21 ? 69  LCC A "C1'" 1 
HETATM 69  N  N1    . LCC A 1 4 ? -1.964  -10.647 5.519   1.00 33.79 ? 69  LCC A N1    1 
HETATM 70  C  C6    . LCC A 1 4 ? -0.706  -10.750 6.087   1.00 32.03 ? 69  LCC A C6    1 
HETATM 71  C  C5    . LCC A 1 4 ? 0.439   -10.759 5.412   1.00 32.48 ? 69  LCC A C5    1 
HETATM 72  C  C5M   . LCC A 1 4 ? 1.792   -10.866 6.071   1.00 31.88 ? 69  LCC A C5M   1 
HETATM 73  C  C4    . LCC A 1 4 ? 0.312   -10.655 3.981   1.00 31.77 ? 69  LCC A C4    1 
HETATM 74  N  N4    . LCC A 1 4 ? 1.327   -10.687 3.147   1.00 32.28 ? 69  LCC A N4    1 
HETATM 75  N  N3    . LCC A 1 4 ? -0.929  -10.562 3.457   1.00 30.95 ? 69  LCC A N3    1 
HETATM 76  C  C2    . LCC A 1 4 ? -2.106  -10.551 4.123   1.00 33.51 ? 69  LCC A C2    1 
HETATM 77  O  O2    . LCC A 1 4 ? -3.236  -10.489 3.613   1.00 30.14 ? 69  LCC A O2    1 
HETATM 78  C  "C3'" . LCC A 1 4 ? -3.245  -12.608 7.421   1.00 38.23 ? 69  LCC A "C3'" 1 
HETATM 79  C  "C2'" . LCC A 1 4 ? -4.011  -11.912 6.305   1.00 39.23 ? 69  LCC A "C2'" 1 
HETATM 80  O  "O2'" . LCC A 1 4 ? -5.315  -11.586 6.881   1.00 42.08 ? 69  LCC A "O2'" 1 
HETATM 81  O  "O3'" . LCC A 1 4 ? -3.784  -13.817 7.927   1.00 39.55 ? 69  LCC A "O3'" 1 
HETATM 82  C  "C6'" . LCC A 1 4 ? -5.006  -11.200 8.277   1.00 39.80 ? 69  LCC A "C6'" 1 
HETATM 83  P  P     . LCC A 1 4 ? -0.289  -11.592 10.588  1.00 42.84 ? 69  LCC A P     1 
HETATM 84  O  O1P   . LCC A 1 4 ? 1.052   -11.778 10.045  1.00 45.59 ? 69  LCC A O1P   1 
HETATM 85  O  O2P   . LCC A 1 4 ? -0.783  -12.605 11.530  1.00 45.09 ? 69  LCC A O2P   1 
HETATM 86  P  P     . LCA A 1 5 ? -3.335  -15.287 7.535   1.00 40.06 ? 70  LCA A P     1 
HETATM 87  O  O1P   . LCA A 1 5 ? -4.257  -16.216 8.206   1.00 45.26 ? 70  LCA A O1P   1 
HETATM 88  O  "O5'" . LCA A 1 5 ? -3.834  -15.367 5.995   1.00 38.21 ? 70  LCA A "O5'" 1 
HETATM 89  C  "C5'" . LCA A 1 5 ? -5.187  -15.364 5.574   1.00 34.93 ? 70  LCA A "C5'" 1 
HETATM 90  C  "C3'" . LCA A 1 5 ? -4.412  -16.106 3.247   1.00 30.81 ? 70  LCA A "C3'" 1 
HETATM 91  C  "C6'" . LCA A 1 5 ? -6.570  -15.148 3.315   1.00 34.17 ? 70  LCA A "C6'" 1 
HETATM 92  N  N9    . LCA A 1 5 ? -2.776  -13.843 2.236   1.00 28.01 ? 70  LCA A N9    1 
HETATM 93  C  C8    . LCA A 1 5 ? -1.859  -13.856 3.265   1.00 24.49 ? 70  LCA A C8    1 
HETATM 94  C  C4    . LCA A 1 5 ? -2.045  -13.742 1.069   1.00 27.35 ? 70  LCA A C4    1 
HETATM 95  N  N7    . LCA A 1 5 ? -0.607  -13.762 2.869   1.00 25.33 ? 70  LCA A N7    1 
HETATM 96  C  C5    . LCA A 1 5 ? -0.726  -13.683 1.463   1.00 26.27 ? 70  LCA A C5    1 
HETATM 97  C  C6    . LCA A 1 5 ? 0.213   -13.563 0.412   1.00 24.07 ? 70  LCA A C6    1 
HETATM 98  C  "C2'" . LCA A 1 5 ? -4.716  -15.395 1.952   1.00 31.02 ? 70  LCA A "C2'" 1 
HETATM 99  N  N6    . LCA A 1 5 ? 1.521   -13.454 0.577   1.00 25.70 ? 70  LCA A N6    1 
HETATM 100 C  "C4'" . LCA A 1 5 ? -5.249  -15.162 4.067   1.00 32.17 ? 70  LCA A "C4'" 1 
HETATM 101 C  "C1'" . LCA A 1 5 ? -4.237  -13.977 2.312   1.00 30.22 ? 70  LCA A "C1'" 1 
HETATM 102 C  C2    . LCA A 1 5 ? -1.509  -13.607 -1.070  1.00 24.28 ? 70  LCA A C2    1 
HETATM 103 N  N1    . LCA A 1 5 ? -0.203  -13.536 -0.837  1.00 22.37 ? 70  LCA A N1    1 
HETATM 104 O  "O4'" . LCA A 1 5 ? -4.636  -13.889 3.686   1.00 33.03 ? 70  LCA A "O4'" 1 
HETATM 105 O  O2P   . LCA A 1 5 ? -1.885  -15.549 7.603   1.00 40.71 ? 70  LCA A O2P   1 
HETATM 106 N  N3    . LCA A 1 5 ? -2.516  -13.717 -0.206  1.00 27.10 ? 70  LCA A N3    1 
HETATM 107 O  "O3'" . LCA A 1 5 ? -4.938  -17.399 3.426   1.00 33.56 ? 70  LCA A "O3'" 1 
HETATM 108 O  "O2'" . LCA A 1 5 ? -6.170  -15.503 1.918   1.00 31.45 ? 70  LCA A "O2'" 1 
HETATM 109 O  "O5'" . LCC A 1 6 ? -3.625  -18.576 1.712   1.00 32.97 ? 71  LCC A "O5'" 1 
HETATM 110 C  "C5'" . LCC A 1 6 ? -4.605  -18.584 0.694   1.00 30.03 ? 71  LCC A "C5'" 1 
HETATM 111 C  "C4'" . LCC A 1 6 ? -3.912  -18.357 -0.666  1.00 28.15 ? 71  LCC A "C4'" 1 
HETATM 112 O  "O4'" . LCC A 1 6 ? -3.189  -17.103 -0.633  1.00 28.53 ? 71  LCC A "O4'" 1 
HETATM 113 C  "C1'" . LCC A 1 6 ? -2.231  -17.200 -1.700  1.00 27.08 ? 71  LCC A "C1'" 1 
HETATM 114 N  N1    . LCC A 1 6 ? -0.875  -16.995 -1.169  1.00 25.21 ? 71  LCC A N1    1 
HETATM 115 C  C6    . LCC A 1 6 ? -0.557  -17.022 0.178   1.00 23.73 ? 71  LCC A C6    1 
HETATM 116 C  C5    . LCC A 1 6 ? 0.693   -16.836 0.651   1.00 22.60 ? 71  LCC A C5    1 
HETATM 117 C  C5M   . LCC A 1 6 ? 1.034   -16.847 2.143   1.00 23.65 ? 71  LCC A C5M   1 
HETATM 118 C  C4    . LCC A 1 6 ? 1.728   -16.624 -0.319  1.00 22.61 ? 71  LCC A C4    1 
HETATM 119 N  N4    . LCC A 1 6 ? 3.017   -16.447 -0.014  1.00 22.83 ? 71  LCC A N4    1 
HETATM 120 N  N3    . LCC A 1 6 ? 1.368   -16.608 -1.596  1.00 23.82 ? 71  LCC A N3    1 
HETATM 121 C  C2    . LCC A 1 6 ? 0.125   -16.794 -2.120  1.00 25.40 ? 71  LCC A C2    1 
HETATM 122 O  O2    . LCC A 1 6 ? -0.132  -16.794 -3.337  1.00 22.83 ? 71  LCC A O2    1 
HETATM 123 C  "C3'" . LCC A 1 6 ? -2.815  -19.361 -0.989  1.00 26.82 ? 71  LCC A "C3'" 1 
HETATM 124 C  "C2'" . LCC A 1 6 ? -2.410  -18.624 -2.239  1.00 25.91 ? 71  LCC A "C2'" 1 
HETATM 125 O  "O2'" . LCC A 1 6 ? -3.710  -18.586 -2.943  1.00 26.42 ? 71  LCC A "O2'" 1 
HETATM 126 O  "O3'" . LCC A 1 6 ? -3.272  -20.699 -1.116  1.00 25.79 ? 71  LCC A "O3'" 1 
HETATM 127 C  "C6'" . LCC A 1 6 ? -4.759  -18.303 -1.941  1.00 30.12 ? 71  LCC A "C6'" 1 
HETATM 128 P  P     . LCC A 1 6 ? -4.092  -18.738 3.231   1.00 34.44 ? 71  LCC A P     1 
HETATM 129 O  O1P   . LCC A 1 6 ? -2.864  -18.769 4.013   1.00 33.15 ? 71  LCC A O1P   1 
HETATM 130 O  O2P   . LCC A 1 6 ? -4.975  -19.916 3.248   1.00 31.73 ? 71  LCC A O2P   1 
HETATM 131 O  "O5'" . LCC A 1 7 ? -1.673  -21.891 -2.499  1.00 26.24 ? 72  LCC A "O5'" 1 
HETATM 132 C  "C5'" . LCC A 1 7 ? -2.364  -21.960 -3.755  1.00 26.01 ? 72  LCC A "C5'" 1 
HETATM 133 C  "C4'" . LCC A 1 7 ? -1.310  -21.660 -4.868  1.00 23.47 ? 72  LCC A "C4'" 1 
HETATM 134 O  "O4'" . LCC A 1 7 ? -0.714  -20.342 -4.727  1.00 24.30 ? 72  LCC A "O4'" 1 
HETATM 135 C  "C1'" . LCC A 1 7 ? 0.567   -20.339 -5.379  1.00 23.50 ? 72  LCC A "C1'" 1 
HETATM 136 N  N1    . LCC A 1 7 ? 1.644   -20.022 -4.425  1.00 22.52 ? 72  LCC A N1    1 
HETATM 137 C  C6    . LCC A 1 7 ? 1.432   -20.057 -3.049  1.00 21.97 ? 72  LCC A C6    1 
HETATM 138 C  C5    . LCC A 1 7 ? 2.386   -19.815 -2.168  1.00 22.60 ? 72  LCC A C5    1 
HETATM 139 C  C5M   . LCC A 1 7 ? 2.192   -19.851 -0.644  1.00 26.40 ? 72  LCC A C5M   1 
HETATM 140 C  C4    . LCC A 1 7 ? 3.656   -19.497 -2.700  1.00 21.32 ? 72  LCC A C4    1 
HETATM 141 N  N4    . LCC A 1 7 ? 4.701   -19.226 -1.903  1.00 19.46 ? 72  LCC A N4    1 
HETATM 142 N  N3    . LCC A 1 7 ? 3.806   -19.498 -4.034  1.00 23.45 ? 72  LCC A N3    1 
HETATM 143 C  C2    . LCC A 1 7 ? 2.898   -19.746 -4.979  1.00 22.86 ? 72  LCC A C2    1 
HETATM 144 O  O2    . LCC A 1 7 ? 3.123   -19.726 -6.227  1.00 23.00 ? 72  LCC A O2    1 
HETATM 145 C  "C3'" . LCC A 1 7 ? -0.100  -22.596 -4.885  1.00 23.87 ? 72  LCC A "C3'" 1 
HETATM 146 C  "C2'" . LCC A 1 7 ? 0.663   -21.757 -5.901  1.00 24.24 ? 72  LCC A "C2'" 1 
HETATM 147 O  "O2'" . LCC A 1 7 ? -0.346  -21.708 -6.958  1.00 25.63 ? 72  LCC A "O2'" 1 
HETATM 148 O  "O3'" . LCC A 1 7 ? -0.330  -24.000 -5.235  1.00 21.13 ? 72  LCC A "O3'" 1 
HETATM 149 C  "C6'" . LCC A 1 7 ? -1.701  -21.649 -6.313  1.00 26.61 ? 72  LCC A "C6'" 1 
HETATM 150 P  P     . LCC A 1 7 ? -2.337  -21.973 -1.042  1.00 27.37 ? 72  LCC A P     1 
HETATM 151 O  O1P   . LCC A 1 7 ? -1.191  -21.829 -0.166  1.00 27.20 ? 72  LCC A O1P   1 
HETATM 152 O  O2P   . LCC A 1 7 ? -3.260  -23.120 -1.119  1.00 28.99 ? 72  LCC A O2P   1 
HETATM 153 O  "O5'" . LCG B 2 1 ? 13.920  -15.944 -6.922  1.00 33.59 ? 1   LCG B "O5'" 1 
HETATM 154 C  "C5'" . LCG B 2 1 ? 13.873  -16.333 -8.262  1.00 30.76 ? 1   LCG B "C5'" 1 
HETATM 155 C  "C3'" . LCG B 2 1 ? 11.300  -15.803 -8.277  1.00 25.87 ? 1   LCG B "C3'" 1 
HETATM 156 C  "C6'" . LCG B 2 1 ? 12.206  -17.161 -10.063 1.00 28.15 ? 1   LCG B "C6'" 1 
HETATM 157 N  N9    . LCG B 2 1 ? 10.113  -18.176 -6.660  1.00 23.67 ? 1   LCG B N9    1 
HETATM 158 C  C8    . LCG B 2 1 ? 10.766  -17.969 -5.468  1.00 23.54 ? 1   LCG B C8    1 
HETATM 159 C  C4    . LCG B 2 1 ? 8.790   -18.403 -6.360  1.00 21.85 ? 1   LCG B C4    1 
HETATM 160 N  N7    . LCG B 2 1 ? 9.964   -18.125 -4.420  1.00 26.45 ? 1   LCG B N7    1 
HETATM 161 C  C5    . LCG B 2 1 ? 8.711   -18.388 -4.982  1.00 24.51 ? 1   LCG B C5    1 
HETATM 162 C  C6    . LCG B 2 1 ? 7.437   -18.616 -4.398  1.00 25.71 ? 1   LCG B C6    1 
HETATM 163 C  "C2'" . LCG B 2 1 ? 10.299  -16.809 -8.756  1.00 25.61 ? 1   LCG B "C2'" 1 
HETATM 164 O  O6    . LCG B 2 1 ? 7.138   -18.630 -3.206  1.00 26.54 ? 1   LCG B O6    1 
HETATM 165 C  "C4'" . LCG B 2 1 ? 12.453  -16.739 -8.624  1.00 26.12 ? 1   LCG B "C4'" 1 
HETATM 166 C  "C1'" . LCG B 2 1 ? 10.663  -18.105 -8.005  1.00 23.75 ? 1   LCG B "C1'" 1 
HETATM 167 C  C2    . LCG B 2 1 ? 6.621   -18.859 -6.700  1.00 23.09 ? 1   LCG B C2    1 
HETATM 168 N  N1    . LCG B 2 1 ? 6.431   -18.860 -5.372  1.00 23.07 ? 1   LCG B N1    1 
HETATM 169 O  "O4'" . LCG B 2 1 ? 12.067  -17.933 -7.929  1.00 27.44 ? 1   LCG B "O4'" 1 
HETATM 170 N  N2    . LCG B 2 1 ? 5.542   -19.117 -7.430  1.00 19.43 ? 1   LCG B N2    1 
HETATM 171 N  N3    . LCG B 2 1 ? 7.795   -18.645 -7.280  1.00 21.25 ? 1   LCG B N3    1 
HETATM 172 O  "O2'" . LCG B 2 1 ? 10.725  -17.000 -10.168 1.00 24.73 ? 1   LCG B "O2'" 1 
HETATM 173 O  "O3'" . LCG B 2 1 ? 11.328  -14.558 -9.013  1.00 21.96 ? 1   LCG B "O3'" 1 
HETATM 174 P  P     . LCG B 2 2 ? 10.687  -13.208 -8.521  1.00 25.89 ? 2   LCG B P     1 
HETATM 175 O  OP1   . LCG B 2 2 ? 11.027  -12.232 -9.588  1.00 25.42 ? 2   LCG B OP1   1 
HETATM 176 O  "O5'" . LCG B 2 2 ? 9.107   -13.580 -8.615  1.00 22.96 ? 2   LCG B "O5'" 1 
HETATM 177 C  "C5'" . LCG B 2 2 ? 8.524   -13.962 -9.860  1.00 22.38 ? 2   LCG B "C5'" 1 
HETATM 178 C  "C3'" . LCG B 2 2 ? 6.136   -13.563 -8.828  1.00 22.44 ? 2   LCG B "C3'" 1 
HETATM 179 C  "C6'" . LCG B 2 2 ? 6.249   -14.887 -10.860 1.00 20.05 ? 2   LCG B "C6'" 1 
HETATM 180 N  N9    . LCG B 2 2 ? 5.939   -15.639 -6.709  1.00 21.00 ? 2   LCG B N9    1 
HETATM 181 C  C8    . LCG B 2 2 ? 7.031   -15.358 -5.959  1.00 23.98 ? 2   LCG B C8    1 
HETATM 182 C  C4    . LCG B 2 2 ? 4.879   -15.886 -5.839  1.00 20.21 ? 2   LCG B C4    1 
HETATM 183 N  N7    . LCG B 2 2 ? 6.740   -15.366 -4.683  1.00 21.51 ? 2   LCG B N7    1 
HETATM 184 C  C5    . LCG B 2 2 ? 5.383   -15.701 -4.612  1.00 22.73 ? 2   LCG B C5    1 
HETATM 185 C  C6    . LCG B 2 2 ? 4.482   -15.855 -3.528  1.00 21.69 ? 2   LCG B C6    1 
HETATM 186 C  "C2'" . LCG B 2 2 ? 5.080   -14.627 -8.881  1.00 19.16 ? 2   LCG B "C2'" 1 
HETATM 187 O  O6    . LCG B 2 2 ? 4.695   -15.731 -2.359  1.00 23.76 ? 2   LCG B O6    1 
HETATM 188 C  "C4'" . LCG B 2 2 ? 7.069   -14.419 -9.660  1.00 21.40 ? 2   LCG B "C4'" 1 
HETATM 189 C  "C1'" . LCG B 2 2 ? 5.833   -15.753 -8.191  1.00 23.70 ? 2   LCG B "C1'" 1 
HETATM 190 C  C2    . LCG B 2 2 ? 2.794   -16.323 -5.138  1.00 21.77 ? 2   LCG B C2    1 
HETATM 191 N  N1    . LCG B 2 2 ? 3.197   -16.152 -3.879  1.00 20.21 ? 2   LCG B N1    1 
HETATM 192 O  "O4'" . LCG B 2 2 ? 7.116   -15.509 -8.701  1.00 22.18 ? 2   LCG B "O4'" 1 
HETATM 193 O  OP2   . LCG B 2 2 ? 11.013  -12.951 -7.134  1.00 25.87 ? 2   LCG B OP2   1 
HETATM 194 N  N2    . LCG B 2 2 ? 1.491   -16.634 -5.296  1.00 21.41 ? 2   LCG B N2    1 
HETATM 195 N  N3    . LCG B 2 2 ? 3.598   -16.191 -6.178  1.00 20.20 ? 2   LCG B N3    1 
HETATM 196 O  "O2'" . LCG B 2 2 ? 4.909   -15.067 -10.286 1.00 23.31 ? 2   LCG B "O2'" 1 
HETATM 197 O  "O3'" . LCG B 2 2 ? 5.823   -12.377 -9.535  1.00 22.85 ? 2   LCG B "O3'" 1 
HETATM 198 P  P     . TLN B 2 3 ? 4.937   -11.185 -9.033  1.00 25.99 ? 3   TLN B P     1 
HETATM 199 O  OP1   . TLN B 2 3 ? 4.661   -10.300 -10.190 1.00 25.46 ? 3   TLN B OP1   1 
HETATM 200 O  OP2   . TLN B 2 3 ? 5.496   -10.654 -7.802  1.00 24.10 ? 3   TLN B OP2   1 
HETATM 201 O  "O5'" . TLN B 2 3 ? 3.531   -11.853 -8.703  1.00 24.53 ? 3   TLN B "O5'" 1 
HETATM 202 C  "C5'" . TLN B 2 3 ? 2.590   -12.254 -9.646  1.00 25.48 ? 3   TLN B "C5'" 1 
HETATM 203 C  "C4'" . TLN B 2 3 ? 1.302   -12.508 -8.839  1.00 25.08 ? 3   TLN B "C4'" 1 
HETATM 204 O  "O4'" . TLN B 2 3 ? 1.542   -13.515 -7.834  1.00 22.94 ? 3   TLN B "O4'" 1 
HETATM 205 C  "C1'" . TLN B 2 3 ? 0.528   -13.372 -6.855  1.00 22.98 ? 3   TLN B "C1'" 1 
HETATM 206 N  N1    . TLN B 2 3 ? 1.226   -13.191 -5.544  1.00 20.67 ? 3   TLN B N1    1 
HETATM 207 C  C6    . TLN B 2 3 ? 2.585   -12.906 -5.491  1.00 20.21 ? 3   TLN B C6    1 
HETATM 208 C  C5    . TLN B 2 3 ? 3.265   -12.764 -4.309  1.00 20.39 ? 3   TLN B C5    1 
HETATM 209 C  C5M   . TLN B 2 3 ? 4.736   -12.436 -4.369  1.00 24.09 ? 3   TLN B C5M   1 
HETATM 210 C  C4    . TLN B 2 3 ? 2.533   -12.976 -3.067  1.00 22.43 ? 3   TLN B C4    1 
HETATM 211 O  O4    . TLN B 2 3 ? 2.953   -12.895 -1.888  1.00 24.44 ? 3   TLN B O4    1 
HETATM 212 N  N3    . TLN B 2 3 ? 1.162   -13.252 -3.227  1.00 18.69 ? 3   TLN B N3    1 
HETATM 213 C  C2    . TLN B 2 3 ? 0.462   -13.402 -4.368  1.00 20.81 ? 3   TLN B C2    1 
HETATM 214 O  O2    . TLN B 2 3 ? -0.749  -13.640 -4.344  1.00 23.66 ? 3   TLN B O2    1 
HETATM 215 C  "C3'" . TLN B 2 3 ? 0.795   -11.399 -7.952  1.00 23.17 ? 3   TLN B "C3'" 1 
HETATM 216 C  "C2'" . TLN B 2 3 ? -0.328  -12.202 -7.352  1.00 24.26 ? 3   TLN B "C2'" 1 
HETATM 217 O  "O2'" . TLN B 2 3 ? -1.039  -12.729 -8.489  1.00 26.51 ? 3   TLN B "O2'" 1 
HETATM 218 O  "O3'" . TLN B 2 3 ? 0.392   -10.287 -8.736  1.00 25.93 ? 3   TLN B "O3'" 1 
HETATM 219 C  "C6'" . TLN B 2 3 ? 0.021   -12.997 -9.501  1.00 24.46 ? 3   TLN B "C6'" 1 
HETATM 220 P  P     . LCG B 2 4 ? 0.269   -8.847  -8.149  1.00 27.60 ? 4   LCG B P     1 
HETATM 221 O  OP1   . LCG B 2 4 ? -0.113  -7.909  -9.155  1.00 24.63 ? 4   LCG B OP1   1 
HETATM 222 O  "O5'" . LCG B 2 4 ? -1.006  -9.099  -7.177  1.00 25.88 ? 4   LCG B "O5'" 1 
HETATM 223 C  "C5'" . LCG B 2 4 ? -2.335  -9.265  -7.620  1.00 28.59 ? 4   LCG B "C5'" 1 
HETATM 224 C  "C3'" . LCG B 2 4 ? -3.225  -8.471  -5.347  1.00 26.91 ? 4   LCG B "C3'" 1 
HETATM 225 C  "C6'" . LCG B 2 4 ? -4.685  -9.814  -6.524  1.00 29.61 ? 4   LCG B "C6'" 1 
HETATM 226 N  N9    . LCG B 2 4 ? -1.880  -10.413 -3.423  1.00 28.52 ? 4   LCG B N9    1 
HETATM 227 C  C8    . LCG B 2 4 ? -0.552  -10.207 -3.763  1.00 27.98 ? 4   LCG B C8    1 
HETATM 228 C  C4    . LCG B 2 4 ? -1.926  -10.428 -2.037  1.00 29.40 ? 4   LCG B C4    1 
HETATM 229 N  N7    . LCG B 2 4 ? 0.215   -10.116 -2.716  1.00 28.51 ? 4   LCG B N7    1 
HETATM 230 C  C5    . LCG B 2 4 ? -0.635  -10.249 -1.623  1.00 29.27 ? 4   LCG B C5    1 
HETATM 231 C  C6    . LCG B 2 4 ? -0.393  -10.239 -0.238  1.00 30.23 ? 4   LCG B C6    1 
HETATM 232 C  "C2'" . LCG B 2 4 ? -3.948  -9.335  -4.335  1.00 27.77 ? 4   LCG B "C2'" 1 
HETATM 233 O  O6    . LCG B 2 4 ? 0.685   -10.116 0.343   1.00 30.22 ? 4   LCG B O6    1 
HETATM 234 C  "C4'" . LCG B 2 4 ? -3.203  -9.548  -6.399  1.00 28.64 ? 4   LCG B "C4'" 1 
HETATM 235 C  "C1'" . LCG B 2 4 ? -3.065  -10.569 -4.308  1.00 28.00 ? 4   LCG B "C1'" 1 
HETATM 236 C  C2    . LCG B 2 4 ? -2.816  -10.585 -0.008  1.00 30.92 ? 4   LCG B C2    1 
HETATM 237 N  N1    . LCG B 2 4 ? -1.556  -10.410 0.499   1.00 29.32 ? 4   LCG B N1    1 
HETATM 238 O  "O4'" . LCG B 2 4 ? -2.682  -10.693 -5.668  1.00 27.70 ? 4   LCG B "O4'" 1 
HETATM 239 O  OP2   . LCG B 2 4 ? 1.407   -8.493  -7.291  1.00 24.71 ? 4   LCG B OP2   1 
HETATM 240 N  N2    . LCG B 2 4 ? -3.870  -10.722 0.840   1.00 31.76 ? 4   LCG B N2    1 
HETATM 241 N  N3    . LCG B 2 4 ? -3.067  -10.589 -1.287  1.00 31.58 ? 4   LCG B N3    1 
HETATM 242 O  "O2'" . LCG B 2 4 ? -5.144  -9.668  -5.103  1.00 28.40 ? 4   LCG B "O2'" 1 
HETATM 243 O  "O3'" . LCG B 2 4 ? -3.916  -7.320  -5.847  1.00 31.29 ? 4   LCG B "O3'" 1 
HETATM 244 P  P     . LCA B 2 5 ? -3.815  -5.904  -5.147  1.00 32.36 ? 5   LCA B P     1 
HETATM 245 O  O1P   . LCA B 2 5 ? -4.658  -5.020  -5.995  1.00 30.08 ? 5   LCA B O1P   1 
HETATM 246 O  "O5'" . LCA B 2 5 ? -4.422  -6.133  -3.688  1.00 33.59 ? 5   LCA B "O5'" 1 
HETATM 247 C  "C5'" . LCA B 2 5 ? -5.816  -6.394  -3.489  1.00 33.40 ? 5   LCA B "C5'" 1 
HETATM 248 C  "C3'" . LCA B 2 5 ? -5.661  -5.462  -1.074  1.00 32.74 ? 5   LCA B "C3'" 1 
HETATM 249 C  "C6'" . LCA B 2 5 ? -7.485  -6.846  -1.572  1.00 35.13 ? 5   LCA B "C6'" 1 
HETATM 250 N  N9    . LCA B 2 5 ? -3.650  -7.304  0.196   1.00 30.13 ? 5   LCA B N9    1 
HETATM 251 C  C8    . LCA B 2 5 ? -2.644  -7.162  -0.732  1.00 27.95 ? 5   LCA B C8    1 
HETATM 252 C  C4    . LCA B 2 5 ? -3.082  -7.332  1.445   1.00 29.97 ? 5   LCA B C4    1 
HETATM 253 N  N7    . LCA B 2 5 ? -1.466  -7.100  -0.160  1.00 31.25 ? 5   LCA B N7    1 
HETATM 254 C  C5    . LCA B 2 5 ? -1.735  -7.201  1.220   1.00 29.23 ? 5   LCA B C5    1 
HETATM 255 C  C6    . LCA B 2 5 ? -0.909  -7.222  2.355   1.00 30.63 ? 5   LCA B C6    1 
HETATM 256 C  "C2'" . LCA B 2 5 ? -5.957  -6.205  0.192   1.00 30.99 ? 5   LCA B "C2'" 1 
HETATM 257 N  N6    . LCA B 2 5 ? 0.412   -7.093  2.269   1.00 25.20 ? 5   LCA B N6    1 
HETATM 258 C  "C4'" . LCA B 2 5 ? -6.060  -6.597  -2.016  1.00 33.44 ? 5   LCA B "C4'" 1 
HETATM 259 C  "C1'" . LCA B 2 5 ? -5.082  -7.437  -0.061  1.00 32.27 ? 5   LCA B "C1'" 1 
HETATM 260 C  C2    . LCA B 2 5 ? -2.835  -7.457  3.616   1.00 31.72 ? 5   LCA B C2    1 
HETATM 261 N  N1    . LCA B 2 5 ? -1.518  -7.354  3.574   1.00 30.15 ? 5   LCA B N1    1 
HETATM 262 O  "O4'" . LCA B 2 5 ? -5.225  -7.660  -1.455  1.00 31.83 ? 5   LCA B "O4'" 1 
HETATM 263 O  O2P   . LCA B 2 5 ? -2.417  -5.583  -4.854  1.00 34.41 ? 5   LCA B O2P   1 
HETATM 264 N  N3    . LCA B 2 5 ? -3.731  -7.458  2.638   1.00 32.09 ? 5   LCA B N3    1 
HETATM 265 O  "O3'" . LCA B 2 5 ? -6.421  -4.290  -1.314  1.00 30.72 ? 5   LCA B "O3'" 1 
HETATM 266 O  "O2'" . LCA B 2 5 ? -7.291  -6.675  -0.121  1.00 35.05 ? 5   LCA B "O2'" 1 
HETATM 267 P  P     . LCG B 2 6 ? -5.947  -2.830  -0.900  1.00 31.35 ? 6   LCG B P     1 
HETATM 268 O  OP1   . LCG B 2 6 ? -6.985  -1.916  -1.395  1.00 32.07 ? 6   LCG B OP1   1 
HETATM 269 O  "O5'" . LCG B 2 6 ? -5.860  -2.879  0.686   1.00 28.62 ? 6   LCG B "O5'" 1 
HETATM 270 C  "C5'" . LCG B 2 6 ? -7.040  -3.056  1.490   1.00 31.94 ? 6   LCG B "C5'" 1 
HETATM 271 C  "C3'" . LCG B 2 6 ? -5.817  -2.052  3.539   1.00 29.23 ? 6   LCG B "C3'" 1 
HETATM 272 C  "C6'" . LCG B 2 6 ? -7.821  -3.097  4.025   1.00 30.34 ? 6   LCG B "C6'" 1 
HETATM 273 N  N9    . LCG B 2 6 ? -3.602  -4.034  3.964   1.00 30.76 ? 6   LCG B N9    1 
HETATM 274 C  C8    . LCG B 2 6 ? -3.076  -4.075  2.681   1.00 29.51 ? 6   LCG B C8    1 
HETATM 275 C  C4    . LCG B 2 6 ? -2.499  -3.928  4.802   1.00 31.13 ? 6   LCG B C4    1 
HETATM 276 N  N7    . LCG B 2 6 ? -1.775  -4.074  2.660   1.00 28.56 ? 6   LCG B N7    1 
HETATM 277 C  C5    . LCG B 2 6 ? -1.377  -3.977  3.987   1.00 29.63 ? 6   LCG B C5    1 
HETATM 278 C  C6    . LCG B 2 6 ? -0.087  -3.947  4.616   1.00 30.42 ? 6   LCG B C6    1 
HETATM 279 C  "C2'" . LCG B 2 6 ? -5.600  -2.708  4.878   1.00 29.65 ? 6   LCG B "C2'" 1 
HETATM 280 O  O6    . LCG B 2 6 ? 1.035   -3.976  4.119   1.00 30.90 ? 6   LCG B O6    1 
HETATM 281 C  "C4'" . LCG B 2 6 ? -6.715  -3.122  2.969   1.00 28.48 ? 6   LCG B "C4'" 1 
HETATM 282 C  "C1'" . LCG B 2 6 ? -5.037  -4.023  4.367   1.00 30.44 ? 6   LCG B "C1'" 1 
HETATM 283 C  C2    . LCG B 2 6 ? -1.340  -3.824  6.740   1.00 33.54 ? 6   LCG B C2    1 
HETATM 284 N  N1    . LCG B 2 6 ? -0.154  -3.860  6.013   1.00 31.18 ? 6   LCG B N1    1 
HETATM 285 O  "O4'" . LCG B 2 6 ? -5.931  -4.284  3.291   1.00 27.97 ? 6   LCG B "O4'" 1 
HETATM 286 O  OP2   . LCG B 2 6 ? -4.529  -2.507  -1.212  1.00 30.21 ? 6   LCG B OP2   1 
HETATM 287 N  N2    . LCG B 2 6 ? -1.264  -3.737  8.110   1.00 28.44 ? 6   LCG B N2    1 
HETATM 288 N  N3    . LCG B 2 6 ? -2.531  -3.863  6.171   1.00 29.88 ? 6   LCG B N3    1 
HETATM 289 O  "O2'" . LCG B 2 6 ? -6.957  -3.081  5.233   1.00 29.09 ? 6   LCG B "O2'" 1 
HETATM 290 O  "O3'" . LCG B 2 6 ? -6.499  -0.791  3.488   1.00 30.82 ? 6   LCG B "O3'" 1 
HETATM 291 P  P     . LCG B 2 7 ? -5.749  0.586   3.664   1.00 31.16 ? 7   LCG B P     1 
HETATM 292 O  OP1   . LCG B 2 7 ? -6.736  1.635   3.645   1.00 31.42 ? 7   LCG B OP1   1 
HETATM 293 O  "O5'" . LCG B 2 7 ? -4.951  0.581   5.035   1.00 30.47 ? 7   LCG B "O5'" 1 
HETATM 294 C  "C5'" . LCG B 2 7 ? -5.713  0.583   6.231   1.00 30.44 ? 7   LCG B "C5'" 1 
HETATM 295 C  "C3'" . LCG B 2 7 ? -3.698  1.536   7.674   1.00 32.45 ? 7   LCG B "C3'" 1 
HETATM 296 C  "C6'" . LCG B 2 7 ? -5.329  0.405   8.887   1.00 31.95 ? 7   LCG B "C6'" 1 
HETATM 297 N  N9    . LCG B 2 7 ? -1.670  -0.543  7.036   1.00 30.88 ? 7   LCG B N9    1 
HETATM 298 C  C8    . LCG B 2 7 ? -1.787  -0.691  5.677   1.00 30.91 ? 7   LCG B C8    1 
HETATM 299 C  C4    . LCG B 2 7 ? -0.322  -0.549  7.342   1.00 30.79 ? 7   LCG B C4    1 
HETATM 300 N  N7    . LCG B 2 7 ? -0.636  -0.765  5.087   1.00 30.40 ? 7   LCG B N7    1 
HETATM 301 C  C5    . LCG B 2 7 ? 0.320   -0.690  6.120   1.00 29.17 ? 7   LCG B C5    1 
HETATM 302 C  C6    . LCG B 2 7 ? 1.722   -0.746  6.122   1.00 29.83 ? 7   LCG B C6    1 
HETATM 303 C  "C2'" . LCG B 2 7 ? -2.967  0.826   8.787   1.00 31.85 ? 7   LCG B "C2'" 1 
HETATM 304 O  O6    . LCG B 2 7 ? 2.543   -0.863  5.178   1.00 32.37 ? 7   LCG B O6    1 
HETATM 305 C  "C4'" . LCG B 2 7 ? -4.808  0.533   7.430   1.00 30.68 ? 7   LCG B "C4'" 1 
HETATM 306 C  "C1'" . LCG B 2 7 ? -2.789  -0.458  8.008   1.00 32.87 ? 7   LCG B "C1'" 1 
HETATM 307 C  C2    . LCG B 2 7 ? 1.517   -0.477  8.586   1.00 29.77 ? 7   LCG B C2    1 
HETATM 308 N  N1    . LCG B 2 7 ? 2.245   -0.621  7.417   1.00 29.22 ? 7   LCG B N1    1 
HETATM 309 O  "O4'" . LCG B 2 7 ? -4.021  -0.660  7.273   1.00 30.04 ? 7   LCG B "O4'" 1 
HETATM 310 O  OP2   . LCG B 2 7 ? -4.701  0.713   2.597   1.00 33.94 ? 7   LCG B OP2   1 
HETATM 311 N  N2    . LCG B 2 7 ? 2.213   -0.386  9.742   1.00 28.93 ? 7   LCG B N2    1 
HETATM 312 N  N3    . LCG B 2 7 ? 0.198   -0.406  8.576   1.00 28.63 ? 7   LCG B N3    1 
HETATM 313 O  "O2'" . LCG B 2 7 ? -4.077  0.423   9.696   1.00 33.47 ? 7   LCG B "O2'" 1 
HETATM 314 O  "O3'" . LCG B 2 7 ? -4.109  2.856   8.039   1.00 35.76 ? 7   LCG B "O3'" 1 
HETATM 315 O  "O5'" . LCC C 1 1 ? 2.205   4.918   13.606  1.00 46.55 ? 66  LCC C "O5'" 1 
HETATM 316 C  "C5'" . LCC C 1 1 ? 3.382   4.532   14.279  1.00 45.45 ? 66  LCC C "C5'" 1 
HETATM 317 C  "C4'" . LCC C 1 1 ? 4.448   4.312   13.219  1.00 44.73 ? 66  LCC C "C4'" 1 
HETATM 318 O  "O4'" . LCC C 1 1 ? 4.040   3.149   12.460  1.00 43.02 ? 66  LCC C "O4'" 1 
HETATM 319 C  "C1'" . LCC C 1 1 ? 4.824   3.242   11.262  1.00 42.36 ? 66  LCC C "C1'" 1 
HETATM 320 N  N1    . LCC C 1 1 ? 3.984   3.072   10.067  1.00 39.52 ? 66  LCC C N1    1 
HETATM 321 C  C6    . LCC C 1 1 ? 2.617   3.203   10.081  1.00 38.76 ? 66  LCC C C6    1 
HETATM 322 C  C5    . LCC C 1 1 ? 1.856   3.014   8.991   1.00 36.68 ? 66  LCC C C5    1 
HETATM 323 C  C5M   . LCC C 1 1 ? 0.358   3.153   9.037   1.00 35.66 ? 66  LCC C C5M   1 
HETATM 324 C  C4    . LCC C 1 1 ? 2.548   2.717   7.753   1.00 35.58 ? 66  LCC C C4    1 
HETATM 325 N  N4    . LCC C 1 1 ? 2.036   2.500   6.543   1.00 32.39 ? 66  LCC C N4    1 
HETATM 326 N  N3    . LCC C 1 1 ? 3.863   2.612   7.812   1.00 35.81 ? 66  LCC C N3    1 
HETATM 327 C  C2    . LCC C 1 1 ? 4.659   2.782   8.870   1.00 38.61 ? 66  LCC C C2    1 
HETATM 328 O  O2    . LCC C 1 1 ? 5.880   2.652   8.768   1.00 39.00 ? 66  LCC C O2    1 
HETATM 329 C  "C3'" . LCC C 1 1 ? 4.486   5.324   12.079  1.00 43.80 ? 66  LCC C "C3'" 1 
HETATM 330 C  "C2'" . LCC C 1 1 ? 5.561   4.583   11.327  1.00 42.60 ? 66  LCC C "C2'" 1 
HETATM 331 O  "O2'" . LCC C 1 1 ? 6.651   4.366   12.264  1.00 44.93 ? 66  LCC C "O2'" 1 
HETATM 332 O  "O3'" . LCC C 1 1 ? 4.797   6.654   12.504  1.00 45.76 ? 66  LCC C "O3'" 1 
HETATM 333 C  "C6'" . LCC C 1 1 ? 5.945   4.105   13.549  1.00 45.06 ? 66  LCC C "C6'" 1 
HETATM 334 O  "O5'" . LCC C 1 2 ? 5.946   7.603   10.389  1.00 46.43 ? 67  LCC C "O5'" 1 
HETATM 335 C  "C5'" . LCC C 1 2 ? 7.353   7.580   10.590  1.00 44.42 ? 67  LCC C "C5'" 1 
HETATM 336 C  "C4'" . LCC C 1 2 ? 8.003   7.243   9.260   1.00 43.42 ? 67  LCC C "C4'" 1 
HETATM 337 O  "O4'" . LCC C 1 2 ? 7.479   5.973   8.779   1.00 42.95 ? 67  LCC C "O4'" 1 
HETATM 338 C  "C1'" . LCC C 1 2 ? 7.554   6.047   7.369   1.00 41.15 ? 67  LCC C "C1'" 1 
HETATM 339 N  N1    . LCC C 1 2 ? 6.246   5.946   6.694   1.00 37.62 ? 67  LCC C N1    1 
HETATM 340 C  C6    . LCC C 1 2 ? 5.056   6.197   7.304   1.00 34.24 ? 67  LCC C C6    1 
HETATM 341 C  C5    . LCC C 1 2 ? 3.888   6.082   6.684   1.00 34.31 ? 67  LCC C C5    1 
HETATM 342 C  C5M   . LCC C 1 2 ? 2.573   6.374   7.345   1.00 35.36 ? 67  LCC C C5M   1 
HETATM 343 C  C4    . LCC C 1 2 ? 3.867   5.669   5.313   1.00 33.86 ? 67  LCC C C4    1 
HETATM 344 N  N4    . LCC C 1 2 ? 2.775   5.543   4.589   1.00 31.32 ? 67  LCC C N4    1 
HETATM 345 N  N3    . LCC C 1 2 ? 5.057   5.432   4.739   1.00 35.32 ? 67  LCC C N3    1 
HETATM 346 C  C2    . LCC C 1 2 ? 6.275   5.546   5.347   1.00 37.91 ? 67  LCC C C2    1 
HETATM 347 O  O2    . LCC C 1 2 ? 7.330   5.299   4.725   1.00 39.18 ? 67  LCC C O2    1 
HETATM 348 C  "C3'" . LCC C 1 2 ? 7.616   8.139   8.095   1.00 43.18 ? 67  LCC C "C3'" 1 
HETATM 349 C  "C2'" . LCC C 1 2 ? 8.376   7.303   7.102   1.00 42.19 ? 67  LCC C "C2'" 1 
HETATM 350 O  "O2'" . LCC C 1 2 ? 9.667   6.923   7.678   1.00 43.11 ? 67  LCC C "O2'" 1 
HETATM 351 O  "O3'" . LCC C 1 2 ? 8.015   9.507   8.222   1.00 43.55 ? 67  LCC C "O3'" 1 
HETATM 352 C  "C6'" . LCC C 1 2 ? 9.518   7.113   9.140   1.00 42.53 ? 67  LCC C "C6'" 1 
HETATM 353 P  P     . LCC C 1 2 ? 4.823   7.927   11.527  1.00 47.63 ? 67  LCC C P     1 
HETATM 354 O  O1P   . LCC C 1 2 ? 3.548   8.148   10.838  1.00 44.32 ? 67  LCC C O1P   1 
HETATM 355 O  O2P   . LCC C 1 2 ? 5.404   9.025   12.351  1.00 48.52 ? 67  LCC C O2P   1 
HETATM 356 P  P     . TLN C 1 3 ? 7.387   10.727  7.377   1.00 46.33 ? 68  TLN C P     1 
HETATM 357 O  OP1   . TLN C 1 3 ? 8.064   11.953  7.822   1.00 46.63 ? 68  TLN C OP1   1 
HETATM 358 O  OP2   . TLN C 1 3 ? 5.909   10.744  7.254   1.00 45.71 ? 68  TLN C OP2   1 
HETATM 359 O  "O5'" . TLN C 1 3 ? 7.879   10.426  5.877   1.00 44.30 ? 68  TLN C "O5'" 1 
HETATM 360 C  "C5'" . TLN C 1 3 ? 9.250   10.218  5.553   1.00 42.20 ? 68  TLN C "C5'" 1 
HETATM 361 C  "C4'" . TLN C 1 3 ? 9.225   9.889   4.089   1.00 39.56 ? 68  TLN C "C4'" 1 
HETATM 362 O  "O4'" . TLN C 1 3 ? 8.506   8.641   3.923   1.00 37.98 ? 68  TLN C "O4'" 1 
HETATM 363 C  "C1'" . TLN C 1 3 ? 7.952   8.657   2.606   1.00 39.06 ? 68  TLN C "C1'" 1 
HETATM 364 N  N1    . TLN C 1 3 ? 6.486   8.567   2.638   1.00 38.28 ? 68  TLN C N1    1 
HETATM 365 C  C6    . TLN C 1 3 ? 5.789   8.901   3.780   1.00 38.16 ? 68  TLN C C6    1 
HETATM 366 C  C5    . TLN C 1 3 ? 4.458   8.846   3.855   1.00 36.55 ? 68  TLN C C5    1 
HETATM 367 C  C5M   . TLN C 1 3 ? 3.719   9.218   5.110   1.00 36.14 ? 68  TLN C C5M   1 
HETATM 368 C  C4    . TLN C 1 3 ? 3.745   8.416   2.719   1.00 37.80 ? 68  TLN C C4    1 
HETATM 369 O  O4    . TLN C 1 3 ? 2.525   8.318   2.665   1.00 39.72 ? 68  TLN C O4    1 
HETATM 370 N  N3    . TLN C 1 3 ? 4.514   8.098   1.606   1.00 38.18 ? 68  TLN C N3    1 
HETATM 371 C  C2    . TLN C 1 3 ? 5.873   8.149   1.493   1.00 37.94 ? 68  TLN C C2    1 
HETATM 372 O  O2    . TLN C 1 3 ? 6.492   7.864   0.458   1.00 36.52 ? 68  TLN C O2    1 
HETATM 373 C  "C3'" . TLN C 1 3 ? 8.366   10.759  3.218   1.00 40.14 ? 68  TLN C "C3'" 1 
HETATM 374 C  "C2'" . TLN C 1 3 ? 8.525   9.923   1.971   1.00 39.06 ? 68  TLN C "C2'" 1 
HETATM 375 O  "O2'" . TLN C 1 3 ? 9.997   9.782   1.919   1.00 39.41 ? 68  TLN C "O2'" 1 
HETATM 376 O  "O3'" . TLN C 1 3 ? 8.873   12.087  3.176   1.00 43.39 ? 68  TLN C "O3'" 1 
HETATM 377 C  "C6'" . TLN C 1 3 ? 10.526  9.804   3.293   1.00 39.48 ? 68  TLN C "C6'" 1 
HETATM 378 O  "O5'" . LCC C 1 4 ? 7.564   12.743  0.979   1.00 40.57 ? 69  LCC C "O5'" 1 
HETATM 379 C  "C5'" . LCC C 1 4 ? 8.470   12.844  -0.078  1.00 39.01 ? 69  LCC C "C5'" 1 
HETATM 380 C  "C4'" . LCC C 1 4 ? 7.822   12.355  -1.327  1.00 39.25 ? 69  LCC C "C4'" 1 
HETATM 381 O  "O4'" . LCC C 1 4 ? 7.076   11.167  -0.945  1.00 39.06 ? 69  LCC C "O4'" 1 
HETATM 382 C  "C1'" . LCC C 1 4 ? 6.064   11.050  -1.940  1.00 37.35 ? 69  LCC C "C1'" 1 
HETATM 383 N  N1    . LCC C 1 4 ? 4.730   11.023  -1.262  1.00 33.92 ? 69  LCC C N1    1 
HETATM 384 C  C6    . LCC C 1 4 ? 4.579   11.365  0.035   1.00 31.95 ? 69  LCC C C6    1 
HETATM 385 C  C5    . LCC C 1 4 ? 3.419   11.336  0.665   1.00 33.66 ? 69  LCC C C5    1 
HETATM 386 C  C5M   . LCC C 1 4 ? 3.346   11.691  2.118   1.00 32.80 ? 69  LCC C C5M   1 
HETATM 387 C  C4    . LCC C 1 4 ? 2.292   10.913  -0.075  1.00 31.20 ? 69  LCC C C4    1 
HETATM 388 N  N4    . LCC C 1 4 ? 1.068   10.813  0.433   1.00 34.03 ? 69  LCC C N4    1 
HETATM 389 N  N3    . LCC C 1 4 ? 2.459   10.595  -1.349  1.00 32.70 ? 69  LCC C N3    1 
HETATM 390 C  C2    . LCC C 1 4 ? 3.642   10.620  -2.015  1.00 33.14 ? 69  LCC C C2    1 
HETATM 391 O  O2    . LCC C 1 4 ? 3.777   10.345  -3.184  1.00 31.50 ? 69  LCC C O2    1 
HETATM 392 C  "C3'" . LCC C 1 4 ? 6.734   13.240  -1.879  1.00 38.81 ? 69  LCC C "C3'" 1 
HETATM 393 C  "C2'" . LCC C 1 4 ? 6.319   12.217  -2.884  1.00 39.13 ? 69  LCC C "C2'" 1 
HETATM 394 O  "O2'" . LCC C 1 4 ? 7.558   11.966  -3.606  1.00 42.51 ? 69  LCC C "O2'" 1 
HETATM 395 O  "O3'" . LCC C 1 4 ? 7.306   14.412  -2.445  1.00 41.02 ? 69  LCC C "O3'" 1 
HETATM 396 C  "C6'" . LCC C 1 4 ? 8.630   12.054  -2.596  1.00 39.90 ? 69  LCC C "C6'" 1 
HETATM 397 P  P     . LCC C 1 4 ? 8.026   13.232  2.446   1.00 44.37 ? 69  LCC C P     1 
HETATM 398 O  O1P   . LCC C 1 4 ? 6.914   13.424  3.403   1.00 46.69 ? 69  LCC C O1P   1 
HETATM 399 O  O2P   . LCC C 1 4 ? 8.931   14.370  2.134   1.00 46.04 ? 69  LCC C O2P   1 
HETATM 400 P  P     . LCA C 1 5 ? 6.470   15.778  -2.465  1.00 41.59 ? 70  LCA C P     1 
HETATM 401 O  O1P   . LCA C 1 5 ? 7.260   16.832  -3.159  1.00 45.64 ? 70  LCA C O1P   1 
HETATM 402 O  "O5'" . LCA C 1 5 ? 5.411   15.325  -3.537  1.00 38.29 ? 70  LCA C "O5'" 1 
HETATM 403 C  "C5'" . LCA C 1 5 ? 5.797   15.209  -4.874  1.00 35.32 ? 70  LCA C "C5'" 1 
HETATM 404 C  "C3'" . LCA C 1 5 ? 3.334   15.480  -5.612  1.00 31.64 ? 70  LCA C "C3'" 1 
HETATM 405 C  "C6'" . LCA C 1 5 ? 4.764   14.358  -7.164  1.00 34.32 ? 70  LCA C "C6'" 1 
HETATM 406 N  N9    . LCA C 1 5 ? 2.012   13.217  -4.328  1.00 29.01 ? 70  LCA C N9    1 
HETATM 407 C  C8    . LCA C 1 5 ? 2.341   13.543  -3.048  1.00 25.22 ? 70  LCA C C8    1 
HETATM 408 C  C4    . LCA C 1 5 ? 0.627   12.918  -4.328  1.00 27.55 ? 70  LCA C C4    1 
HETATM 409 N  N7    . LCA C 1 5 ? 1.350   13.454  -2.208  1.00 25.86 ? 70  LCA C N7    1 
HETATM 410 C  C5    . LCA C 1 5 ? 0.267   13.071  -2.992  1.00 26.75 ? 70  LCA C C5    1 
HETATM 411 C  C6    . LCA C 1 5 ? -1.070  12.808  -2.663  1.00 23.69 ? 70  LCA C C6    1 
HETATM 412 C  "C2'" . LCA C 1 5 ? 2.634   14.420  -6.403  1.00 30.93 ? 70  LCA C "C2'" 1 
HETATM 413 N  N6    . LCA C 1 5 ? -1.550  12.907  -1.404  1.00 26.56 ? 70  LCA C N6    1 
HETATM 414 C  "C4'" . LCA C 1 5 ? 4.627   14.692  -5.678  1.00 33.31 ? 70  LCA C "C4'" 1 
HETATM 415 C  "C1'" . LCA C 1 5 ? 2.909   13.227  -5.516  1.00 30.83 ? 70  LCA C "C1'" 1 
HETATM 416 C  C2    . LCA C 1 5 ? -1.434  12.364  -4.963  1.00 24.27 ? 70  LCA C C2    1 
HETATM 417 N  N1    . LCA C 1 5 ? -1.881  12.488  -3.693  1.00 23.78 ? 70  LCA C N1    1 
HETATM 418 O  "O4'" . LCA C 1 5 ? 4.246   13.462  -5.036  1.00 33.94 ? 70  LCA C "O4'" 1 
HETATM 419 O  O2P   . LCA C 1 5 ? 6.006   16.064  -1.086  1.00 41.04 ? 70  LCA C O2P   1 
HETATM 420 N  N3    . LCA C 1 5 ? -0.163  12.567  -5.384  1.00 27.93 ? 70  LCA C N3    1 
HETATM 421 O  "O3'" . LCA C 1 5 ? 3.555   16.689  -6.347  1.00 35.46 ? 70  LCA C "O3'" 1 
HETATM 422 O  "O2'" . LCA C 1 5 ? 3.369   14.285  -7.642  1.00 33.48 ? 70  LCA C "O2'" 1 
HETATM 423 O  "O5'" . LCC C 1 6 ? 1.258   17.605  -6.493  1.00 32.99 ? 71  LCC C "O5'" 1 
HETATM 424 C  "C5'" . LCC C 1 6 ? 1.073   17.226  -7.842  1.00 30.21 ? 71  LCC C "C5'" 1 
HETATM 425 C  "C4'" . LCC C 1 6 ? -0.329  16.703  -7.927  1.00 28.37 ? 71  LCC C "C4'" 1 
HETATM 426 O  "O4'" . LCC C 1 6 ? -0.520  15.612  -6.985  1.00 29.76 ? 71  LCC C "O4'" 1 
HETATM 427 C  "C1'" . LCC C 1 6 ? -1.925  15.494  -6.796  1.00 27.26 ? 71  LCC C "C1'" 1 
HETATM 428 N  N1    . LCC C 1 6 ? -2.197  15.603  -5.374  1.00 25.10 ? 71  LCC C N1    1 
HETATM 429 C  C6    . LCC C 1 6 ? -1.314  16.045  -4.449  1.00 22.62 ? 71  LCC C C6    1 
HETATM 430 C  C5    . LCC C 1 6 ? -1.612  16.135  -3.169  1.00 21.76 ? 71  LCC C C5    1 
HETATM 431 C  C5M   . LCC C 1 6 ? -0.648  16.573  -2.130  1.00 23.81 ? 71  LCC C C5M   1 
HETATM 432 C  C4    . LCC C 1 6 ? -2.916  15.764  -2.731  1.00 22.81 ? 71  LCC C C4    1 
HETATM 433 N  N4    . LCC C 1 6 ? -3.274  15.827  -1.450  1.00 23.89 ? 71  LCC C N4    1 
HETATM 434 N  N3    . LCC C 1 6 ? -3.773  15.361  -3.656  1.00 23.59 ? 71  LCC C N3    1 
HETATM 435 C  C2    . LCC C 1 6 ? -3.519  15.279  -5.012  1.00 25.49 ? 71  LCC C C2    1 
HETATM 436 O  O2    . LCC C 1 6 ? -4.307  14.900  -5.906  1.00 25.45 ? 71  LCC C O2    1 
HETATM 437 C  "C3'" . LCC C 1 6 ? -1.367  17.677  -7.432  1.00 27.83 ? 71  LCC C "C3'" 1 
HETATM 438 C  "C2'" . LCC C 1 6 ? -2.471  16.670  -7.582  1.00 26.21 ? 71  LCC C "C2'" 1 
HETATM 439 O  "O2'" . LCC C 1 6 ? -2.374  16.118  -8.908  1.00 27.89 ? 71  LCC C "O2'" 1 
HETATM 440 O  "O3'" . LCC C 1 6 ? -1.444  18.804  -8.296  1.00 28.49 ? 71  LCC C "O3'" 1 
HETATM 441 C  "C6'" . LCC C 1 6 ? -0.916  16.264  -9.249  1.00 31.08 ? 71  LCC C "C6'" 1 
HETATM 442 P  P     . LCC C 1 6 ? 2.726   18.043  -6.140  1.00 35.55 ? 71  LCC C P     1 
HETATM 443 O  O1P   . LCC C 1 6 ? 2.756   18.475  -4.712  1.00 32.86 ? 71  LCC C O1P   1 
HETATM 444 O  O2P   . LCC C 1 6 ? 3.099   18.916  -7.300  1.00 33.06 ? 71  LCC C O2P   1 
HETATM 445 O  "O5'" . LCC C 1 7 ? -3.598  19.769  -7.803  1.00 26.48 ? 72  LCC C "O5'" 1 
HETATM 446 C  "C5'" . LCC C 1 7 ? -4.321  19.455  -8.975  1.00 26.61 ? 72  LCC C "C5'" 1 
HETATM 447 C  "C4'" . LCC C 1 7 ? -5.715  19.012  -8.432  1.00 24.31 ? 72  LCC C "C4'" 1 
HETATM 448 O  "O4'" . LCC C 1 7 ? -5.658  17.904  -7.471  1.00 25.07 ? 72  LCC C "O4'" 1 
HETATM 449 C  "C1'" . LCC C 1 7 ? -6.924  17.835  -6.823  1.00 23.90 ? 72  LCC C "C1'" 1 
HETATM 450 N  N1    . LCC C 1 7 ? -6.666  18.005  -5.387  1.00 24.21 ? 72  LCC C N1    1 
HETATM 451 C  C6    . LCC C 1 7 ? -5.446  18.411  -4.893  1.00 22.41 ? 72  LCC C C6    1 
HETATM 452 C  C5    . LCC C 1 7 ? -5.202  18.593  -3.591  1.00 22.85 ? 72  LCC C C5    1 
HETATM 453 C  C5M   . LCC C 1 7 ? -3.881  19.069  -3.000  1.00 26.41 ? 72  LCC C C5M   1 
HETATM 454 C  C4    . LCC C 1 7 ? -6.255  18.256  -2.736  1.00 21.92 ? 72  LCC C C4    1 
HETATM 455 N  N4    . LCC C 1 7 ? -6.109  18.386  -1.435  1.00 20.01 ? 72  LCC C N4    1 
HETATM 456 N  N3    . LCC C 1 7 ? -7.446  17.884  -3.252  1.00 23.61 ? 72  LCC C N3    1 
HETATM 457 C  C2    . LCC C 1 7 ? -7.727  17.707  -4.541  1.00 22.80 ? 72  LCC C C2    1 
HETATM 458 O  O2    . LCC C 1 7 ? -8.828  17.339  -4.937  1.00 24.44 ? 72  LCC C O2    1 
HETATM 459 C  "C3'" . LCC C 1 7 ? -6.498  19.960  -7.550  1.00 24.37 ? 72  LCC C "C3'" 1 
HETATM 460 C  "C2'" . LCC C 1 7 ? -7.663  19.055  -7.318  1.00 25.04 ? 72  LCC C "C2'" 1 
HETATM 461 O  "O2'" . LCC C 1 7 ? -8.004  18.809  -8.699  1.00 26.74 ? 72  LCC C "O2'" 1 
HETATM 462 O  "O3'" . LCC C 1 7 ? -6.897  21.093  -8.271  1.00 24.66 ? 72  LCC C "O3'" 1 
HETATM 463 C  "C6'" . LCC C 1 7 ? -6.731  18.530  -9.434  1.00 26.84 ? 72  LCC C "C6'" 1 
HETATM 464 P  P     . LCC C 1 7 ? -2.069  20.169  -7.837  1.00 29.77 ? 72  LCC C P     1 
HETATM 465 O  O1P   . LCC C 1 7 ? -1.748  20.560  -6.445  1.00 27.78 ? 72  LCC C O1P   1 
HETATM 466 O  O2P   . LCC C 1 7 ? -1.884  21.142  -8.915  1.00 28.73 ? 72  LCC C O2P   1 
HETATM 467 O  "O5'" . LCG D 2 1 ? -14.889 14.863  4.619   1.00 32.38 ? 1   LCG D "O5'" 1 
HETATM 468 C  "C5'" . LCG D 2 1 ? -15.976 15.001  3.759   1.00 30.31 ? 1   LCG D "C5'" 1 
HETATM 469 C  "C3'" . LCG D 2 1 ? -14.468 14.369  1.715   1.00 24.99 ? 1   LCG D "C3'" 1 
HETATM 470 C  "C6'" . LCG D 2 1 ? -16.601 15.455  1.252   1.00 28.52 ? 1   LCG D "C6'" 1 
HETATM 471 N  N9    . LCG D 2 1 ? -12.658 16.745  1.150   1.00 23.35 ? 1   LCG D N9    1 
HETATM 472 C  C8    . LCG D 2 1 ? -11.936 16.855  2.323   1.00 23.30 ? 1   LCG D C8    1 
HETATM 473 C  C4    . LCG D 2 1 ? -11.766 16.908  0.126   1.00 22.25 ? 1   LCG D C4    1 
HETATM 474 N  N7    . LCG D 2 1 ? -10.637 17.048  2.143   1.00 25.99 ? 1   LCG D N7    1 
HETATM 475 C  C5    . LCG D 2 1 ? -10.542 17.099  0.732   1.00 25.46 ? 1   LCG D C5    1 
HETATM 476 C  C6    . LCG D 2 1 ? -9.430  17.304  -0.108  1.00 25.88 ? 1   LCG D C6    1 
HETATM 477 C  "C2'" . LCG D 2 1 ? -14.469 15.192  0.446   1.00 24.81 ? 1   LCG D "C2'" 1 
HETATM 478 O  O6    . LCG D 2 1 ? -8.263  17.472  0.257   1.00 25.84 ? 1   LCG D O6    1 
HETATM 479 C  "C4'" . LCG D 2 1 ? -15.501 15.286  2.316   1.00 25.92 ? 1   LCG D "C4'" 1 
HETATM 480 C  "C1'" . LCG D 2 1 ? -14.107 16.548  0.950   1.00 22.95 ? 1   LCG D "C1'" 1 
HETATM 481 C  C2    . LCG D 2 1 ? -11.018 17.068  -1.931  1.00 23.50 ? 1   LCG D C2    1 
HETATM 482 N  N1    . LCG D 2 1 ? -9.758  17.270  -1.441  1.00 23.21 ? 1   LCG D N1    1 
HETATM 483 O  "O4'" . LCG D 2 1 ? -14.709 16.494  2.212   1.00 26.13 ? 1   LCG D "O4'" 1 
HETATM 484 N  N2    . LCG D 2 1 ? -11.148 17.067  -3.254  1.00 19.44 ? 1   LCG D N2    1 
HETATM 485 N  N3    . LCG D 2 1 ? -12.101 16.871  -1.195  1.00 20.43 ? 1   LCG D N3    1 
HETATM 486 O  "O2'" . LCG D 2 1 ? -15.897 15.203  -0.006  1.00 24.38 ? 1   LCG D "O2'" 1 
HETATM 487 O  "O3'" . LCG D 2 1 ? -14.973 13.054  1.539   1.00 21.09 ? 1   LCG D "O3'" 1 
HETATM 488 P  P     . LCG D 2 2 ? -14.189 11.719  1.310   1.00 26.94 ? 2   LCG D P     1 
HETATM 489 O  OP1   . LCG D 2 2 ? -15.172 10.667  1.126   1.00 24.81 ? 2   LCG D OP1   1 
HETATM 490 O  "O5'" . LCG D 2 2 ? -13.492 12.035  -0.043  1.00 23.63 ? 2   LCG D "O5'" 1 
HETATM 491 C  "C5'" . LCG D 2 2 ? -14.223 11.911  -1.245  1.00 21.68 ? 2   LCG D "C5'" 1 
HETATM 492 C  "C3'" . LCG D 2 2 ? -12.000 11.382  -2.549  1.00 21.59 ? 2   LCG D "C3'" 1 
HETATM 493 C  "C6'" . LCG D 2 2 ? -13.814 12.197  -3.776  1.00 20.35 ? 2   LCG D "C6'" 1 
HETATM 494 N  N9    . LCG D 2 2 ? -10.305 13.895  -2.157  1.00 20.37 ? 2   LCG D N9    1 
HETATM 495 C  C8    . LCG D 2 2 ? -10.222 13.924  -0.769  1.00 23.81 ? 2   LCG D C8    1 
HETATM 496 C  C4    . LCG D 2 2 ? -9.076  14.138  -2.645  1.00 19.90 ? 2   LCG D C4    1 
HETATM 497 N  N7    . LCG D 2 2 ? -9.003  14.169  -0.327  1.00 20.93 ? 2   LCG D N7    1 
HETATM 498 C  C5    . LCG D 2 2 ? -8.278  14.290  -1.543  1.00 22.87 ? 2   LCG D C5    1 
HETATM 499 C  C6    . LCG D 2 2 ? -6.901  14.570  -1.744  1.00 22.87 ? 2   LCG D C6    1 
HETATM 500 C  "C2'" . LCG D 2 2 ? -11.530 12.260  -3.691  1.00 19.48 ? 2   LCG D "C2'" 1 
HETATM 501 O  O6    . LCG D 2 2 ? -5.984  14.724  -0.881  1.00 25.27 ? 2   LCG D O6    1 
HETATM 502 C  "C4'" . LCG D 2 2 ? -13.249 12.200  -2.372  1.00 20.56 ? 2   LCG D "C4'" 1 
HETATM 503 C  "C1'" . LCG D 2 2 ? -11.501 13.644  -3.021  1.00 23.50 ? 2   LCG D "C1'" 1 
HETATM 504 C  C2    . LCG D 2 2 ? -7.449  14.399  -4.130  1.00 21.06 ? 2   LCG D C2    1 
HETATM 505 N  N1    . LCG D 2 2 ? -6.608  14.593  -3.084  1.00 21.00 ? 2   LCG D N1    1 
HETATM 506 O  "O4'" . LCG D 2 2 ? -12.631 13.498  -2.172  1.00 21.51 ? 2   LCG D "O4'" 1 
HETATM 507 O  OP2   . LCG D 2 2 ? -13.087 11.713  2.314   1.00 24.37 ? 2   LCG D OP2   1 
HETATM 508 N  N2    . LCG D 2 2 ? -6.906  14.470  -5.329  1.00 21.48 ? 2   LCG D N2    1 
HETATM 509 N  N3    . LCG D 2 2 ? -8.756  14.147  -4.018  1.00 20.20 ? 2   LCG D N3    1 
HETATM 510 O  "O2'" . LCG D 2 2 ? -12.631 12.176  -4.653  1.00 23.48 ? 2   LCG D "O2'" 1 
HETATM 511 O  "O3'" . LCG D 2 2 ? -12.337 10.049  -2.883  1.00 22.41 ? 2   LCG D "O3'" 1 
HETATM 512 P  P     . TLN D 2 3 ? -11.374 8.791   -2.814  1.00 26.24 ? 3   TLN D P     1 
HETATM 513 O  OP1   . TLN D 2 3 ? -12.002 7.626   -3.472  1.00 26.53 ? 3   TLN D OP1   1 
HETATM 514 O  OP2   . TLN D 2 3 ? -10.627 8.834   -1.577  1.00 25.16 ? 3   TLN D OP2   1 
HETATM 515 O  "O5'" . TLN D 2 3 ? -10.222 9.215   -3.897  1.00 26.03 ? 3   TLN D "O5'" 1 
HETATM 516 C  "C5'" . TLN D 2 3 ? -10.533 9.315   -5.308  1.00 26.37 ? 3   TLN D "C5'" 1 
HETATM 517 C  "C4'" . TLN D 2 3 ? -9.267  9.694   -6.079  1.00 24.38 ? 3   TLN D "C4'" 1 
HETATM 518 O  "O4'" . TLN D 2 3 ? -8.740  10.964  -5.660  1.00 24.63 ? 3   TLN D "O4'" 1 
HETATM 519 C  "C1'" . TLN D 2 3 ? -7.342  10.976  -5.897  1.00 23.37 ? 3   TLN D "C1'" 1 
HETATM 520 N  N1    . TLN D 2 3 ? -6.584  11.208  -4.649  1.00 22.03 ? 3   TLN D N1    1 
HETATM 521 C  C6    . TLN D 2 3 ? -7.207  11.078  -3.399  1.00 20.34 ? 3   TLN D C6    1 
HETATM 522 C  C5    . TLN D 2 3 ? -6.541  11.269  -2.260  1.00 20.67 ? 3   TLN D C5    1 
HETATM 523 C  C5M   . TLN D 2 3 ? -7.186  11.173  -0.895  1.00 24.07 ? 3   TLN D C5M   1 
HETATM 524 C  C4    . TLN D 2 3 ? -5.147  11.640  -2.320  1.00 22.38 ? 3   TLN D C4    1 
HETATM 525 O  O4    . TLN D 2 3 ? -4.460  11.868  -1.306  1.00 24.82 ? 3   TLN D O4    1 
HETATM 526 N  N3    . TLN D 2 3 ? -4.588  11.752  -3.610  1.00 20.28 ? 3   TLN D N3    1 
HETATM 527 C  C2    . TLN D 2 3 ? -5.198  11.528  -4.770  1.00 20.88 ? 3   TLN D C2    1 
HETATM 528 O  O2    . TLN D 2 3 ? -4.594  11.646  -5.827  1.00 25.78 ? 3   TLN D O2    1 
HETATM 529 C  "C3'" . TLN D 2 3 ? -8.066  8.852   -5.763  1.00 23.87 ? 3   TLN D "C3'" 1 
HETATM 530 C  "C2'" . TLN D 2 3 ? -7.126  9.657   -6.598  1.00 24.44 ? 3   TLN D "C2'" 1 
HETATM 531 O  "O2'" . TLN D 2 3 ? -7.804  9.886   -7.877  1.00 27.53 ? 3   TLN D "O2'" 1 
HETATM 532 O  "O3'" . TLN D 2 3 ? -8.269  7.528   -6.232  1.00 26.56 ? 3   TLN D "O3'" 1 
HETATM 533 C  "C6'" . TLN D 2 3 ? -9.253  9.769   -7.609  1.00 26.00 ? 3   TLN D "C6'" 1 
HETATM 534 P  P     . LCG D 2 4 ? -7.434  6.238   -5.890  1.00 29.18 ? 4   LCG D P     1 
HETATM 535 O  OP1   . LCG D 2 4 ? -7.978  5.167   -6.676  1.00 26.28 ? 4   LCG D OP1   1 
HETATM 536 O  "O5'" . LCG D 2 4 ? -5.980  6.566   -6.444  1.00 28.00 ? 4   LCG D "O5'" 1 
HETATM 537 C  "C5'" . LCG D 2 4 ? -5.762  6.599   -7.837  1.00 29.42 ? 4   LCG D "C5'" 1 
HETATM 538 C  "C3'" . LCG D 2 4 ? -3.238  6.268   -7.239  1.00 28.13 ? 4   LCG D "C3'" 1 
HETATM 539 C  "C6'" . LCG D 2 4 ? -3.755  7.189   -9.390  1.00 29.84 ? 4   LCG D "C6'" 1 
HETATM 540 N  N9    . LCG D 2 4 ? -2.633  8.685   -5.614  1.00 29.47 ? 4   LCG D N9    1 
HETATM 541 C  C8    . LCG D 2 4 ? -3.593  8.516   -4.615  1.00 28.57 ? 4   LCG D C8    1 
HETATM 542 C  C4    . LCG D 2 4 ? -1.480  8.995   -4.983  1.00 29.49 ? 4   LCG D C4    1 
HETATM 543 N  N7    . LCG D 2 4 ? -3.117  8.761   -3.416  1.00 29.35 ? 4   LCG D N7    1 
HETATM 544 C  C5    . LCG D 2 4 ? -1.786  9.059   -3.651  1.00 29.54 ? 4   LCG D C5    1 
HETATM 545 C  C6    . LCG D 2 4 ? -0.757  9.405   -2.760  1.00 29.69 ? 4   LCG D C6    1 
HETATM 546 C  "C2'" . LCG D 2 4 ? -2.162  7.258   -7.546  1.00 28.22 ? 4   LCG D "C2'" 1 
HETATM 547 O  O6    . LCG D 2 4 ? -0.822  9.488   -1.538  1.00 30.72 ? 4   LCG D O6    1 
HETATM 548 C  "C4'" . LCG D 2 4 ? -4.322  7.037   -8.008  1.00 29.36 ? 4   LCG D "C4'" 1 
HETATM 549 C  "C1'" . LCG D 2 4 ? -2.778  8.526   -7.057  1.00 27.92 ? 4   LCG D "C1'" 1 
HETATM 550 C  C2    . LCG D 2 4 ? 0.679   9.573   -4.743  1.00 30.99 ? 4   LCG D C2    1 
HETATM 551 N  N1    . LCG D 2 4 ? 0.468   9.648   -3.390  1.00 30.30 ? 4   LCG D N1    1 
HETATM 552 O  "O4'" . LCG D 2 4 ? -4.108  8.289   -7.325  1.00 28.39 ? 4   LCG D "O4'" 1 
HETATM 553 O  OP2   . LCG D 2 4 ? -7.189  6.158   -4.417  1.00 25.51 ? 4   LCG D OP2   1 
HETATM 554 N  N2    . LCG D 2 4 ? 1.932   9.824   -5.221  1.00 32.35 ? 4   LCG D N2    1 
HETATM 555 N  N3    . LCG D 2 4 ? -0.281  9.257   -5.592  1.00 32.70 ? 4   LCG D N3    1 
HETATM 556 O  "O2'" . LCG D 2 4 ? -2.350  7.421   -8.968  1.00 29.43 ? 4   LCG D "O2'" 1 
HETATM 557 O  "O3'" . LCG D 2 4 ? -3.123  5.019   -7.912  1.00 32.55 ? 4   LCG D "O3'" 1 
HETATM 558 P  P     . LCA D 2 5 ? -2.377  3.831   -7.171  1.00 34.72 ? 5   LCA D P     1 
HETATM 559 O  O1P   . LCA D 2 5 ? -2.604  2.754   -8.188  1.00 32.17 ? 5   LCA D O1P   1 
HETATM 560 O  "O5'" . LCA D 2 5 ? -0.904  4.340   -7.007  1.00 34.62 ? 5   LCA D "O5'" 1 
HETATM 561 C  "C5'" . LCA D 2 5 ? -0.094  4.486   -8.163  1.00 33.77 ? 5   LCA D "C5'" 1 
HETATM 562 C  "C3'" . LCA D 2 5 ? 1.970   4.012   -6.593  1.00 33.48 ? 5   LCA D "C3'" 1 
HETATM 563 C  "C6'" . LCA D 2 5 ? 2.389   5.081   -8.679  1.00 35.72 ? 5   LCA D "C6'" 1 
HETATM 564 N  N9    . LCA D 2 5 ? 1.666   6.239   -4.657  1.00 30.14 ? 5   LCA D N9    1 
HETATM 565 C  C8    . LCA D 2 5 ? 0.352   6.067   -4.266  1.00 28.32 ? 5   LCA D C8    1 
HETATM 566 C  C4    . LCA D 2 5 ? 2.362   6.613   -3.556  1.00 28.46 ? 5   LCA D C4    1 
HETATM 567 N  N7    . LCA D 2 5 ? 0.212   6.267   -2.962  1.00 31.73 ? 5   LCA D N7    1 
HETATM 568 C  C5    . LCA D 2 5 ? 1.477   6.631   -2.506  1.00 29.28 ? 5   LCA D C5    1 
HETATM 569 C  C6    . LCA D 2 5 ? 2.029   6.976   -1.252  1.00 30.18 ? 5   LCA D C6    1 
HETATM 570 C  "C2'" . LCA D 2 5 ? 3.091   4.968   -6.372  1.00 31.61 ? 5   LCA D "C2'" 1 
HETATM 571 N  N6    . LCA D 2 5 ? 1.363   7.044   -0.079  1.00 27.64 ? 5   LCA D N6    1 
HETATM 572 C  "C4'" . LCA D 2 5 ? 1.268   4.838   -7.665  1.00 33.27 ? 5   LCA D "C4'" 1 
HETATM 573 C  "C1'" . LCA D 2 5 ? 2.230   6.172   -6.017  1.00 31.90 ? 5   LCA D "C1'" 1 
HETATM 574 C  C2    . LCA D 2 5 ? 4.081   7.216   -2.305  1.00 31.66 ? 5   LCA D C2    1 
HETATM 575 N  N1    . LCA D 2 5 ? 3.335   7.257   -1.186  1.00 29.85 ? 5   LCA D N1    1 
HETATM 576 O  "O4'" . LCA D 2 5 ? 1.154   6.064   -6.940  1.00 32.50 ? 5   LCA D "O4'" 1 
HETATM 577 O  O2P   . LCA D 2 5 ? -2.732  3.711   -5.698  1.00 35.84 ? 5   LCA D O2P   1 
HETATM 578 N  N3    . LCA D 2 5 ? 3.662   6.908   -3.530  1.00 31.59 ? 5   LCA D N3    1 
HETATM 579 O  "O3'" . LCA D 2 5 ? 2.391   2.729   -7.051  1.00 32.23 ? 5   LCA D "O3'" 1 
HETATM 580 O  "O2'" . LCA D 2 5 ? 3.536   5.231   -7.751  1.00 34.70 ? 5   LCA D "O2'" 1 
HETATM 581 P  P     . LCG D 2 6 ? 2.557   1.458   -6.164  1.00 32.08 ? 6   LCG D P     1 
HETATM 582 O  OP1   . LCG D 2 6 ? 2.670   0.449   -7.204  1.00 32.50 ? 6   LCG D OP1   1 
HETATM 583 O  "O5'" . LCG D 2 6 ? 3.868   1.770   -5.343  1.00 29.20 ? 6   LCG D "O5'" 1 
HETATM 584 C  "C5'" . LCG D 2 6 ? 5.103   2.044   -5.998  1.00 31.87 ? 6   LCG D "C5'" 1 
HETATM 585 C  "C3'" . LCG D 2 6 ? 6.307   1.621   -3.740  1.00 29.33 ? 6   LCG D "C3'" 1 
HETATM 586 C  "C6'" . LCG D 2 6 ? 7.644   2.589   -5.386  1.00 30.43 ? 6   LCG D "C6'" 1 
HETATM 587 N  N9    . LCG D 2 6 ? 5.243   3.916   -2.150  1.00 30.22 ? 6   LCG D N9    1 
HETATM 588 C  C8    . LCG D 2 6 ? 3.895   3.765   -2.368  1.00 29.68 ? 6   LCG D C8    1 
HETATM 589 C  C4    . LCG D 2 6 ? 5.387   4.201   -0.811  1.00 30.75 ? 6   LCG D C4    1 
HETATM 590 N  N7    . LCG D 2 6 ? 3.208   3.938   -1.269  1.00 29.32 ? 6   LCG D N7    1 
HETATM 591 C  C5    . LCG D 2 6 ? 4.123   4.218   -0.277  1.00 28.43 ? 6   LCG D C5    1 
HETATM 592 C  C6    . LCG D 2 6 ? 3.959   4.488   1.099   1.00 30.42 ? 6   LCG D C6    1 
HETATM 593 C  "C2'" . LCG D 2 6 ? 7.238   2.575   -3.045  1.00 29.84 ? 6   LCG D "C2'" 1 
HETATM 594 O  O6    . LCG D 2 6 ? 2.902   4.542   1.747   1.00 31.54 ? 6   LCG D O6    1 
HETATM 595 C  "C4'" . LCG D 2 6 ? 6.165   2.432   -4.996  1.00 28.25 ? 6   LCG D "C4'" 1 
HETATM 596 C  "C1'" . LCG D 2 6 ? 6.350   3.812   -3.134  1.00 30.22 ? 6   LCG D "C1'" 1 
HETATM 597 C  C2    . LCG D 2 6 ? 6.395   4.674   1.143   1.00 33.32 ? 6   LCG D C2    1 
HETATM 598 N  N1    . LCG D 2 6 ? 5.154   4.706   1.750   1.00 30.86 ? 6   LCG D N1    1 
HETATM 599 O  "O4'" . LCG D 2 6 ? 5.794   3.686   -4.435  1.00 28.57 ? 6   LCG D "O4'" 1 
HETATM 600 O  OP2   . LCG D 2 6 ? 1.588   1.290   -5.024  1.00 30.97 ? 6   LCG D OP2   1 
HETATM 601 N  N2    . LCG D 2 6 ? 7.473   4.886   1.895   1.00 26.67 ? 6   LCG D N2    1 
HETATM 602 N  N3    . LCG D 2 6 ? 6.555   4.415   -0.163  1.00 30.08 ? 6   LCG D N3    1 
HETATM 603 O  "O2'" . LCG D 2 6 ? 8.306   2.730   -4.063  1.00 30.15 ? 6   LCG D "O2'" 1 
HETATM 604 O  "O3'" . LCG D 2 6 ? 6.811   0.338   -4.093  1.00 30.50 ? 6   LCG D "O3'" 1 
HETATM 605 P  P     . LCG D 2 7 ? 6.659   -0.872  -3.089  1.00 30.23 ? 7   LCG D P     1 
HETATM 606 O  OP1   . LCG D 2 7 ? 7.204   -2.097  -3.718  1.00 29.57 ? 7   LCG D OP1   1 
HETATM 607 O  "O5'" . LCG D 2 7 ? 7.513   -0.376  -1.881  1.00 30.50 ? 7   LCG D "O5'" 1 
HETATM 608 C  "C5'" . LCG D 2 7 ? 8.925   -0.402  -1.839  1.00 30.44 ? 7   LCG D "C5'" 1 
HETATM 609 C  "C3'" . LCG D 2 7 ? 9.081   -0.740  0.827   1.00 33.02 ? 7   LCG D "C3'" 1 
HETATM 610 C  "C6'" . LCG D 2 7 ? 10.825  0.430   -0.117  1.00 31.29 ? 7   LCG D "C6'" 1 
HETATM 611 N  N9    . LCG D 2 7 ? 7.288   1.454   1.759   1.00 31.54 ? 7   LCG D N9    1 
HETATM 612 C  C8    . LCG D 2 7 ? 6.181   1.304   0.959   1.00 30.30 ? 7   LCG D C8    1 
HETATM 613 C  C4    . LCG D 2 7 ? 6.828   1.727   3.034   1.00 30.52 ? 7   LCG D C4    1 
HETATM 614 N  N7    . LCG D 2 7 ? 5.047   1.451   1.591   1.00 30.76 ? 7   LCG D N7    1 
HETATM 615 C  C5    . LCG D 2 7 ? 5.462   1.719   2.903   1.00 29.53 ? 7   LCG D C5    1 
HETATM 616 C  C6    . LCG D 2 7 ? 4.688   1.997   4.058   1.00 30.02 ? 7   LCG D C6    1 
HETATM 617 C  "C2'" . LCG D 2 7 ? 9.514   0.229   1.882   1.00 31.02 ? 7   LCG D "C2'" 1 
HETATM 618 O  O6    . LCG D 2 7 ? 3.466   2.036   4.117   1.00 32.33 ? 7   LCG D O6    1 
HETATM 619 C  "C4'" . LCG D 2 7 ? 9.370   0.070   -0.444  1.00 30.84 ? 7   LCG D "C4'" 1 
HETATM 620 C  "C1'" . LCG D 2 7 ? 8.695   1.375   1.324   1.00 32.68 ? 7   LCG D "C1'" 1 
HETATM 621 C  C2    . LCG D 2 7 ? 6.835   2.197   5.250   1.00 29.08 ? 7   LCG D C2    1 
HETATM 622 N  N1    . LCG D 2 7 ? 5.464   2.211   5.206   1.00 28.57 ? 7   LCG D N1    1 
HETATM 623 O  "O4'" . LCG D 2 7 ? 8.684   1.294   -0.130  1.00 30.66 ? 7   LCG D "O4'" 1 
HETATM 624 O  OP2   . LCG D 2 7 ? 5.229   -1.034  -2.728  1.00 32.83 ? 7   LCG D OP2   1 
HETATM 625 N  N2    . LCG D 2 7 ? 7.365   2.448   6.474   1.00 29.43 ? 7   LCG D N2    1 
HETATM 626 N  N3    . LCG D 2 7 ? 7.580   1.943   4.161   1.00 29.39 ? 7   LCG D N3    1 
HETATM 627 O  "O2'" . LCG D 2 7 ? 10.768  0.727   1.335   1.00 33.83 ? 7   LCG D "O2'" 1 
HETATM 628 O  "O3'" . LCG D 2 7 ? 9.756   -1.997  0.918   1.00 35.06 ? 7   LCG D "O3'" 1 
HETATM 629 CO CO    . NCO E 3 . ? 1.042   -0.044  1.193   1.00 28.87 ? 101 NCO B CO    1 
HETATM 630 N  N1    . NCO E 3 . ? 2.155   1.306   0.192   1.00 27.59 ? 101 NCO B N1    1 
HETATM 631 N  N2    . NCO E 3 . ? -0.073  -1.357  2.194   1.00 27.45 ? 101 NCO B N2    1 
HETATM 632 N  N3    . NCO E 3 . ? 1.201   -1.474  -0.131  1.00 30.80 ? 101 NCO B N3    1 
HETATM 633 N  N4    . NCO E 3 . ? -0.477  0.700   0.212   1.00 26.48 ? 101 NCO B N4    1 
HETATM 634 N  N5    . NCO E 3 . ? 0.926   1.376   2.545   1.00 29.87 ? 101 NCO B N5    1 
HETATM 635 N  N6    . NCO E 3 . ? 2.546   -0.813  2.183   1.00 26.62 ? 101 NCO B N6    1 
HETATM 636 MG MG    . MG  F 4 . ? -10.418 19.235  -8.911  0.50 18.36 ? 101 MG  C MG    1 
HETATM 637 AS AS    . CAC G 5 . ? -5.824  20.292  11.216  1.00 87.60 ? 101 CAC D AS    1 
HETATM 638 O  O1    . CAC G 5 . ? -6.521  18.712  11.136  1.00 84.31 ? 101 CAC D O1    1 
HETATM 639 O  O2    . CAC G 5 . ? -5.948  20.954  12.814  1.00 86.04 ? 101 CAC D O2    1 
HETATM 640 C  C1    . CAC G 5 . ? -3.941  20.053  10.702  1.00 86.31 ? 101 CAC D C1    1 
HETATM 641 C  C2    . CAC G 5 . ? -6.691  21.618  10.048  1.00 86.09 ? 101 CAC D C2    1 
HETATM 642 O  O     . HOH H 6 . ? 5.330   -19.254 0.667   1.00 32.84 ? 101 HOH A O     1 
HETATM 643 O  O     . HOH H 6 . ? 0.104   -25.237 -2.927  1.00 22.47 ? 102 HOH A O     1 
HETATM 644 O  O     . HOH H 6 . ? 5.842   -4.730  4.073   1.00 40.55 ? 103 HOH A O     1 
HETATM 645 O  O     . HOH H 6 . ? 1.032   -23.328 -0.993  1.00 25.92 ? 104 HOH A O     1 
HETATM 646 O  O     . HOH H 6 . ? -4.805  -14.015 -1.861  1.00 41.88 ? 105 HOH A O     1 
HETATM 647 O  O     . HOH H 6 . ? 1.814   -19.170 -8.689  0.50 20.97 ? 106 HOH A O     1 
HETATM 648 O  O     . HOH H 6 . ? 1.385   -14.502 4.759   1.00 38.97 ? 107 HOH A O     1 
HETATM 649 O  O     . HOH H 6 . ? -0.530  -3.012  11.659  1.00 43.67 ? 108 HOH A O     1 
HETATM 650 O  O     . HOH H 6 . ? 4.150   -11.178 3.475   1.00 46.40 ? 109 HOH A O     1 
HETATM 651 O  O     . HOH H 6 . ? 0.139   -20.312 1.962   1.00 41.95 ? 110 HOH A O     1 
HETATM 652 O  O     . HOH H 6 . ? -6.170  -10.625 3.805   1.00 36.61 ? 111 HOH A O     1 
HETATM 653 O  O     . HOH H 6 . ? 0.374   -13.691 7.220   1.00 42.59 ? 112 HOH A O     1 
HETATM 654 O  O     . HOH H 6 . ? -2.610  -25.653 -2.505  1.00 30.11 ? 113 HOH A O     1 
HETATM 655 O  O     . HOH H 6 . ? 4.568   -15.826 2.431   1.00 40.02 ? 114 HOH A O     1 
HETATM 656 O  O     . HOH H 6 . ? 6.673   -10.496 11.089  1.00 44.94 ? 115 HOH A O     1 
HETATM 657 O  O     . HOH H 6 . ? -4.832  -7.368  7.501   1.00 47.34 ? 116 HOH A O     1 
HETATM 658 O  O     . HOH H 6 . ? 3.298   -13.516 3.215   1.00 39.10 ? 117 HOH A O     1 
HETATM 659 O  O     . HOH H 6 . ? 6.085   -2.106  2.194   1.00 19.79 ? 118 HOH A O     1 
HETATM 660 O  O     . HOH H 6 . ? -6.628  -22.317 -1.366  1.00 45.85 ? 119 HOH A O     1 
HETATM 661 O  O     . HOH H 6 . ? -7.225  -21.319 0.712   1.00 56.73 ? 120 HOH A O     1 
HETATM 662 O  O     . HOH I 6 . ? 2.587   -9.615  -3.288  1.00 38.94 ? 201 HOH B O     1 
HETATM 663 O  O     . HOH I 6 . ? 1.776   -4.106  1.720   1.00 38.67 ? 202 HOH B O     1 
HETATM 664 O  O     . HOH I 6 . ? -2.294  -3.676  -1.846  1.00 35.64 ? 203 HOH B O     1 
HETATM 665 O  O     . HOH I 6 . ? 3.057   -9.039  -11.857 1.00 37.91 ? 204 HOH B O     1 
HETATM 666 O  O     . HOH I 6 . ? 0.946   -6.504  -1.121  1.00 40.51 ? 205 HOH B O     1 
HETATM 667 O  O     . HOH I 6 . ? 9.077   -16.507 -12.229 1.00 24.61 ? 206 HOH B O     1 
HETATM 668 O  O     . HOH I 6 . ? 3.468   -9.539  -5.923  1.00 24.11 ? 207 HOH B O     1 
HETATM 669 O  O     . HOH I 6 . ? -7.786  -9.634  -4.256  1.00 44.47 ? 208 HOH B O     1 
HETATM 670 O  O     . HOH I 6 . ? -6.367  -7.885  3.392   1.00 32.84 ? 209 HOH B O     1 
HETATM 671 O  O     . HOH I 6 . ? -0.217  -4.057  0.352   1.00 29.64 ? 210 HOH B O     1 
HETATM 672 O  O     . HOH I 6 . ? -3.528  -13.964 -4.513  1.00 24.94 ? 211 HOH B O     1 
HETATM 673 O  O     . HOH I 6 . ? -9.227  -8.711  0.336   1.00 47.83 ? 212 HOH B O     1 
HETATM 674 O  O     . HOH I 6 . ? -2.117  1.957   2.802   1.00 37.50 ? 213 HOH B O     1 
HETATM 675 O  O     . HOH I 6 . ? -4.248  -1.145  -3.757  1.00 37.85 ? 214 HOH B O     1 
HETATM 676 O  O     . HOH I 6 . ? -3.202  3.297   10.784  1.00 32.35 ? 215 HOH B O     1 
HETATM 677 O  O     . HOH I 6 . ? -2.865  -0.869  0.897   1.00 32.14 ? 216 HOH B O     1 
HETATM 678 O  O     . HOH I 6 . ? -6.285  -6.330  -8.063  1.00 42.80 ? 217 HOH B O     1 
HETATM 679 O  O     . HOH I 6 . ? 2.741   -17.246 -8.791  1.00 18.92 ? 218 HOH B O     1 
HETATM 680 O  O     . HOH I 6 . ? -0.875  -4.976  -8.744  1.00 54.94 ? 219 HOH B O     1 
HETATM 681 O  O     . HOH I 6 . ? 7.748   -18.536 -10.357 1.00 28.91 ? 220 HOH B O     1 
HETATM 682 O  O     . HOH I 6 . ? 4.970   -18.507 -10.425 1.00 25.46 ? 221 HOH B O     1 
HETATM 683 O  O     . HOH I 6 . ? -5.983  -11.430 -2.106  1.00 33.86 ? 222 HOH B O     1 
HETATM 684 O  O     . HOH I 6 . ? 3.769   -10.211 -0.467  1.00 48.91 ? 223 HOH B O     1 
HETATM 685 O  O     . HOH I 6 . ? -6.983  -11.173 0.810   1.00 50.77 ? 224 HOH B O     1 
HETATM 686 O  O     . HOH I 6 . ? 0.478   -6.906  -4.620  1.00 40.74 ? 225 HOH B O     1 
HETATM 687 O  O     . HOH I 6 . ? -1.098  -0.683  -2.651  1.00 38.30 ? 226 HOH B O     1 
HETATM 688 O  O     . HOH I 6 . ? 5.903   -13.142 -0.564  1.00 35.87 ? 227 HOH B O     1 
HETATM 689 O  O     . HOH I 6 . ? 3.805   -7.048  -11.220 0.50 30.89 ? 228 HOH B O     1 
HETATM 690 O  O     . HOH I 6 . ? 10.578  -13.460 -12.919 1.00 43.21 ? 229 HOH B O     1 
HETATM 691 O  O     . HOH I 6 . ? -3.253  0.930   -2.523  1.00 45.98 ? 230 HOH B O     1 
HETATM 692 O  O     . HOH J 6 . ? -10.766 18.355  -6.614  1.00 25.66 ? 201 HOH C O     1 
HETATM 693 O  O     . HOH J 6 . ? 0.178   8.191   4.128   1.00 38.00 ? 202 HOH C O     1 
HETATM 694 O  O     . HOH J 6 . ? -3.716  21.862  -4.983  1.00 31.83 ? 203 HOH C O     1 
HETATM 695 O  O     . HOH J 6 . ? 3.415   9.411   7.912   1.00 42.51 ? 204 HOH C O     1 
HETATM 696 O  O     . HOH J 6 . ? -2.066  16.227  1.174   1.00 34.21 ? 205 HOH C O     1 
HETATM 697 O  O     . HOH J 6 . ? -3.578  23.180  -10.222 1.00 41.46 ? 206 HOH C O     1 
HETATM 698 O  O     . HOH J 6 . ? -9.789  21.165  -9.050  1.00 26.85 ? 207 HOH C O     1 
HETATM 699 O  O     . HOH J 6 . ? 10.096  16.010  -2.744  1.00 32.35 ? 208 HOH C O     1 
HETATM 700 O  O     . HOH J 6 . ? -0.127  19.123  -4.223  1.00 37.10 ? 209 HOH C O     1 
HETATM 701 O  O     . HOH J 6 . ? 10.292  5.893   4.816   1.00 38.64 ? 210 HOH C O     1 
HETATM 702 O  O     . HOH J 6 . ? 1.708   13.944  -10.161 1.00 44.10 ? 211 HOH C O     1 
HETATM 703 O  O     . HOH J 6 . ? -0.249  5.800   5.252   1.00 40.74 ? 212 HOH C O     1 
HETATM 704 O  O     . HOH J 6 . ? -3.798  19.123  0.597   1.00 35.91 ? 213 HOH C O     1 
HETATM 705 O  O     . HOH J 6 . ? -2.484  14.021  -11.300 1.00 44.13 ? 214 HOH C O     1 
HETATM 706 O  O     . HOH J 6 . ? -1.039  2.915   5.462   1.00 19.27 ? 215 HOH C O     1 
HETATM 707 O  O     . HOH J 6 . ? 4.233   12.614  12.074  1.00 41.78 ? 216 HOH C O     1 
HETATM 708 O  O     . HOH J 6 . ? -0.649  6.606   7.668   1.00 51.40 ? 217 HOH C O     1 
HETATM 709 O  O     . HOH K 6 . ? -10.119 18.451  -3.937  1.00 56.85 ? 201 HOH D O     1 
HETATM 710 O  O     . HOH K 6 . ? -2.178  5.826   -2.619  1.00 39.31 ? 202 HOH D O     1 
HETATM 711 O  O     . HOH K 6 . ? -5.141  17.836  12.972  1.00 44.34 ? 203 HOH D O     1 
HETATM 712 O  O     . HOH K 6 . ? 12.062  2.803   1.747   1.00 42.76 ? 204 HOH D O     1 
HETATM 713 O  O     . HOH K 6 . ? 0.561   4.051   0.912   1.00 43.37 ? 205 HOH D O     1 
HETATM 714 O  O     . HOH K 6 . ? -7.342  7.599   -2.308  1.00 39.60 ? 206 HOH D O     1 
HETATM 715 O  O     . HOH K 6 . ? -0.095  2.601   -3.561  1.00 31.14 ? 207 HOH D O     1 
HETATM 716 O  O     . HOH K 6 . ? -4.737  12.046  -8.380  1.00 33.10 ? 208 HOH D O     1 
HETATM 717 O  O     . HOH K 6 . ? 8.956   1.919   8.484   1.00 57.27 ? 209 HOH D O     1 
HETATM 718 O  O     . HOH K 6 . ? -8.459  7.976   -0.347  1.00 51.85 ? 210 HOH D O     1 
HETATM 719 O  O     . HOH K 6 . ? -4.941  13.166  1.007   1.00 49.81 ? 211 HOH D O     1 
HETATM 720 O  O     . HOH K 6 . ? 0.598   3.353   -1.279  1.00 29.02 ? 212 HOH D O     1 
HETATM 721 O  O     . HOH K 6 . ? 2.594   0.415   -2.682  1.00 28.83 ? 213 HOH D O     1 
HETATM 722 O  O     . HOH K 6 . ? 10.196  2.590   4.193   1.00 50.91 ? 214 HOH D O     1 
HETATM 723 O  O     . HOH K 6 . ? -4.787  4.929   -3.934  1.00 42.46 ? 215 HOH D O     1 
HETATM 724 O  O     . HOH K 6 . ? -13.697 16.388  -4.112  1.00 27.10 ? 216 HOH D O     1 
HETATM 725 O  O     . HOH K 6 . ? -10.458 13.970  -6.214  1.00 32.26 ? 217 HOH D O     1 
HETATM 726 O  O     . HOH K 6 . ? -15.880 14.764  -2.793  1.00 21.07 ? 218 HOH D O     1 
HETATM 727 O  O     . HOH K 6 . ? -8.419  12.589  1.990   1.00 48.16 ? 219 HOH D O     1 
HETATM 728 O  O     . HOH K 6 . ? -4.118  9.097   -0.472  1.00 51.78 ? 220 HOH D O     1 
HETATM 729 O  O     . HOH K 6 . ? -12.291 11.234  -7.393  1.00 37.28 ? 221 HOH D O     1 
HETATM 730 O  O     . HOH K 6 . ? -17.706 11.328  2.433   1.00 29.78 ? 222 HOH D O     1 
HETATM 731 O  O     . HOH K 6 . ? -15.871 8.613   -1.054  1.00 30.89 ? 223 HOH D O     1 
HETATM 732 O  O     . HOH K 6 . ? 4.373   -2.115  0.027   1.00 38.21 ? 224 HOH D O     1 
HETATM 733 O  O     . HOH K 6 . ? -13.350 12.283  5.435   1.00 45.15 ? 225 HOH D O     1 
HETATM 734 O  O     . HOH K 6 . ? 0.848   8.134   -9.375  1.00 45.65 ? 226 HOH D O     1 
HETATM 735 O  O     . HOH K 6 . ? -5.891  14.376  2.366   1.00 39.22 ? 227 HOH D O     1 
HETATM 736 O  O     . HOH K 6 . ? -1.577  5.587   -0.080  1.00 47.91 ? 228 HOH D O     1 
HETATM 737 O  O     . HOH K 6 . ? -8.257  15.207  -8.285  1.00 33.47 ? 229 HOH D O     1 
HETATM 738 O  O     . HOH K 6 . ? -12.340 15.760  -6.576  1.00 32.41 ? 230 HOH D O     1 
HETATM 739 O  O     . HOH K 6 . ? -1.768  11.583  -9.157  1.00 49.26 ? 231 HOH D O     1 
HETATM 740 O  O     . HOH K 6 . ? 0.753   2.230   -10.979 1.00 47.38 ? 232 HOH D O     1 
HETATM 741 O  O     . HOH K 6 . ? -15.823 4.888   -3.948  0.50 37.16 ? 233 HOH D O     1 
# 
loop_
_pdbx_poly_seq_scheme.asym_id 
_pdbx_poly_seq_scheme.entity_id 
_pdbx_poly_seq_scheme.seq_id 
_pdbx_poly_seq_scheme.mon_id 
_pdbx_poly_seq_scheme.ndb_seq_num 
_pdbx_poly_seq_scheme.pdb_seq_num 
_pdbx_poly_seq_scheme.auth_seq_num 
_pdbx_poly_seq_scheme.pdb_mon_id 
_pdbx_poly_seq_scheme.auth_mon_id 
_pdbx_poly_seq_scheme.pdb_strand_id 
_pdbx_poly_seq_scheme.pdb_ins_code 
_pdbx_poly_seq_scheme.hetero 
A 1 1 LCC 1 66 66 LCC LCC A . n 
A 1 2 LCC 2 67 67 LCC LCC A . n 
A 1 3 TLN 3 68 68 TLN TLN A . n 
A 1 4 LCC 4 69 69 LCC LCC A . n 
A 1 5 LCA 5 70 70 LCA LCA A . n 
A 1 6 LCC 6 71 71 LCC LCC A . n 
A 1 7 LCC 7 72 72 LCC LCC A . n 
B 2 1 LCG 1 1  1  LCG LCG B . n 
B 2 2 LCG 2 2  2  LCG LCG B . n 
B 2 3 TLN 3 3  3  TLN TLN B . n 
B 2 4 LCG 4 4  4  LCG LCG B . n 
B 2 5 LCA 5 5  5  LCA LCA B . n 
B 2 6 LCG 6 6  6  LCG LCG B . n 
B 2 7 LCG 7 7  7  LCG LCG B . n 
C 1 1 LCC 1 66 66 LCC LCC C . n 
C 1 2 LCC 2 67 67 LCC LCC C . n 
C 1 3 TLN 3 68 68 TLN TLN C . n 
C 1 4 LCC 4 69 69 LCC LCC C . n 
C 1 5 LCA 5 70 70 LCA LCA C . n 
C 1 6 LCC 6 71 71 LCC LCC C . n 
C 1 7 LCC 7 72 72 LCC LCC C . n 
D 2 1 LCG 1 1  1  LCG LCG D . n 
D 2 2 LCG 2 2  2  LCG LCG D . n 
D 2 3 TLN 3 3  3  TLN TLN D . n 
D 2 4 LCG 4 4  4  LCG LCG D . n 
D 2 5 LCA 5 5  5  LCA LCA D . n 
D 2 6 LCG 6 6  6  LCG LCG D . n 
D 2 7 LCG 7 7  7  LCG LCG D . n 
# 
loop_
_pdbx_nonpoly_scheme.asym_id 
_pdbx_nonpoly_scheme.entity_id 
_pdbx_nonpoly_scheme.mon_id 
_pdbx_nonpoly_scheme.ndb_seq_num 
_pdbx_nonpoly_scheme.pdb_seq_num 
_pdbx_nonpoly_scheme.auth_seq_num 
_pdbx_nonpoly_scheme.pdb_mon_id 
_pdbx_nonpoly_scheme.auth_mon_id 
_pdbx_nonpoly_scheme.pdb_strand_id 
_pdbx_nonpoly_scheme.pdb_ins_code 
E 3 NCO 1  101 1008 NCO NCO B . 
F 4 MG  1  101 1008 MG  MG  C . 
G 5 CAC 1  101 1008 CAC CAC D . 
H 6 HOH 1  101 2018 HOH HOH A . 
H 6 HOH 2  102 2014 HOH HOH A . 
H 6 HOH 3  103 2004 HOH HOH A . 
H 6 HOH 4  104 2017 HOH HOH A . 
H 6 HOH 5  105 2011 HOH HOH A . 
H 6 HOH 6  106 2020 HOH HOH A . 
H 6 HOH 7  107 2010 HOH HOH A . 
H 6 HOH 8  108 2003 HOH HOH A . 
H 6 HOH 9  109 2008 HOH HOH A . 
H 6 HOH 10 110 2016 HOH HOH A . 
H 6 HOH 11 111 2007 HOH HOH A . 
H 6 HOH 12 112 2012 HOH HOH A . 
H 6 HOH 13 113 2015 HOH HOH A . 
H 6 HOH 14 114 2013 HOH HOH A . 
H 6 HOH 15 115 2006 HOH HOH A . 
H 6 HOH 16 116 2005 HOH HOH A . 
H 6 HOH 17 117 2009 HOH HOH A . 
H 6 HOH 18 118 2002 HOH HOH A . 
H 6 HOH 19 119 2019 HOH HOH A . 
H 6 HOH 20 120 2001 HOH HOH A . 
I 6 HOH 1  201 2014 HOH HOH B . 
I 6 HOH 2  202 2026 HOH HOH B . 
I 6 HOH 3  203 2024 HOH HOH B . 
I 6 HOH 4  204 2008 HOH HOH B . 
I 6 HOH 5  205 2018 HOH HOH B . 
I 6 HOH 6  206 2001 HOH HOH B . 
I 6 HOH 7  207 2016 HOH HOH B . 
I 6 HOH 8  208 2012 HOH HOH B . 
I 6 HOH 9  209 2020 HOH HOH B . 
I 6 HOH 10 210 2025 HOH HOH B . 
I 6 HOH 11 211 2009 HOH HOH B . 
I 6 HOH 12 212 2019 HOH HOH B . 
I 6 HOH 13 213 2028 HOH HOH B . 
I 6 HOH 14 214 2023 HOH HOH B . 
I 6 HOH 15 215 2027 HOH HOH B . 
I 6 HOH 16 216 2001 HOH HOH B . 
I 6 HOH 17 217 2021 HOH HOH B . 
I 6 HOH 18 218 2004 HOH HOH B . 
I 6 HOH 19 219 2015 HOH HOH B . 
I 6 HOH 20 220 2003 HOH HOH B . 
I 6 HOH 21 221 2002 HOH HOH B . 
I 6 HOH 22 222 2017 HOH HOH B . 
I 6 HOH 23 223 2007 HOH HOH B . 
I 6 HOH 24 224 2013 HOH HOH B . 
I 6 HOH 25 225 2022 HOH HOH B . 
I 6 HOH 26 226 2002 HOH HOH B . 
I 6 HOH 27 227 2011 HOH HOH B . 
I 6 HOH 28 228 2010 HOH HOH B . 
I 6 HOH 29 229 2005 HOH HOH B . 
I 6 HOH 30 230 2029 HOH HOH B . 
J 6 HOH 1  201 2012 HOH HOH C . 
J 6 HOH 2  202 2004 HOH HOH C . 
J 6 HOH 3  203 2013 HOH HOH C . 
J 6 HOH 4  204 2005 HOH HOH C . 
J 6 HOH 5  205 2010 HOH HOH C . 
J 6 HOH 6  206 2011 HOH HOH C . 
J 6 HOH 7  207 2015 HOH HOH C . 
J 6 HOH 8  208 2006 HOH HOH C . 
J 6 HOH 9  209 2009 HOH HOH C . 
J 6 HOH 10 210 2002 HOH HOH C . 
J 6 HOH 11 211 2007 HOH HOH C . 
J 6 HOH 12 212 2003 HOH HOH C . 
J 6 HOH 13 213 2014 HOH HOH C . 
J 6 HOH 14 214 2008 HOH HOH C . 
J 6 HOH 15 215 2001 HOH HOH C . 
J 6 HOH 16 216 2006 HOH HOH C . 
J 6 HOH 17 217 2016 HOH HOH C . 
K 6 HOH 1  201 2003 HOH HOH D . 
K 6 HOH 2  202 2019 HOH HOH D . 
K 6 HOH 3  203 2001 HOH HOH D . 
K 6 HOH 4  204 2027 HOH HOH D . 
K 6 HOH 5  205 2024 HOH HOH D . 
K 6 HOH 6  206 2017 HOH HOH D . 
K 6 HOH 7  207 2023 HOH HOH D . 
K 6 HOH 8  208 2015 HOH HOH D . 
K 6 HOH 9  209 2029 HOH HOH D . 
K 6 HOH 10 210 2013 HOH HOH D . 
K 6 HOH 11 211 2009 HOH HOH D . 
K 6 HOH 12 212 2025 HOH HOH D . 
K 6 HOH 13 213 2022 HOH HOH D . 
K 6 HOH 14 214 2026 HOH HOH D . 
K 6 HOH 15 215 2016 HOH HOH D . 
K 6 HOH 16 216 2004 HOH HOH D . 
K 6 HOH 17 217 2008 HOH HOH D . 
K 6 HOH 18 218 2002 HOH HOH D . 
K 6 HOH 19 219 2006 HOH HOH D . 
K 6 HOH 20 220 2014 HOH HOH D . 
K 6 HOH 21 221 2005 HOH HOH D . 
K 6 HOH 22 222 2012 HOH HOH D . 
K 6 HOH 23 223 2007 HOH HOH D . 
K 6 HOH 24 224 2028 HOH HOH D . 
K 6 HOH 25 225 2001 HOH HOH D . 
K 6 HOH 26 226 2020 HOH HOH D . 
K 6 HOH 27 227 2010 HOH HOH D . 
K 6 HOH 28 228 2018 HOH HOH D . 
K 6 HOH 29 229 2011 HOH HOH D . 
K 6 HOH 30 230 2030 HOH HOH D . 
K 6 HOH 31 231 2031 HOH HOH D . 
K 6 HOH 32 232 2021 HOH HOH D . 
K 6 HOH 33 233 2030 HOH HOH D . 
# 
loop_
_pdbx_struct_mod_residue.id 
_pdbx_struct_mod_residue.label_asym_id 
_pdbx_struct_mod_residue.label_comp_id 
_pdbx_struct_mod_residue.label_seq_id 
_pdbx_struct_mod_residue.auth_asym_id 
_pdbx_struct_mod_residue.auth_comp_id 
_pdbx_struct_mod_residue.auth_seq_id 
_pdbx_struct_mod_residue.PDB_ins_code 
_pdbx_struct_mod_residue.parent_comp_id 
_pdbx_struct_mod_residue.details 
1  A TLN 3 A TLN 68 ? DU ? 
2  A LCA 5 A LCA 70 ? A  ? 
3  B LCG 1 B LCG 1  ? DG ? 
4  B LCG 2 B LCG 2  ? DG ? 
5  B TLN 3 B TLN 3  ? DU ? 
6  B LCG 4 B LCG 4  ? DG ? 
7  B LCA 5 B LCA 5  ? A  ? 
8  B LCG 6 B LCG 6  ? DG ? 
9  B LCG 7 B LCG 7  ? DG ? 
10 C TLN 3 C TLN 68 ? DU ? 
11 C LCA 5 C LCA 70 ? A  ? 
12 D LCG 1 D LCG 1  ? DG ? 
13 D LCG 2 D LCG 2  ? DG ? 
14 D TLN 3 D TLN 3  ? DU ? 
15 D LCG 4 D LCG 4  ? DG ? 
16 D LCA 5 D LCA 5  ? A  ? 
17 D LCG 6 D LCG 6  ? DG ? 
18 D LCG 7 D LCG 7  ? DG ? 
# 
loop_
_pdbx_struct_assembly.id 
_pdbx_struct_assembly.details 
_pdbx_struct_assembly.method_details 
_pdbx_struct_assembly.oligomeric_details 
_pdbx_struct_assembly.oligomeric_count 
1 software_defined_assembly PISA dimeric 2 
2 software_defined_assembly PISA dimeric 2 
# 
loop_
_pdbx_struct_assembly_gen.assembly_id 
_pdbx_struct_assembly_gen.oper_expression 
_pdbx_struct_assembly_gen.asym_id_list 
1 1 A,B,E,H,I   
2 1 C,D,F,G,J,K 
# 
_pdbx_struct_oper_list.id                   1 
_pdbx_struct_oper_list.type                 'identity operation' 
_pdbx_struct_oper_list.name                 1_555 
_pdbx_struct_oper_list.symmetry_operation   x,y,z 
_pdbx_struct_oper_list.matrix[1][1]         1.0000000000 
_pdbx_struct_oper_list.matrix[1][2]         0.0000000000 
_pdbx_struct_oper_list.matrix[1][3]         0.0000000000 
_pdbx_struct_oper_list.vector[1]            0.0000000000 
_pdbx_struct_oper_list.matrix[2][1]         0.0000000000 
_pdbx_struct_oper_list.matrix[2][2]         1.0000000000 
_pdbx_struct_oper_list.matrix[2][3]         0.0000000000 
_pdbx_struct_oper_list.vector[2]            0.0000000000 
_pdbx_struct_oper_list.matrix[3][1]         0.0000000000 
_pdbx_struct_oper_list.matrix[3][2]         0.0000000000 
_pdbx_struct_oper_list.matrix[3][3]         1.0000000000 
_pdbx_struct_oper_list.vector[3]            0.0000000000 
# 
loop_
_pdbx_struct_conn_angle.id 
_pdbx_struct_conn_angle.ptnr1_label_atom_id 
_pdbx_struct_conn_angle.ptnr1_label_alt_id 
_pdbx_struct_conn_angle.ptnr1_label_asym_id 
_pdbx_struct_conn_angle.ptnr1_label_comp_id 
_pdbx_struct_conn_angle.ptnr1_label_seq_id 
_pdbx_struct_conn_angle.ptnr1_auth_atom_id 
_pdbx_struct_conn_angle.ptnr1_auth_asym_id 
_pdbx_struct_conn_angle.ptnr1_auth_comp_id 
_pdbx_struct_conn_angle.ptnr1_auth_seq_id 
_pdbx_struct_conn_angle.ptnr1_PDB_ins_code 
_pdbx_struct_conn_angle.ptnr1_symmetry 
_pdbx_struct_conn_angle.ptnr2_label_atom_id 
_pdbx_struct_conn_angle.ptnr2_label_alt_id 
_pdbx_struct_conn_angle.ptnr2_label_asym_id 
_pdbx_struct_conn_angle.ptnr2_label_comp_id 
_pdbx_struct_conn_angle.ptnr2_label_seq_id 
_pdbx_struct_conn_angle.ptnr2_auth_atom_id 
_pdbx_struct_conn_angle.ptnr2_auth_asym_id 
_pdbx_struct_conn_angle.ptnr2_auth_comp_id 
_pdbx_struct_conn_angle.ptnr2_auth_seq_id 
_pdbx_struct_conn_angle.ptnr2_PDB_ins_code 
_pdbx_struct_conn_angle.ptnr2_symmetry 
_pdbx_struct_conn_angle.ptnr3_label_atom_id 
_pdbx_struct_conn_angle.ptnr3_label_alt_id 
_pdbx_struct_conn_angle.ptnr3_label_asym_id 
_pdbx_struct_conn_angle.ptnr3_label_comp_id 
_pdbx_struct_conn_angle.ptnr3_label_seq_id 
_pdbx_struct_conn_angle.ptnr3_auth_atom_id 
_pdbx_struct_conn_angle.ptnr3_auth_asym_id 
_pdbx_struct_conn_angle.ptnr3_auth_comp_id 
_pdbx_struct_conn_angle.ptnr3_auth_seq_id 
_pdbx_struct_conn_angle.ptnr3_PDB_ins_code 
_pdbx_struct_conn_angle.ptnr3_symmetry 
_pdbx_struct_conn_angle.value 
_pdbx_struct_conn_angle.value_esd 
1  "O2'" ? C LCC 7 ? C LCC 72  ? 1_555 MG ? F MG . ? C MG 101 ? 1_555 "O2'" ? C LCC 7 ? C LCC 72  ? 1_555 0.0   ? 
2  "O2'" ? C LCC 7 ? C LCC 72  ? 1_555 MG ? F MG . ? C MG 101 ? 1_555 O     ? J HOH . ? C HOH 201 ? 1_555 89.8  ? 
3  "O2'" ? C LCC 7 ? C LCC 72  ? 1_555 MG ? F MG . ? C MG 101 ? 1_555 O     ? J HOH . ? C HOH 201 ? 1_555 89.8  ? 
4  "O2'" ? C LCC 7 ? C LCC 72  ? 1_555 MG ? F MG . ? C MG 101 ? 1_555 O     ? J HOH . ? C HOH 201 ? 2_655 170.8 ? 
5  "O2'" ? C LCC 7 ? C LCC 72  ? 1_555 MG ? F MG . ? C MG 101 ? 1_555 O     ? J HOH . ? C HOH 201 ? 2_655 170.8 ? 
6  O     ? J HOH . ? C HOH 201 ? 1_555 MG ? F MG . ? C MG 101 ? 1_555 O     ? J HOH . ? C HOH 201 ? 2_655 91.7  ? 
7  "O2'" ? C LCC 7 ? C LCC 72  ? 1_555 MG ? F MG . ? C MG 101 ? 1_555 O     ? J HOH . ? C HOH 207 ? 1_555 82.3  ? 
8  "O2'" ? C LCC 7 ? C LCC 72  ? 1_555 MG ? F MG . ? C MG 101 ? 1_555 O     ? J HOH . ? C HOH 207 ? 1_555 82.3  ? 
9  O     ? J HOH . ? C HOH 201 ? 1_555 MG ? F MG . ? C MG 101 ? 1_555 O     ? J HOH . ? C HOH 207 ? 1_555 116.2 ? 
10 O     ? J HOH . ? C HOH 201 ? 2_655 MG ? F MG . ? C MG 101 ? 1_555 O     ? J HOH . ? C HOH 207 ? 1_555 105.1 ? 
11 "O2'" ? C LCC 7 ? C LCC 72  ? 1_555 MG ? F MG . ? C MG 101 ? 1_555 O     ? J HOH . ? C HOH 207 ? 2_655 77.9  ? 
12 "O2'" ? C LCC 7 ? C LCC 72  ? 1_555 MG ? F MG . ? C MG 101 ? 1_555 O     ? J HOH . ? C HOH 207 ? 2_655 77.9  ? 
13 O     ? J HOH . ? C HOH 201 ? 1_555 MG ? F MG . ? C MG 101 ? 1_555 O     ? J HOH . ? C HOH 207 ? 2_655 79.8  ? 
14 O     ? J HOH . ? C HOH 201 ? 2_655 MG ? F MG . ? C MG 101 ? 1_555 O     ? J HOH . ? C HOH 207 ? 2_655 93.4  ? 
15 O     ? J HOH . ? C HOH 207 ? 1_555 MG ? F MG . ? C MG 101 ? 1_555 O     ? J HOH . ? C HOH 207 ? 2_655 154.5 ? 
# 
loop_
_pdbx_audit_revision_history.ordinal 
_pdbx_audit_revision_history.data_content_type 
_pdbx_audit_revision_history.major_revision 
_pdbx_audit_revision_history.minor_revision 
_pdbx_audit_revision_history.revision_date 
1 'Structure model' 1 0 2011-02-16 
2 'Structure model' 1 1 2011-05-07 
3 'Structure model' 1 2 2011-07-13 
4 'Structure model' 1 3 2017-07-12 
5 'Structure model' 1 4 2023-12-20 
# 
_pdbx_audit_revision_details.ordinal             1 
_pdbx_audit_revision_details.revision_ordinal    1 
_pdbx_audit_revision_details.data_content_type   'Structure model' 
_pdbx_audit_revision_details.provider            repository 
_pdbx_audit_revision_details.type                'Initial release' 
_pdbx_audit_revision_details.description         ? 
_pdbx_audit_revision_details.details             ? 
# 
loop_
_pdbx_audit_revision_group.ordinal 
_pdbx_audit_revision_group.revision_ordinal 
_pdbx_audit_revision_group.data_content_type 
_pdbx_audit_revision_group.group 
1 2 'Structure model' 'Version format compliance' 
2 3 'Structure model' 'Version format compliance' 
3 4 'Structure model' 'Derived calculations'      
4 5 'Structure model' 'Data collection'           
5 5 'Structure model' 'Database references'       
6 5 'Structure model' 'Derived calculations'      
7 5 'Structure model' Other                       
8 5 'Structure model' 'Refinement description'    
# 
loop_
_pdbx_audit_revision_category.ordinal 
_pdbx_audit_revision_category.revision_ordinal 
_pdbx_audit_revision_category.data_content_type 
_pdbx_audit_revision_category.category 
1  4 'Structure model' pdbx_struct_conn_angle        
2  4 'Structure model' struct_conn                   
3  4 'Structure model' struct_site                   
4  4 'Structure model' struct_site_gen               
5  5 'Structure model' chem_comp_atom                
6  5 'Structure model' chem_comp_bond                
7  5 'Structure model' database_2                    
8  5 'Structure model' pdbx_database_status          
9  5 'Structure model' pdbx_initial_refinement_model 
10 5 'Structure model' pdbx_struct_conn_angle        
11 5 'Structure model' struct_conn                   
# 
loop_
_pdbx_audit_revision_item.ordinal 
_pdbx_audit_revision_item.revision_ordinal 
_pdbx_audit_revision_item.data_content_type 
_pdbx_audit_revision_item.item 
1  4 'Structure model' '_pdbx_struct_conn_angle.ptnr1_auth_comp_id'  
2  4 'Structure model' '_pdbx_struct_conn_angle.ptnr1_auth_seq_id'   
3  4 'Structure model' '_pdbx_struct_conn_angle.ptnr1_label_asym_id' 
4  4 'Structure model' '_pdbx_struct_conn_angle.ptnr1_label_atom_id' 
5  4 'Structure model' '_pdbx_struct_conn_angle.ptnr1_label_comp_id' 
6  4 'Structure model' '_pdbx_struct_conn_angle.ptnr1_label_seq_id'  
7  4 'Structure model' '_pdbx_struct_conn_angle.ptnr2_symmetry'      
8  4 'Structure model' '_pdbx_struct_conn_angle.ptnr3_auth_comp_id'  
9  4 'Structure model' '_pdbx_struct_conn_angle.ptnr3_auth_seq_id'   
10 4 'Structure model' '_pdbx_struct_conn_angle.ptnr3_label_asym_id' 
11 4 'Structure model' '_pdbx_struct_conn_angle.ptnr3_label_atom_id' 
12 4 'Structure model' '_pdbx_struct_conn_angle.ptnr3_label_comp_id' 
13 4 'Structure model' '_pdbx_struct_conn_angle.ptnr3_label_seq_id'  
14 4 'Structure model' '_pdbx_struct_conn_angle.value'               
15 4 'Structure model' '_struct_conn.conn_type_id'                   
16 4 'Structure model' '_struct_conn.id'                             
17 4 'Structure model' '_struct_conn.pdbx_dist_value'                
18 4 'Structure model' '_struct_conn.pdbx_leaving_atom_flag'         
19 4 'Structure model' '_struct_conn.ptnr1_auth_asym_id'             
20 4 'Structure model' '_struct_conn.ptnr1_auth_comp_id'             
21 4 'Structure model' '_struct_conn.ptnr1_auth_seq_id'              
22 4 'Structure model' '_struct_conn.ptnr1_label_asym_id'            
23 4 'Structure model' '_struct_conn.ptnr1_label_atom_id'            
24 4 'Structure model' '_struct_conn.ptnr1_label_comp_id'            
25 4 'Structure model' '_struct_conn.ptnr1_label_seq_id'             
26 4 'Structure model' '_struct_conn.ptnr2_auth_asym_id'             
27 4 'Structure model' '_struct_conn.ptnr2_auth_comp_id'             
28 4 'Structure model' '_struct_conn.ptnr2_auth_seq_id'              
29 4 'Structure model' '_struct_conn.ptnr2_label_asym_id'            
30 4 'Structure model' '_struct_conn.ptnr2_label_atom_id'            
31 4 'Structure model' '_struct_conn.ptnr2_label_comp_id'            
32 4 'Structure model' '_struct_conn.ptnr2_label_seq_id'             
33 4 'Structure model' '_struct_conn.ptnr2_symmetry'                 
34 5 'Structure model' '_database_2.pdbx_DOI'                        
35 5 'Structure model' '_database_2.pdbx_database_accession'         
36 5 'Structure model' '_pdbx_database_status.status_code_sf'        
37 5 'Structure model' '_pdbx_struct_conn_angle.ptnr1_auth_comp_id'  
38 5 'Structure model' '_pdbx_struct_conn_angle.ptnr1_auth_seq_id'   
39 5 'Structure model' '_pdbx_struct_conn_angle.ptnr1_label_asym_id' 
40 5 'Structure model' '_pdbx_struct_conn_angle.ptnr1_label_atom_id' 
41 5 'Structure model' '_pdbx_struct_conn_angle.ptnr1_label_comp_id' 
42 5 'Structure model' '_pdbx_struct_conn_angle.ptnr1_label_seq_id'  
43 5 'Structure model' '_pdbx_struct_conn_angle.ptnr1_symmetry'      
44 5 'Structure model' '_pdbx_struct_conn_angle.ptnr3_auth_comp_id'  
45 5 'Structure model' '_pdbx_struct_conn_angle.ptnr3_auth_seq_id'   
46 5 'Structure model' '_pdbx_struct_conn_angle.ptnr3_label_asym_id' 
47 5 'Structure model' '_pdbx_struct_conn_angle.ptnr3_label_atom_id' 
48 5 'Structure model' '_pdbx_struct_conn_angle.ptnr3_label_comp_id' 
49 5 'Structure model' '_pdbx_struct_conn_angle.ptnr3_label_seq_id'  
50 5 'Structure model' '_pdbx_struct_conn_angle.ptnr3_symmetry'      
51 5 'Structure model' '_pdbx_struct_conn_angle.value'               
52 5 'Structure model' '_struct_conn.conn_type_id'                   
53 5 'Structure model' '_struct_conn.id'                             
54 5 'Structure model' '_struct_conn.pdbx_dist_value'                
55 5 'Structure model' '_struct_conn.pdbx_leaving_atom_flag'         
56 5 'Structure model' '_struct_conn.ptnr1_auth_asym_id'             
57 5 'Structure model' '_struct_conn.ptnr1_auth_comp_id'             
58 5 'Structure model' '_struct_conn.ptnr1_auth_seq_id'              
59 5 'Structure model' '_struct_conn.ptnr1_label_asym_id'            
60 5 'Structure model' '_struct_conn.ptnr1_label_atom_id'            
61 5 'Structure model' '_struct_conn.ptnr1_label_comp_id'            
62 5 'Structure model' '_struct_conn.ptnr1_label_seq_id'             
63 5 'Structure model' '_struct_conn.ptnr2_auth_asym_id'             
64 5 'Structure model' '_struct_conn.ptnr2_auth_comp_id'             
65 5 'Structure model' '_struct_conn.ptnr2_auth_seq_id'              
66 5 'Structure model' '_struct_conn.ptnr2_label_asym_id'            
67 5 'Structure model' '_struct_conn.ptnr2_label_atom_id'            
68 5 'Structure model' '_struct_conn.ptnr2_label_comp_id'            
69 5 'Structure model' '_struct_conn.ptnr2_label_seq_id'             
70 5 'Structure model' '_struct_conn.ptnr2_symmetry'                 
# 
loop_
_software.name 
_software.classification 
_software.version 
_software.citation_id 
_software.pdbx_ordinal 
REFMAC    refinement       5.5.0102 ? 1 
DENZO     'data reduction' .        ? 2 
SCALEPACK 'data scaling'   .        ? 3 
PHASER    phasing          .        ? 4 
# 
loop_
_pdbx_validate_close_contact.id 
_pdbx_validate_close_contact.PDB_model_num 
_pdbx_validate_close_contact.auth_atom_id_1 
_pdbx_validate_close_contact.auth_asym_id_1 
_pdbx_validate_close_contact.auth_comp_id_1 
_pdbx_validate_close_contact.auth_seq_id_1 
_pdbx_validate_close_contact.PDB_ins_code_1 
_pdbx_validate_close_contact.label_alt_id_1 
_pdbx_validate_close_contact.auth_atom_id_2 
_pdbx_validate_close_contact.auth_asym_id_2 
_pdbx_validate_close_contact.auth_comp_id_2 
_pdbx_validate_close_contact.auth_seq_id_2 
_pdbx_validate_close_contact.PDB_ins_code_2 
_pdbx_validate_close_contact.label_alt_id_2 
_pdbx_validate_close_contact.dist 
1 1 N2 D LCG 1   ? ? O D HOH 201 ? ? 1.86 
2 1 O2 C LCC 72  ? ? O D HOH 201 ? ? 1.98 
3 1 O  D HOH 211 ? ? O D HOH 227 ? ? 2.05 
# 
loop_
_pdbx_validate_rmsd_angle.id 
_pdbx_validate_rmsd_angle.PDB_model_num 
_pdbx_validate_rmsd_angle.auth_atom_id_1 
_pdbx_validate_rmsd_angle.auth_asym_id_1 
_pdbx_validate_rmsd_angle.auth_comp_id_1 
_pdbx_validate_rmsd_angle.auth_seq_id_1 
_pdbx_validate_rmsd_angle.PDB_ins_code_1 
_pdbx_validate_rmsd_angle.label_alt_id_1 
_pdbx_validate_rmsd_angle.auth_atom_id_2 
_pdbx_validate_rmsd_angle.auth_asym_id_2 
_pdbx_validate_rmsd_angle.auth_comp_id_2 
_pdbx_validate_rmsd_angle.auth_seq_id_2 
_pdbx_validate_rmsd_angle.PDB_ins_code_2 
_pdbx_validate_rmsd_angle.label_alt_id_2 
_pdbx_validate_rmsd_angle.auth_atom_id_3 
_pdbx_validate_rmsd_angle.auth_asym_id_3 
_pdbx_validate_rmsd_angle.auth_comp_id_3 
_pdbx_validate_rmsd_angle.auth_seq_id_3 
_pdbx_validate_rmsd_angle.PDB_ins_code_3 
_pdbx_validate_rmsd_angle.label_alt_id_3 
_pdbx_validate_rmsd_angle.angle_value 
_pdbx_validate_rmsd_angle.angle_target_value 
_pdbx_validate_rmsd_angle.angle_deviation 
_pdbx_validate_rmsd_angle.angle_standard_deviation 
_pdbx_validate_rmsd_angle.linker_flag 
1 1 "C3'" A TLN 68 ? ? "O3'" A TLN 68 ? ? P A LCC 69 ? ? 127.30 119.70 7.60 1.20 Y 
2 1 "C3'" B LCG 2  ? ? "O3'" B LCG 2  ? ? P B TLN 3  ? ? 127.02 119.70 7.32 1.20 Y 
3 1 "C3'" D LCG 1  ? ? "O3'" D LCG 1  ? ? P D LCG 2  ? ? 129.07 119.70 9.37 1.20 Y 
4 1 "C3'" D TLN 3  ? ? "O3'" D TLN 3  ? ? P D LCG 4  ? ? 128.12 119.70 8.42 1.20 Y 
# 
loop_
_chem_comp_atom.comp_id 
_chem_comp_atom.atom_id 
_chem_comp_atom.type_symbol 
_chem_comp_atom.pdbx_aromatic_flag 
_chem_comp_atom.pdbx_stereo_config 
_chem_comp_atom.pdbx_ordinal 
CAC AS     AS N N 1   
CAC O1     O  N N 2   
CAC O2     O  N N 3   
CAC C1     C  N N 4   
CAC C2     C  N N 5   
CAC H11    H  N N 6   
CAC H12    H  N N 7   
CAC H13    H  N N 8   
CAC H21    H  N N 9   
CAC H22    H  N N 10  
CAC H23    H  N N 11  
HOH O      O  N N 12  
HOH H1     H  N N 13  
HOH H2     H  N N 14  
LCA P      P  N N 15  
LCA O1P    O  N N 16  
LCA "O5'"  O  N N 17  
LCA "C5'"  C  N N 18  
LCA "C3'"  C  N S 19  
LCA "C6'"  C  N N 20  
LCA N9     N  Y N 21  
LCA C8     C  Y N 22  
LCA C4     C  Y N 23  
LCA N7     N  Y N 24  
LCA C5     C  Y N 25  
LCA C6     C  Y N 26  
LCA "C2'"  C  N R 27  
LCA N6     N  N N 28  
LCA "C4'"  C  N R 29  
LCA "C1'"  C  N R 30  
LCA C2     C  Y N 31  
LCA N1     N  Y N 32  
LCA "O4'"  O  N N 33  
LCA O2P    O  N N 34  
LCA N3     N  Y N 35  
LCA "O3'"  O  N N 36  
LCA OXT    O  N N 37  
LCA "O2'"  O  N N 38  
LCA H1P    H  N N 39  
LCA "H5'1" H  N N 40  
LCA "H5'2" H  N N 41  
LCA "H3'"  H  N N 42  
LCA "H6'1" H  N N 43  
LCA "H6'2" H  N N 44  
LCA H8     H  N N 45  
LCA "H2'1" H  N N 46  
LCA H61    H  N N 47  
LCA H62    H  N N 48  
LCA "H1'"  H  N N 49  
LCA H2     H  N N 50  
LCA HB     H  N N 51  
LCA HA     H  N N 52  
LCC "O5'"  O  N N 53  
LCC "C5'"  C  N N 54  
LCC "C4'"  C  N R 55  
LCC "O4'"  O  N N 56  
LCC "C1'"  C  N R 57  
LCC N1     N  N N 58  
LCC C6     C  N N 59  
LCC C5     C  N N 60  
LCC C5M    C  N N 61  
LCC C4     C  N N 62  
LCC N4     N  N N 63  
LCC N3     N  N N 64  
LCC C2     C  N N 65  
LCC O2     O  N N 66  
LCC "C3'"  C  N S 67  
LCC "C2'"  C  N R 68  
LCC "O2'"  O  N N 69  
LCC "O3'"  O  N N 70  
LCC "C6'"  C  N N 71  
LCC P      P  N N 72  
LCC O1P    O  N N 73  
LCC O2P    O  N N 74  
LCC OXT    O  N N 75  
LCC "H5'1" H  N N 76  
LCC "H5'2" H  N N 77  
LCC "H1'"  H  N N 78  
LCC H6     H  N N 79  
LCC H5M1   H  N N 80  
LCC H5M2   H  N N 81  
LCC H5M3   H  N N 82  
LCC H41    H  N N 83  
LCC H42    H  N N 84  
LCC "H3'"  H  N N 85  
LCC "H2'1" H  N N 86  
LCC H3T    H  N N 87  
LCC "H6'1" H  N N 88  
LCC "H6'2" H  N N 89  
LCC H1P    H  N N 90  
LCC HXT    H  N N 91  
LCG P      P  N N 92  
LCG OP1    O  N N 93  
LCG "O5'"  O  N N 94  
LCG "C5'"  C  N N 95  
LCG "C3'"  C  N S 96  
LCG "C6'"  C  N N 97  
LCG N9     N  Y N 98  
LCG C8     C  Y N 99  
LCG C4     C  Y N 100 
LCG N7     N  Y N 101 
LCG C5     C  Y N 102 
LCG C6     C  N N 103 
LCG "C2'"  C  N R 104 
LCG O6     O  N N 105 
LCG "C4'"  C  N R 106 
LCG "C1'"  C  N R 107 
LCG C2     C  N N 108 
LCG N1     N  N N 109 
LCG "O4'"  O  N N 110 
LCG OP2    O  N N 111 
LCG N2     N  N N 112 
LCG N3     N  N N 113 
LCG "O2'"  O  N N 114 
LCG "O3'"  O  N N 115 
LCG OP3    O  N N 116 
LCG "H5'"  H  N N 117 
LCG "H5''" H  N N 118 
LCG "H3'"  H  N N 119 
LCG "H6'1" H  N N 120 
LCG "H6'2" H  N N 121 
LCG H8     H  N N 122 
LCG "H2'"  H  N N 123 
LCG "H1'"  H  N N 124 
LCG H1     H  N N 125 
LCG HOP2   H  N N 126 
LCG H21    H  N N 127 
LCG H22    H  N N 128 
LCG "HO3'" H  N N 129 
LCG HOP3   H  N N 130 
MG  MG     MG N N 131 
NCO CO     CO N N 132 
NCO N1     N  N N 133 
NCO N2     N  N N 134 
NCO N3     N  N N 135 
NCO N4     N  N N 136 
NCO N5     N  N N 137 
NCO N6     N  N N 138 
NCO HN11   H  N N 139 
NCO HN12   H  N N 140 
NCO HN13   H  N N 141 
NCO HN21   H  N N 142 
NCO HN22   H  N N 143 
NCO HN23   H  N N 144 
NCO HN31   H  N N 145 
NCO HN32   H  N N 146 
NCO HN33   H  N N 147 
NCO HN41   H  N N 148 
NCO HN42   H  N N 149 
NCO HN43   H  N N 150 
NCO HN51   H  N N 151 
NCO HN52   H  N N 152 
NCO HN53   H  N N 153 
NCO HN61   H  N N 154 
NCO HN62   H  N N 155 
NCO HN63   H  N N 156 
TLN P      P  N N 157 
TLN OP1    O  N N 158 
TLN OP2    O  N N 159 
TLN OP3    O  N N 160 
TLN "O5'"  O  N N 161 
TLN "C5'"  C  N N 162 
TLN "C4'"  C  N R 163 
TLN "O4'"  O  N N 164 
TLN "C1'"  C  N R 165 
TLN N1     N  N N 166 
TLN C6     C  N N 167 
TLN C5     C  N N 168 
TLN C5M    C  N N 169 
TLN C4     C  N N 170 
TLN O4     O  N N 171 
TLN N3     N  N N 172 
TLN C2     C  N N 173 
TLN O2     O  N N 174 
TLN "C3'"  C  N S 175 
TLN "C2'"  C  N R 176 
TLN "O2'"  O  N N 177 
TLN "O3'"  O  N N 178 
TLN "C6'"  C  N N 179 
TLN HOP2   H  N N 180 
TLN HOP3   H  N N 181 
TLN "H5'"  H  N N 182 
TLN "H5''" H  N N 183 
TLN "H1'"  H  N N 184 
TLN H6     H  N N 185 
TLN H71    H  N N 186 
TLN H72    H  N N 187 
TLN H73    H  N N 188 
TLN H3     H  N N 189 
TLN "H3'"  H  N N 190 
TLN "H2'"  H  N N 191 
TLN "HO3'" H  N N 192 
TLN "H6'1" H  N N 193 
TLN "H6'2" H  N N 194 
# 
loop_
_chem_comp_bond.comp_id 
_chem_comp_bond.atom_id_1 
_chem_comp_bond.atom_id_2 
_chem_comp_bond.value_order 
_chem_comp_bond.pdbx_aromatic_flag 
_chem_comp_bond.pdbx_stereo_config 
_chem_comp_bond.pdbx_ordinal 
CAC AS    O1     doub N N 1   
CAC AS    O2     sing N N 2   
CAC AS    C1     sing N N 3   
CAC AS    C2     sing N N 4   
CAC C1    H11    sing N N 5   
CAC C1    H12    sing N N 6   
CAC C1    H13    sing N N 7   
CAC C2    H21    sing N N 8   
CAC C2    H22    sing N N 9   
CAC C2    H23    sing N N 10  
HOH O     H1     sing N N 11  
HOH O     H2     sing N N 12  
LCA P     O1P    sing N N 13  
LCA P     "O5'"  sing N N 14  
LCA P     O2P    doub N N 15  
LCA P     OXT    sing N N 16  
LCA O1P   H1P    sing N N 17  
LCA "O5'" "C5'"  sing N N 18  
LCA "C5'" "C4'"  sing N N 19  
LCA "C5'" "H5'1" sing N N 20  
LCA "C5'" "H5'2" sing N N 21  
LCA "C3'" "C2'"  sing N N 22  
LCA "C3'" "C4'"  sing N N 23  
LCA "C3'" "O3'"  sing N N 24  
LCA "C3'" "H3'"  sing N N 25  
LCA "C6'" "C4'"  sing N N 26  
LCA "C6'" "O2'"  sing N N 27  
LCA "C6'" "H6'1" sing N N 28  
LCA "C6'" "H6'2" sing N N 29  
LCA N9    C8     sing Y N 30  
LCA N9    C4     sing Y N 31  
LCA N9    "C1'"  sing N N 32  
LCA C8    N7     doub Y N 33  
LCA C8    H8     sing N N 34  
LCA C4    C5     doub Y N 35  
LCA C4    N3     sing Y N 36  
LCA N7    C5     sing Y N 37  
LCA C5    C6     sing Y N 38  
LCA C6    N6     sing N N 39  
LCA C6    N1     doub Y N 40  
LCA "C2'" "C1'"  sing N N 41  
LCA "C2'" "O2'"  sing N N 42  
LCA "C2'" "H2'1" sing N N 43  
LCA N6    H61    sing N N 44  
LCA N6    H62    sing N N 45  
LCA "C4'" "O4'"  sing N N 46  
LCA "C1'" "O4'"  sing N N 47  
LCA "C1'" "H1'"  sing N N 48  
LCA C2    N1     sing Y N 49  
LCA C2    N3     doub Y N 50  
LCA C2    H2     sing N N 51  
LCA "O3'" HB     sing N N 52  
LCA OXT   HA     sing N N 53  
LCC "O5'" "C5'"  sing N N 54  
LCC "O5'" P      sing N N 55  
LCC "C5'" "C4'"  sing N N 56  
LCC "C5'" "H5'1" sing N N 57  
LCC "C5'" "H5'2" sing N N 58  
LCC "C4'" "O4'"  sing N N 59  
LCC "C4'" "C3'"  sing N N 60  
LCC "C4'" "C6'"  sing N N 61  
LCC "O4'" "C1'"  sing N N 62  
LCC "C1'" N1     sing N N 63  
LCC "C1'" "C2'"  sing N N 64  
LCC "C1'" "H1'"  sing N N 65  
LCC N1    C6     sing N N 66  
LCC N1    C2     sing N N 67  
LCC C6    C5     doub N N 68  
LCC C6    H6     sing N N 69  
LCC C5    C5M    sing N N 70  
LCC C5    C4     sing N N 71  
LCC C5M   H5M1   sing N N 72  
LCC C5M   H5M2   sing N N 73  
LCC C5M   H5M3   sing N N 74  
LCC C4    N4     sing N N 75  
LCC C4    N3     doub N N 76  
LCC N4    H41    sing N N 77  
LCC N4    H42    sing N N 78  
LCC N3    C2     sing N N 79  
LCC C2    O2     doub N N 80  
LCC "C3'" "C2'"  sing N N 81  
LCC "C3'" "O3'"  sing N N 82  
LCC "C3'" "H3'"  sing N N 83  
LCC "C2'" "O2'"  sing N N 84  
LCC "C2'" "H2'1" sing N N 85  
LCC "O2'" "C6'"  sing N N 86  
LCC "O3'" H3T    sing N N 87  
LCC "C6'" "H6'1" sing N N 88  
LCC "C6'" "H6'2" sing N N 89  
LCC P     O1P    sing N N 90  
LCC P     O2P    doub N N 91  
LCC P     OXT    sing N N 92  
LCC O1P   H1P    sing N N 93  
LCC OXT   HXT    sing N N 94  
LCG P     OP1    doub N N 95  
LCG P     "O5'"  sing N N 96  
LCG P     OP2    sing N N 97  
LCG P     OP3    sing N N 98  
LCG "O5'" "C5'"  sing N N 99  
LCG "C5'" "C4'"  sing N N 100 
LCG "C5'" "H5'"  sing N N 101 
LCG "C5'" "H5''" sing N N 102 
LCG "C3'" "C2'"  sing N N 103 
LCG "C3'" "C4'"  sing N N 104 
LCG "C3'" "O3'"  sing N N 105 
LCG "C3'" "H3'"  sing N N 106 
LCG "C6'" "C4'"  sing N N 107 
LCG "C6'" "O2'"  sing N N 108 
LCG "C6'" "H6'1" sing N N 109 
LCG "C6'" "H6'2" sing N N 110 
LCG N9    C8     sing Y N 111 
LCG N9    C4     sing Y N 112 
LCG N9    "C1'"  sing N N 113 
LCG C8    N7     doub Y N 114 
LCG C8    H8     sing N N 115 
LCG C4    C5     doub Y N 116 
LCG C4    N3     sing N N 117 
LCG N7    C5     sing Y N 118 
LCG C5    C6     sing N N 119 
LCG C6    O6     doub N N 120 
LCG C6    N1     sing N N 121 
LCG "C2'" "C1'"  sing N N 122 
LCG "C2'" "O2'"  sing N N 123 
LCG "C2'" "H2'"  sing N N 124 
LCG "C4'" "O4'"  sing N N 125 
LCG "C1'" "O4'"  sing N N 126 
LCG "C1'" "H1'"  sing N N 127 
LCG C2    N1     sing N N 128 
LCG C2    N2     sing N N 129 
LCG C2    N3     doub N N 130 
LCG N1    H1     sing N N 131 
LCG OP2   HOP2   sing N N 132 
LCG N2    H21    sing N N 133 
LCG N2    H22    sing N N 134 
LCG "O3'" "HO3'" sing N N 135 
LCG OP3   HOP3   sing N N 136 
NCO CO    N1     sing N N 137 
NCO CO    N2     sing N N 138 
NCO CO    N3     sing N N 139 
NCO CO    N4     sing N N 140 
NCO CO    N5     sing N N 141 
NCO CO    N6     sing N N 142 
NCO N1    HN11   sing N N 143 
NCO N1    HN12   sing N N 144 
NCO N1    HN13   sing N N 145 
NCO N2    HN21   sing N N 146 
NCO N2    HN22   sing N N 147 
NCO N2    HN23   sing N N 148 
NCO N3    HN31   sing N N 149 
NCO N3    HN32   sing N N 150 
NCO N3    HN33   sing N N 151 
NCO N4    HN41   sing N N 152 
NCO N4    HN42   sing N N 153 
NCO N4    HN43   sing N N 154 
NCO N5    HN51   sing N N 155 
NCO N5    HN52   sing N N 156 
NCO N5    HN53   sing N N 157 
NCO N6    HN61   sing N N 158 
NCO N6    HN62   sing N N 159 
NCO N6    HN63   sing N N 160 
TLN P     OP1    doub N N 161 
TLN P     OP2    sing N N 162 
TLN P     OP3    sing N N 163 
TLN P     "O5'"  sing N N 164 
TLN OP2   HOP2   sing N N 165 
TLN OP3   HOP3   sing N N 166 
TLN "O5'" "C5'"  sing N N 167 
TLN "C5'" "C4'"  sing N N 168 
TLN "C5'" "H5'"  sing N N 169 
TLN "C5'" "H5''" sing N N 170 
TLN "C4'" "O4'"  sing N N 171 
TLN "C4'" "C3'"  sing N N 172 
TLN "C4'" "C6'"  sing N N 173 
TLN "O4'" "C1'"  sing N N 174 
TLN "C1'" N1     sing N N 175 
TLN "C1'" "C2'"  sing N N 176 
TLN "C1'" "H1'"  sing N N 177 
TLN N1    C6     sing N N 178 
TLN N1    C2     sing N N 179 
TLN C6    C5     doub N N 180 
TLN C6    H6     sing N N 181 
TLN C5    C5M    sing N N 182 
TLN C5    C4     sing N N 183 
TLN C5M   H71    sing N N 184 
TLN C5M   H72    sing N N 185 
TLN C5M   H73    sing N N 186 
TLN C4    O4     doub N N 187 
TLN C4    N3     sing N N 188 
TLN N3    C2     sing N N 189 
TLN N3    H3     sing N N 190 
TLN C2    O2     doub N N 191 
TLN "C3'" "C2'"  sing N N 192 
TLN "C3'" "O3'"  sing N N 193 
TLN "C3'" "H3'"  sing N N 194 
TLN "C2'" "O2'"  sing N N 195 
TLN "C2'" "H2'"  sing N N 196 
TLN "O2'" "C6'"  sing N N 197 
TLN "O3'" "HO3'" sing N N 198 
TLN "C6'" "H6'1" sing N N 199 
TLN "C6'" "H6'2" sing N N 200 
# 
_ndb_struct_conf_na.entry_id   2X2Q 
_ndb_struct_conf_na.feature    'double helix' 
# 
loop_
_ndb_struct_na_base_pair.model_number 
_ndb_struct_na_base_pair.i_label_asym_id 
_ndb_struct_na_base_pair.i_label_comp_id 
_ndb_struct_na_base_pair.i_label_seq_id 
_ndb_struct_na_base_pair.i_symmetry 
_ndb_struct_na_base_pair.j_label_asym_id 
_ndb_struct_na_base_pair.j_label_comp_id 
_ndb_struct_na_base_pair.j_label_seq_id 
_ndb_struct_na_base_pair.j_symmetry 
_ndb_struct_na_base_pair.shear 
_ndb_struct_na_base_pair.stretch 
_ndb_struct_na_base_pair.stagger 
_ndb_struct_na_base_pair.buckle 
_ndb_struct_na_base_pair.propeller 
_ndb_struct_na_base_pair.opening 
_ndb_struct_na_base_pair.pair_number 
_ndb_struct_na_base_pair.pair_name 
_ndb_struct_na_base_pair.i_auth_asym_id 
_ndb_struct_na_base_pair.i_auth_seq_id 
_ndb_struct_na_base_pair.i_PDB_ins_code 
_ndb_struct_na_base_pair.j_auth_asym_id 
_ndb_struct_na_base_pair.j_auth_seq_id 
_ndb_struct_na_base_pair.j_PDB_ins_code 
_ndb_struct_na_base_pair.hbond_type_28 
_ndb_struct_na_base_pair.hbond_type_12 
1 A TLN 3 1_555 B LCA 5 1_555 0.362 -0.044 0.037 -1.961 -11.189 2.801 1 A_TLN68:LCA5_B A 68 ? B 5 ? 20 1 
1 A LCA 5 1_555 B TLN 3 1_555 0.189 -0.113 0.026 -2.807 -8.618  5.070 2 A_LCA70:TLN3_B A 70 ? B 3 ? 20 1 
1 C TLN 3 1_555 D LCA 5 1_555 0.356 0.144  0.021 1.601  -11.199 2.181 3 C_TLN68:LCA5_D C 68 ? D 5 ? 20 1 
1 C LCA 5 1_555 D TLN 3 1_555 0.144 -0.111 0.137 -1.677 -7.807  3.432 4 C_LCA70:TLN3_D C 70 ? D 3 ? 20 1 
# 
loop_
_pdbx_entity_nonpoly.entity_id 
_pdbx_entity_nonpoly.name 
_pdbx_entity_nonpoly.comp_id 
3 'COBALT HEXAMMINE(III)' NCO 
4 'MAGNESIUM ION'         MG  
5 'CACODYLATE ION'        CAC 
6 water                   HOH 
# 
_pdbx_initial_refinement_model.id               1 
_pdbx_initial_refinement_model.entity_id_list   ? 
_pdbx_initial_refinement_model.type             'experimental model' 
_pdbx_initial_refinement_model.source_name      PDB 
_pdbx_initial_refinement_model.accession_code   3GVN 
_pdbx_initial_refinement_model.details          'PDB ENTRY 3GVN' 
# 
